data_3D7L
#
_entry.id   3D7L
#
_cell.length_a   69.815
_cell.length_b   128.200
_cell.length_c   404.737
_cell.angle_alpha   90.00
_cell.angle_beta   90.00
_cell.angle_gamma   90.00
#
_symmetry.space_group_name_H-M   'C 2 2 21'
#
loop_
_entity.id
_entity.type
_entity.pdbx_description
1 polymer 'Lin1944 protein'
2 water water
#
_entity_poly.entity_id   1
_entity_poly.type   'polypeptide(L)'
_entity_poly.pdbx_seq_one_letter_code
;SNA(MSE)KILLIGASGTLGSAVKERLEKKAEVITAGRHSGDVTVDITNIDSIKK(MSE)YEQVGKVDAIVSATGSATFS
PLTELTPEKNAVTISSKLGGQINLVLLGIDSLNDKGSFTLTTGI(MSE)(MSE)EDPIVQGASAA(MSE)ANGAVTAFAK
SAAIE(MSE)PRGIRINTVSPNVLEESWDKLEPFFEGFLPVPAAKVARAFEKSVFGAQTGESYQVY
;
_entity_poly.pdbx_strand_id   A,B,C,D,E,F,G,H,I
#
# COMPACT_ATOMS: atom_id res chain seq x y z
N SER A 1 -31.24 -24.14 2.47
CA SER A 1 -29.99 -23.62 3.14
C SER A 1 -28.84 -23.41 2.21
N ASN A 2 -28.99 -23.90 1.01
CA ASN A 2 -27.81 -24.17 0.32
C ASN A 2 -27.37 -23.06 -0.62
N ALA A 3 -28.14 -21.98 -0.75
CA ALA A 3 -27.64 -20.81 -1.51
C ALA A 3 -26.37 -20.29 -0.86
N MSE A 4 -25.38 -19.92 -1.69
CA MSE A 4 -24.11 -19.41 -1.20
C MSE A 4 -24.31 -18.28 -0.20
O MSE A 4 -25.08 -17.35 -0.46
CB MSE A 4 -23.23 -18.91 -2.33
CG MSE A 4 -21.82 -18.54 -1.84
SE MSE A 4 -20.56 -17.96 -3.22
CE MSE A 4 -20.59 -19.61 -4.24
N LYS A 5 -23.60 -18.38 0.93
CA LYS A 5 -23.63 -17.35 1.98
C LYS A 5 -22.31 -16.57 2.03
N ILE A 6 -22.38 -15.25 1.84
CA ILE A 6 -21.19 -14.40 1.79
C ILE A 6 -21.26 -13.39 2.91
N LEU A 7 -20.31 -13.41 3.83
CA LEU A 7 -20.21 -12.36 4.81
C LEU A 7 -19.37 -11.20 4.25
N LEU A 8 -20.03 -10.08 3.99
CA LEU A 8 -19.37 -8.86 3.50
C LEU A 8 -19.13 -7.80 4.61
N ILE A 9 -17.90 -7.69 5.07
CA ILE A 9 -17.55 -6.73 6.11
C ILE A 9 -17.08 -5.42 5.46
N GLY A 10 -17.77 -4.33 5.82
CA GLY A 10 -17.53 -3.02 5.23
C GLY A 10 -18.48 -2.74 4.07
N ALA A 11 -19.62 -3.44 4.06
CA ALA A 11 -20.59 -3.39 2.97
C ALA A 11 -21.18 -2.01 2.64
N SER A 12 -21.12 -1.11 3.62
CA SER A 12 -21.68 0.21 3.43
C SER A 12 -20.63 1.23 2.98
N GLY A 13 -19.37 0.82 2.82
CA GLY A 13 -18.35 1.71 2.28
C GLY A 13 -18.46 1.82 0.76
N THR A 14 -17.75 2.78 0.18
CA THR A 14 -17.71 2.97 -1.28
C THR A 14 -17.38 1.69 -2.05
N LEU A 15 -16.35 0.98 -1.60
CA LEU A 15 -15.90 -0.25 -2.24
C LEU A 15 -16.78 -1.42 -1.86
N GLY A 16 -17.09 -1.53 -0.56
CA GLY A 16 -17.98 -2.59 -0.09
C GLY A 16 -19.30 -2.55 -0.84
N SER A 17 -19.76 -1.34 -1.12
CA SER A 17 -21.07 -1.14 -1.75
C SER A 17 -21.08 -1.67 -3.19
N ALA A 18 -20.04 -1.34 -3.95
CA ALA A 18 -19.90 -1.87 -5.31
C ALA A 18 -19.72 -3.39 -5.30
N VAL A 19 -19.01 -3.92 -4.32
CA VAL A 19 -18.90 -5.38 -4.16
C VAL A 19 -20.26 -6.03 -3.87
N LYS A 20 -21.06 -5.43 -2.98
CA LYS A 20 -22.37 -5.98 -2.65
C LYS A 20 -23.26 -6.04 -3.91
N GLU A 21 -23.26 -4.96 -4.67
CA GLU A 21 -24.01 -4.90 -5.90
C GLU A 21 -23.72 -6.11 -6.84
N ARG A 22 -22.47 -6.52 -6.96
CA ARG A 22 -22.19 -7.67 -7.83
C ARG A 22 -22.53 -9.00 -7.16
N LEU A 23 -22.14 -9.15 -5.90
CA LEU A 23 -22.31 -10.43 -5.20
C LEU A 23 -23.77 -10.84 -4.97
N GLU A 24 -24.57 -9.82 -4.67
CA GLU A 24 -25.98 -9.85 -4.37
C GLU A 24 -26.81 -10.55 -5.47
N LYS A 25 -26.34 -10.49 -6.72
CA LYS A 25 -27.03 -11.08 -7.86
C LYS A 25 -26.95 -12.61 -7.87
N LYS A 26 -26.05 -13.18 -7.08
CA LYS A 26 -25.88 -14.66 -7.11
C LYS A 26 -25.57 -15.34 -5.80
N ALA A 27 -25.57 -14.60 -4.70
CA ALA A 27 -25.45 -15.23 -3.40
C ALA A 27 -26.23 -14.41 -2.39
N GLU A 28 -26.46 -15.01 -1.22
CA GLU A 28 -27.04 -14.30 -0.09
C GLU A 28 -25.93 -13.51 0.60
N VAL A 29 -26.04 -12.17 0.58
CA VAL A 29 -25.01 -11.35 1.19
C VAL A 29 -25.42 -10.93 2.61
N ILE A 30 -24.64 -11.34 3.59
CA ILE A 30 -24.83 -10.91 4.98
C ILE A 30 -23.87 -9.75 5.22
N THR A 31 -24.42 -8.58 5.48
CA THR A 31 -23.61 -7.39 5.62
C THR A 31 -23.14 -7.18 7.07
N ALA A 32 -21.92 -6.69 7.21
CA ALA A 32 -21.34 -6.34 8.48
C ALA A 32 -20.61 -5.01 8.32
N GLY A 33 -20.64 -4.19 9.35
CA GLY A 33 -19.92 -2.92 9.35
C GLY A 33 -19.81 -2.47 10.79
N ARG A 34 -19.13 -1.36 11.03
CA ARG A 34 -19.00 -0.88 12.39
C ARG A 34 -20.31 -0.39 12.94
N HIS A 35 -21.10 0.32 12.12
CA HIS A 35 -22.34 0.95 12.61
C HIS A 35 -23.64 0.45 12.02
N SER A 36 -23.59 -0.01 10.77
CA SER A 36 -24.74 -0.55 10.04
C SER A 36 -24.42 -1.92 9.48
N GLY A 37 -25.46 -2.68 9.17
CA GLY A 37 -25.32 -3.98 8.54
C GLY A 37 -26.22 -4.96 9.26
N ASP A 38 -26.31 -6.18 8.72
CA ASP A 38 -27.04 -7.26 9.35
C ASP A 38 -26.37 -7.56 10.71
N VAL A 39 -25.03 -7.53 10.74
CA VAL A 39 -24.27 -7.62 12.01
C VAL A 39 -23.24 -6.50 12.15
N THR A 40 -22.98 -6.08 13.37
CA THR A 40 -21.99 -5.04 13.59
C THR A 40 -20.70 -5.61 14.19
N VAL A 41 -19.58 -5.01 13.81
CA VAL A 41 -18.28 -5.52 14.22
C VAL A 41 -17.23 -4.42 14.40
N ASP A 42 -16.44 -4.56 15.46
CA ASP A 42 -15.24 -3.75 15.66
C ASP A 42 -13.98 -4.60 15.37
N ILE A 43 -13.47 -4.52 14.13
CA ILE A 43 -12.33 -5.35 13.71
C ILE A 43 -11.03 -5.13 14.51
N THR A 44 -10.94 -4.03 15.28
CA THR A 44 -9.78 -3.79 16.14
C THR A 44 -9.90 -4.56 17.47
N ASN A 45 -11.05 -5.20 17.67
CA ASN A 45 -11.36 -5.86 18.93
C ASN A 45 -11.70 -7.34 18.68
N ILE A 46 -10.82 -8.24 19.08
CA ILE A 46 -11.05 -9.64 18.71
C ILE A 46 -12.28 -10.25 19.38
N ASP A 47 -12.66 -9.78 20.57
CA ASP A 47 -13.92 -10.31 21.14
C ASP A 47 -15.13 -9.83 20.30
N SER A 48 -15.02 -8.65 19.69
CA SER A 48 -16.07 -8.20 18.79
C SER A 48 -16.12 -9.06 17.52
N ILE A 49 -14.97 -9.40 16.99
CA ILE A 49 -14.92 -10.32 15.83
C ILE A 49 -15.51 -11.69 16.20
N LYS A 50 -15.09 -12.23 17.34
CA LYS A 50 -15.60 -13.49 17.84
C LYS A 50 -17.14 -13.49 17.98
N LYS A 51 -17.69 -12.44 18.60
CA LYS A 51 -19.13 -12.26 18.76
C LYS A 51 -19.83 -12.22 17.40
N MSE A 52 -19.22 -11.53 16.43
CA MSE A 52 -19.76 -11.47 15.07
C MSE A 52 -19.91 -12.85 14.44
O MSE A 52 -20.97 -13.18 13.94
CB MSE A 52 -18.90 -10.60 14.14
CG MSE A 52 -19.44 -10.58 12.72
SE MSE A 52 -18.26 -9.84 11.36
CE MSE A 52 -16.79 -11.14 11.39
N TYR A 53 -18.84 -13.65 14.46
CA TYR A 53 -18.88 -15.00 13.87
C TYR A 53 -19.88 -15.94 14.60
N GLU A 54 -19.97 -15.79 15.93
CA GLU A 54 -20.93 -16.49 16.77
C GLU A 54 -22.38 -16.19 16.36
N GLN A 55 -22.68 -14.91 16.12
CA GLN A 55 -23.97 -14.45 15.57
C GLN A 55 -24.25 -14.99 14.16
N VAL A 56 -23.26 -14.93 13.27
CA VAL A 56 -23.47 -15.23 11.85
C VAL A 56 -23.61 -16.73 11.61
N GLY A 57 -22.91 -17.53 12.42
CA GLY A 57 -22.82 -18.97 12.18
C GLY A 57 -21.90 -19.20 10.99
N LYS A 58 -22.15 -20.24 10.20
CA LYS A 58 -21.24 -20.62 9.11
C LYS A 58 -21.64 -20.02 7.76
N VAL A 59 -20.62 -19.65 6.97
CA VAL A 59 -20.81 -19.08 5.62
C VAL A 59 -19.87 -19.74 4.62
N ASP A 60 -20.06 -19.42 3.34
CA ASP A 60 -19.19 -19.93 2.28
C ASP A 60 -18.06 -18.99 1.89
N ALA A 61 -18.25 -17.69 2.09
CA ALA A 61 -17.16 -16.74 1.80
C ALA A 61 -17.17 -15.60 2.81
N ILE A 62 -15.98 -15.18 3.23
CA ILE A 62 -15.81 -14.00 4.10
C ILE A 62 -15.03 -13.00 3.26
N VAL A 63 -15.61 -11.81 3.08
CA VAL A 63 -15.00 -10.77 2.25
C VAL A 63 -14.77 -9.51 3.07
N SER A 64 -13.54 -8.99 3.04
CA SER A 64 -13.21 -7.80 3.82
C SER A 64 -12.89 -6.68 2.86
N ALA A 65 -13.79 -5.72 2.80
CA ALA A 65 -13.57 -4.44 2.16
C ALA A 65 -13.55 -3.35 3.24
N THR A 66 -12.81 -3.61 4.32
CA THR A 66 -12.61 -2.65 5.41
C THR A 66 -11.17 -2.61 5.82
N GLY A 67 -10.92 -1.86 6.90
CA GLY A 67 -9.60 -1.68 7.46
C GLY A 67 -9.20 -0.26 7.17
N SER A 68 -8.65 0.42 8.15
CA SER A 68 -8.09 1.72 7.87
C SER A 68 -6.63 1.87 8.27
N ALA A 69 -5.95 2.74 7.55
CA ALA A 69 -4.56 3.12 7.81
C ALA A 69 -4.45 4.62 8.09
N THR A 70 -3.57 4.97 9.03
CA THR A 70 -3.11 6.33 9.26
C THR A 70 -2.41 6.87 8.00
N PHE A 71 -2.75 8.09 7.58
CA PHE A 71 -1.95 8.80 6.56
C PHE A 71 -1.19 9.88 7.29
N SER A 72 0.13 9.86 7.16
CA SER A 72 0.98 10.78 7.91
C SER A 72 2.34 10.91 7.23
N PRO A 73 2.90 12.15 7.15
CA PRO A 73 4.28 12.27 6.66
C PRO A 73 5.14 11.33 7.50
N LEU A 74 6.08 10.63 6.88
CA LEU A 74 6.96 9.67 7.59
C LEU A 74 7.57 10.25 8.85
N THR A 75 8.01 11.48 8.73
CA THR A 75 8.62 12.23 9.78
C THR A 75 7.65 12.57 10.93
N GLU A 76 6.34 12.43 10.70
CA GLU A 76 5.32 12.58 11.76
C GLU A 76 4.67 11.24 12.15
N LEU A 77 5.06 10.19 11.45
CA LEU A 77 4.55 8.83 11.70
C LEU A 77 5.22 8.22 12.94
N THR A 78 4.59 8.41 14.09
CA THR A 78 5.10 7.82 15.35
C THR A 78 4.68 6.37 15.48
N PRO A 79 5.39 5.60 16.34
CA PRO A 79 4.92 4.26 16.67
C PRO A 79 3.45 4.27 17.09
N GLU A 80 3.02 5.29 17.84
CA GLU A 80 1.61 5.43 18.21
C GLU A 80 0.66 5.51 17.02
N LYS A 81 0.98 6.37 16.05
CA LYS A 81 0.19 6.50 14.83
C LYS A 81 0.20 5.20 14.04
N ASN A 82 1.39 4.63 13.85
CA ASN A 82 1.53 3.34 13.14
C ASN A 82 0.75 2.19 13.78
N ALA A 83 0.54 2.27 15.10
CA ALA A 83 -0.26 1.25 15.83
C ALA A 83 -1.74 1.28 15.47
N VAL A 84 -2.25 2.43 15.04
CA VAL A 84 -3.61 2.52 14.53
C VAL A 84 -3.79 1.64 13.28
N THR A 85 -2.97 1.84 12.26
CA THR A 85 -2.98 1.00 11.06
C THR A 85 -2.87 -0.48 11.38
N ILE A 86 -1.97 -0.81 12.30
CA ILE A 86 -1.69 -2.19 12.70
C ILE A 86 -2.92 -2.87 13.31
N SER A 87 -3.66 -2.11 14.12
CA SER A 87 -4.87 -2.62 14.75
C SER A 87 -6.05 -2.79 13.77
N SER A 88 -6.00 -2.09 12.63
CA SER A 88 -7.15 -2.05 11.72
C SER A 88 -6.90 -2.69 10.36
N LYS A 89 -6.45 -1.90 9.38
CA LYS A 89 -6.12 -2.43 8.03
C LYS A 89 -5.32 -3.71 8.04
N LEU A 90 -4.34 -3.76 8.93
CA LEU A 90 -3.41 -4.89 9.02
C LEU A 90 -3.96 -5.98 9.94
N GLY A 91 -3.87 -5.73 11.25
CA GLY A 91 -4.25 -6.71 12.27
C GLY A 91 -5.71 -7.11 12.23
N GLY A 92 -6.58 -6.14 11.98
CA GLY A 92 -8.01 -6.36 11.90
C GLY A 92 -8.38 -7.32 10.79
N GLN A 93 -7.91 -7.04 9.57
CA GLN A 93 -8.12 -7.97 8.45
C GLN A 93 -7.53 -9.36 8.68
N ILE A 94 -6.29 -9.45 9.15
CA ILE A 94 -5.67 -10.74 9.48
C ILE A 94 -6.49 -11.49 10.54
N ASN A 95 -6.99 -10.77 11.55
CA ASN A 95 -7.79 -11.40 12.59
C ASN A 95 -9.11 -11.96 12.13
N LEU A 96 -9.72 -11.30 11.13
CA LEU A 96 -10.92 -11.88 10.55
C LEU A 96 -10.62 -13.28 10.01
N VAL A 97 -9.40 -13.49 9.51
CA VAL A 97 -9.00 -14.81 8.98
C VAL A 97 -8.70 -15.80 10.11
N LEU A 98 -7.84 -15.42 11.05
CA LEU A 98 -7.49 -16.31 12.14
C LEU A 98 -8.70 -16.67 13.05
N LEU A 99 -9.69 -15.78 13.13
CA LEU A 99 -10.88 -16.08 13.93
C LEU A 99 -12.03 -16.67 13.11
N GLY A 100 -11.84 -16.75 11.80
CA GLY A 100 -12.92 -17.05 10.89
C GLY A 100 -12.86 -18.38 10.17
N ILE A 101 -11.70 -19.03 10.15
CA ILE A 101 -11.55 -20.33 9.44
C ILE A 101 -12.64 -21.33 9.90
N ASP A 102 -12.83 -21.43 11.21
CA ASP A 102 -13.86 -22.32 11.81
C ASP A 102 -15.29 -21.95 11.41
N SER A 103 -15.48 -20.71 10.97
CA SER A 103 -16.78 -20.28 10.46
C SER A 103 -16.97 -20.46 8.94
N LEU A 104 -16.00 -21.02 8.23
CA LEU A 104 -16.18 -21.24 6.80
C LEU A 104 -16.52 -22.70 6.47
N ASN A 105 -17.50 -22.89 5.59
CA ASN A 105 -17.77 -24.23 5.05
C ASN A 105 -16.63 -24.71 4.16
N ASP A 106 -16.56 -26.03 3.96
CA ASP A 106 -15.60 -26.64 3.04
C ASP A 106 -15.58 -25.93 1.71
N LYS A 107 -14.40 -25.77 1.11
CA LYS A 107 -14.20 -25.13 -0.20
C LYS A 107 -14.60 -23.63 -0.17
N GLY A 108 -14.73 -23.08 1.04
CA GLY A 108 -15.05 -21.67 1.24
C GLY A 108 -13.90 -20.77 0.81
N SER A 109 -14.07 -19.47 1.01
CA SER A 109 -13.00 -18.53 0.67
C SER A 109 -12.95 -17.30 1.60
N PHE A 110 -11.74 -16.75 1.74
CA PHE A 110 -11.52 -15.39 2.27
C PHE A 110 -11.07 -14.49 1.12
N THR A 111 -11.49 -13.22 1.16
CA THR A 111 -10.99 -12.21 0.22
C THR A 111 -10.74 -10.95 1.01
N LEU A 112 -9.50 -10.49 1.00
CA LEU A 112 -9.09 -9.34 1.82
C LEU A 112 -8.72 -8.18 0.90
N THR A 113 -8.73 -6.95 1.39
CA THR A 113 -8.38 -5.77 0.59
C THR A 113 -6.97 -5.20 0.91
N THR A 114 -6.18 -4.95 -0.14
CA THR A 114 -4.85 -4.36 0.06
C THR A 114 -4.83 -2.98 -0.61
N GLY A 115 -4.04 -2.81 -1.68
CA GLY A 115 -3.92 -1.48 -2.28
C GLY A 115 -2.59 -1.18 -2.96
N ILE A 116 -2.68 -0.35 -4.00
CA ILE A 116 -1.56 0.06 -4.84
C ILE A 116 -0.35 0.69 -4.12
N MSE A 117 -0.57 1.34 -2.99
CA MSE A 117 0.52 2.00 -2.23
C MSE A 117 1.71 1.12 -1.88
O MSE A 117 2.84 1.61 -1.79
CB MSE A 117 -0.04 2.68 -0.99
CG MSE A 117 -0.79 3.93 -1.35
SE MSE A 117 -1.40 4.84 0.24
CE MSE A 117 -3.14 4.20 0.29
N MSE A 118 1.48 -0.17 -1.70
CA MSE A 118 2.56 -1.07 -1.41
C MSE A 118 3.50 -1.17 -2.62
O MSE A 118 4.67 -1.55 -2.48
CB MSE A 118 2.02 -2.46 -1.05
CG MSE A 118 1.43 -3.21 -2.23
SE MSE A 118 0.84 -4.97 -1.70
CE MSE A 118 -0.25 -5.31 -3.28
N GLU A 119 2.95 -0.83 -3.80
CA GLU A 119 3.61 -1.00 -5.12
C GLU A 119 4.05 0.34 -5.77
N ASP A 120 3.25 1.38 -5.54
CA ASP A 120 3.42 2.66 -6.21
C ASP A 120 3.28 3.70 -5.09
N PRO A 121 4.36 3.87 -4.28
CA PRO A 121 4.24 4.63 -3.03
C PRO A 121 4.04 6.14 -3.18
N ILE A 122 3.38 6.74 -2.20
CA ILE A 122 3.08 8.17 -2.16
C ILE A 122 3.55 8.74 -0.82
N VAL A 123 3.75 10.04 -0.77
CA VAL A 123 4.04 10.71 0.49
C VAL A 123 2.83 10.55 1.42
N GLN A 124 3.11 10.31 2.71
CA GLN A 124 2.14 10.00 3.77
C GLN A 124 1.66 8.55 3.75
N GLY A 125 2.17 7.76 2.80
CA GLY A 125 1.58 6.42 2.54
C GLY A 125 2.30 5.24 3.16
N ALA A 126 3.33 5.48 3.96
CA ALA A 126 4.22 4.39 4.43
C ALA A 126 3.54 3.33 5.34
N SER A 127 2.64 3.82 6.21
CA SER A 127 1.86 2.96 7.11
C SER A 127 0.86 2.12 6.32
N ALA A 128 0.13 2.78 5.43
CA ALA A 128 -0.77 2.08 4.53
C ALA A 128 -0.06 1.00 3.68
N ALA A 129 1.09 1.37 3.13
CA ALA A 129 1.93 0.45 2.33
C ALA A 129 2.37 -0.76 3.15
N MSE A 130 2.79 -0.53 4.39
CA MSE A 130 3.11 -1.65 5.30
C MSE A 130 1.93 -2.64 5.49
O MSE A 130 2.11 -3.86 5.42
CB MSE A 130 3.61 -1.13 6.66
CG MSE A 130 3.56 -2.17 7.80
SE MSE A 130 3.43 -1.32 9.58
CE MSE A 130 1.52 -0.78 9.55
N ALA A 131 0.73 -2.10 5.76
CA ALA A 131 -0.48 -2.94 5.94
C ALA A 131 -0.78 -3.80 4.70
N ASN A 132 -0.65 -3.19 3.52
CA ASN A 132 -0.97 -3.86 2.26
C ASN A 132 0.05 -4.94 1.94
N GLY A 133 1.33 -4.69 2.20
CA GLY A 133 2.35 -5.71 2.06
C GLY A 133 2.12 -6.86 3.03
N ALA A 134 1.84 -6.53 4.29
CA ALA A 134 1.59 -7.54 5.33
C ALA A 134 0.44 -8.48 4.95
N VAL A 135 -0.67 -7.88 4.51
CA VAL A 135 -1.85 -8.63 4.19
C VAL A 135 -1.63 -9.48 2.91
N THR A 136 -0.96 -8.91 1.91
CA THR A 136 -0.62 -9.65 0.68
C THR A 136 0.21 -10.89 0.98
N ALA A 137 1.30 -10.70 1.74
CA ALA A 137 2.20 -11.81 2.03
C ALA A 137 1.54 -12.81 2.95
N PHE A 138 0.70 -12.32 3.87
CA PHE A 138 -0.02 -13.23 4.77
C PHE A 138 -0.91 -14.22 4.01
N ALA A 139 -1.68 -13.68 3.08
CA ALA A 139 -2.62 -14.43 2.29
C ALA A 139 -1.95 -15.40 1.32
N LYS A 140 -0.86 -14.96 0.70
CA LYS A 140 -0.09 -15.83 -0.18
C LYS A 140 0.36 -17.10 0.54
N SER A 141 0.83 -16.93 1.77
CA SER A 141 1.38 -18.02 2.53
C SER A 141 0.30 -18.85 3.21
N ALA A 142 -0.72 -18.18 3.74
CA ALA A 142 -1.87 -18.86 4.37
C ALA A 142 -2.55 -19.84 3.41
N ALA A 143 -2.52 -19.49 2.11
CA ALA A 143 -3.18 -20.29 1.06
C ALA A 143 -2.72 -21.74 1.02
N ILE A 144 -1.47 -22.00 1.40
CA ILE A 144 -0.90 -23.36 1.27
C ILE A 144 -1.23 -24.19 2.51
N GLU A 145 -1.77 -23.52 3.52
CA GLU A 145 -2.14 -24.22 4.74
C GLU A 145 -3.64 -24.24 5.01
N MSE A 146 -4.49 -23.71 4.13
CA MSE A 146 -5.94 -23.69 4.47
C MSE A 146 -6.46 -25.12 4.57
O MSE A 146 -6.09 -25.97 3.79
CB MSE A 146 -6.78 -22.89 3.48
CG MSE A 146 -6.63 -21.40 3.59
SE MSE A 146 -7.41 -20.74 5.26
CE MSE A 146 -6.87 -18.89 5.11
N PRO A 147 -7.31 -25.41 5.58
CA PRO A 147 -7.92 -26.75 5.62
C PRO A 147 -9.16 -26.81 4.77
N ARG A 148 -9.64 -28.03 4.50
CA ARG A 148 -10.98 -28.23 3.93
C ARG A 148 -11.24 -27.57 2.56
N GLY A 149 -10.15 -27.36 1.79
CA GLY A 149 -10.26 -26.80 0.46
C GLY A 149 -10.57 -25.31 0.46
N ILE A 150 -10.33 -24.65 1.60
CA ILE A 150 -10.55 -23.20 1.69
C ILE A 150 -9.48 -22.44 0.88
N ARG A 151 -9.91 -21.37 0.22
CA ARG A 151 -9.07 -20.52 -0.60
C ARG A 151 -8.99 -19.13 0.04
N ILE A 152 -7.90 -18.42 -0.26
CA ILE A 152 -7.76 -17.04 0.22
C ILE A 152 -7.05 -16.19 -0.83
N ASN A 153 -7.64 -15.05 -1.19
CA ASN A 153 -7.00 -14.13 -2.12
C ASN A 153 -7.08 -12.72 -1.58
N THR A 154 -6.33 -11.82 -2.20
CA THR A 154 -6.43 -10.40 -1.91
C THR A 154 -6.73 -9.66 -3.21
N VAL A 155 -7.34 -8.49 -3.07
CA VAL A 155 -7.62 -7.55 -4.16
C VAL A 155 -6.92 -6.25 -3.84
N SER A 156 -6.12 -5.78 -4.79
CA SER A 156 -5.36 -4.57 -4.59
C SER A 156 -5.89 -3.48 -5.52
N PRO A 157 -6.71 -2.56 -4.98
CA PRO A 157 -7.22 -1.46 -5.79
C PRO A 157 -6.28 -0.25 -5.94
N ASN A 158 -6.33 0.39 -7.10
CA ASN A 158 -5.84 1.77 -7.25
C ASN A 158 -6.82 2.67 -6.46
N VAL A 159 -6.50 3.96 -6.36
CA VAL A 159 -7.46 4.93 -5.83
C VAL A 159 -8.72 4.85 -6.70
N LEU A 160 -9.91 4.99 -6.08
CA LEU A 160 -11.19 4.87 -6.78
C LEU A 160 -11.63 6.21 -7.35
N GLU A 161 -12.17 6.18 -8.57
CA GLU A 161 -12.87 7.32 -9.18
C GLU A 161 -13.86 7.99 -8.23
N GLU A 162 -14.58 7.17 -7.48
CA GLU A 162 -15.57 7.66 -6.54
C GLU A 162 -14.96 8.45 -5.36
N SER A 163 -13.68 8.23 -5.08
CA SER A 163 -13.00 8.91 -4.00
C SER A 163 -12.05 9.98 -4.51
N TRP A 164 -11.97 10.13 -5.84
CA TRP A 164 -11.00 11.02 -6.51
C TRP A 164 -11.13 12.46 -6.07
N ASP A 165 -12.36 12.90 -5.84
CA ASP A 165 -12.60 14.30 -5.52
C ASP A 165 -12.19 14.65 -4.08
N LYS A 166 -11.86 13.63 -3.29
CA LYS A 166 -11.28 13.83 -1.96
C LYS A 166 -9.76 13.49 -1.90
N LEU A 167 -9.34 12.51 -2.69
CA LEU A 167 -8.02 11.87 -2.55
C LEU A 167 -6.97 12.30 -3.55
N GLU A 168 -7.39 13.01 -4.60
CA GLU A 168 -6.49 13.46 -5.68
C GLU A 168 -5.22 14.14 -5.14
N PRO A 169 -5.36 15.05 -4.15
CA PRO A 169 -4.17 15.73 -3.67
C PRO A 169 -3.08 14.78 -3.13
N PHE A 170 -3.46 13.57 -2.74
CA PHE A 170 -2.52 12.57 -2.26
C PHE A 170 -1.99 11.72 -3.42
N PHE A 171 -2.68 11.75 -4.55
CA PHE A 171 -2.41 10.80 -5.64
C PHE A 171 -2.21 11.50 -6.97
N GLU A 172 -1.45 12.59 -6.93
CA GLU A 172 -1.28 13.44 -8.11
C GLU A 172 -0.65 12.67 -9.27
N GLY A 173 -1.34 12.66 -10.41
CA GLY A 173 -0.87 11.95 -11.60
C GLY A 173 -1.21 10.47 -11.64
N PHE A 174 -1.89 9.95 -10.62
CA PHE A 174 -2.42 8.57 -10.70
C PHE A 174 -3.65 8.63 -11.61
N LEU A 175 -4.07 7.49 -12.12
CA LEU A 175 -5.32 7.39 -12.84
C LEU A 175 -6.26 6.49 -12.08
N PRO A 176 -7.33 7.06 -11.47
CA PRO A 176 -8.22 6.24 -10.62
C PRO A 176 -9.02 5.21 -11.42
N VAL A 177 -9.54 4.20 -10.74
CA VAL A 177 -10.31 3.13 -11.37
C VAL A 177 -11.72 3.17 -10.81
N PRO A 178 -12.73 2.74 -11.61
CA PRO A 178 -14.07 2.71 -11.04
C PRO A 178 -14.17 1.60 -9.98
N ALA A 179 -14.85 1.89 -8.86
CA ALA A 179 -15.20 0.87 -7.86
C ALA A 179 -15.81 -0.39 -8.46
N ALA A 180 -16.66 -0.22 -9.48
CA ALA A 180 -17.33 -1.37 -10.12
C ALA A 180 -16.34 -2.29 -10.82
N LYS A 181 -15.23 -1.72 -11.32
CA LYS A 181 -14.16 -2.53 -11.91
C LYS A 181 -13.41 -3.35 -10.83
N VAL A 182 -13.14 -2.73 -9.68
CA VAL A 182 -12.52 -3.40 -8.52
C VAL A 182 -13.42 -4.51 -8.01
N ALA A 183 -14.74 -4.23 -7.95
CA ALA A 183 -15.74 -5.20 -7.47
C ALA A 183 -15.68 -6.53 -8.24
N ARG A 184 -15.31 -6.49 -9.52
CA ARG A 184 -15.19 -7.70 -10.35
C ARG A 184 -14.12 -8.65 -9.79
N ALA A 185 -13.06 -8.08 -9.23
CA ALA A 185 -11.93 -8.88 -8.77
C ALA A 185 -12.33 -9.62 -7.49
N PHE A 186 -13.16 -8.99 -6.67
CA PHE A 186 -13.81 -9.68 -5.55
C PHE A 186 -14.68 -10.84 -6.03
N GLU A 187 -15.51 -10.60 -7.05
CA GLU A 187 -16.31 -11.68 -7.63
C GLU A 187 -15.43 -12.84 -8.16
N LYS A 188 -14.32 -12.51 -8.83
CA LYS A 188 -13.33 -13.48 -9.25
C LYS A 188 -12.79 -14.33 -8.08
N SER A 189 -12.49 -13.68 -6.96
CA SER A 189 -12.04 -14.45 -5.80
C SER A 189 -13.14 -15.36 -5.26
N VAL A 190 -14.37 -14.84 -5.18
CA VAL A 190 -15.48 -15.62 -4.60
C VAL A 190 -15.95 -16.80 -5.47
N PHE A 191 -16.16 -16.57 -6.77
CA PHE A 191 -16.77 -17.56 -7.65
C PHE A 191 -15.78 -18.36 -8.48
N GLY A 192 -14.53 -17.89 -8.49
CA GLY A 192 -13.46 -18.60 -9.16
C GLY A 192 -12.89 -19.69 -8.27
N ALA A 193 -11.79 -20.29 -8.71
CA ALA A 193 -11.19 -21.41 -7.98
C ALA A 193 -9.70 -21.20 -7.61
N GLN A 194 -9.23 -19.95 -7.70
CA GLN A 194 -7.79 -19.70 -7.51
C GLN A 194 -7.51 -19.38 -6.06
N THR A 195 -6.25 -19.54 -5.65
CA THR A 195 -5.87 -19.26 -4.27
C THR A 195 -4.45 -18.65 -4.13
N GLY A 196 -4.25 -17.86 -3.09
CA GLY A 196 -2.96 -17.26 -2.85
C GLY A 196 -2.60 -16.14 -3.83
N GLU A 197 -3.59 -15.67 -4.58
CA GLU A 197 -3.39 -14.61 -5.56
C GLU A 197 -3.62 -13.21 -5.00
N SER A 198 -2.99 -12.24 -5.66
CA SER A 198 -3.21 -10.84 -5.42
C SER A 198 -3.78 -10.27 -6.74
N TYR A 199 -5.04 -9.90 -6.74
CA TYR A 199 -5.67 -9.37 -7.93
C TYR A 199 -5.51 -7.84 -7.96
N GLN A 200 -4.62 -7.34 -8.81
CA GLN A 200 -4.38 -5.91 -8.91
C GLN A 200 -5.42 -5.31 -9.84
N VAL A 201 -6.05 -4.22 -9.40
CA VAL A 201 -6.90 -3.47 -10.30
C VAL A 201 -6.37 -2.04 -10.34
N TYR A 202 -5.41 -1.82 -11.23
CA TYR A 202 -4.59 -0.61 -11.20
C TYR A 202 -4.83 0.28 -12.42
N ALA B 3 36.06 8.02 9.19
CA ALA B 3 35.77 7.08 10.32
C ALA B 3 34.26 6.75 10.46
N MSE B 4 33.82 5.77 9.68
CA MSE B 4 32.41 5.40 9.54
C MSE B 4 31.80 4.56 10.70
O MSE B 4 32.42 3.61 11.17
CB MSE B 4 32.26 4.66 8.24
CG MSE B 4 30.90 4.09 8.04
SE MSE B 4 30.19 4.65 6.36
CE MSE B 4 28.80 3.31 6.40
N LYS B 5 30.60 4.91 11.14
CA LYS B 5 30.01 4.31 12.34
C LYS B 5 28.67 3.62 12.05
N ILE B 6 28.58 2.35 12.46
CA ILE B 6 27.40 1.52 12.18
C ILE B 6 26.78 0.96 13.45
N LEU B 7 25.47 1.14 13.62
CA LEU B 7 24.74 0.47 14.71
C LEU B 7 24.10 -0.80 14.18
N LEU B 8 24.56 -1.93 14.71
CA LEU B 8 24.08 -3.25 14.29
C LEU B 8 23.28 -3.92 15.40
N ILE B 9 21.99 -4.11 15.16
CA ILE B 9 21.10 -4.67 16.17
C ILE B 9 20.89 -6.12 15.82
N GLY B 10 21.15 -6.98 16.81
CA GLY B 10 21.08 -8.43 16.64
C GLY B 10 22.34 -9.05 16.14
N ALA B 11 23.48 -8.44 16.49
CA ALA B 11 24.82 -8.90 16.08
C ALA B 11 25.24 -10.26 16.68
N SER B 12 24.55 -10.71 17.72
CA SER B 12 24.83 -12.02 18.28
C SER B 12 24.17 -13.17 17.50
N GLY B 13 23.28 -12.90 16.55
CA GLY B 13 22.63 -14.00 15.82
C GLY B 13 23.51 -14.67 14.78
N THR B 14 23.02 -15.74 14.15
CA THR B 14 23.78 -16.36 13.06
C THR B 14 23.99 -15.35 11.94
N LEU B 15 22.90 -14.73 11.49
CA LEU B 15 23.01 -13.72 10.45
C LEU B 15 23.74 -12.48 10.94
N GLY B 16 23.31 -11.93 12.08
CA GLY B 16 23.94 -10.78 12.68
C GLY B 16 25.44 -10.86 12.80
N SER B 17 25.98 -12.04 13.17
CA SER B 17 27.43 -12.12 13.30
C SER B 17 28.20 -12.26 11.98
N ALA B 18 27.61 -12.92 10.98
CA ALA B 18 28.18 -12.88 9.62
C ALA B 18 28.22 -11.41 9.16
N VAL B 19 27.11 -10.71 9.34
CA VAL B 19 27.02 -9.29 8.98
C VAL B 19 28.08 -8.46 9.70
N LYS B 20 28.25 -8.69 11.00
CA LYS B 20 29.28 -7.96 11.79
C LYS B 20 30.70 -8.24 11.26
N GLU B 21 30.96 -9.52 10.98
CA GLU B 21 32.28 -10.01 10.50
C GLU B 21 32.70 -9.22 9.26
N ARG B 22 31.72 -8.97 8.42
CA ARG B 22 31.93 -8.25 7.19
C ARG B 22 32.01 -6.72 7.37
N LEU B 23 31.09 -6.11 8.14
CA LEU B 23 31.04 -4.64 8.24
C LEU B 23 32.19 -4.00 9.04
N GLU B 24 32.64 -4.76 10.02
CA GLU B 24 33.72 -4.48 10.96
C GLU B 24 35.03 -4.13 10.28
N LYS B 25 35.24 -4.68 9.08
CA LYS B 25 36.39 -4.41 8.23
C LYS B 25 36.41 -3.00 7.65
N LYS B 26 35.24 -2.41 7.50
CA LYS B 26 35.09 -1.13 6.82
C LYS B 26 34.63 0.01 7.71
N ALA B 27 34.13 -0.32 8.89
CA ALA B 27 33.59 0.70 9.80
C ALA B 27 33.76 0.30 11.25
N GLU B 28 33.55 1.27 12.14
CA GLU B 28 33.35 1.00 13.54
C GLU B 28 31.91 0.51 13.77
N VAL B 29 31.78 -0.67 14.35
CA VAL B 29 30.48 -1.29 14.58
C VAL B 29 30.10 -1.28 16.06
N ILE B 30 28.98 -0.63 16.37
CA ILE B 30 28.40 -0.67 17.73
C ILE B 30 27.28 -1.69 17.73
N THR B 31 27.30 -2.64 18.67
CA THR B 31 26.34 -3.73 18.64
C THR B 31 25.20 -3.49 19.64
N ALA B 32 24.00 -3.94 19.29
CA ALA B 32 22.84 -3.88 20.17
C ALA B 32 22.09 -5.21 20.18
N GLY B 33 21.52 -5.57 21.32
CA GLY B 33 20.77 -6.82 21.47
C GLY B 33 19.97 -6.87 22.75
N ARG B 34 19.10 -7.87 22.89
CA ARG B 34 18.29 -8.04 24.10
C ARG B 34 19.13 -8.21 25.36
N HIS B 35 20.12 -9.11 25.32
CA HIS B 35 20.91 -9.44 26.52
C HIS B 35 22.41 -9.24 26.38
N SER B 36 22.87 -9.02 25.16
CA SER B 36 24.30 -8.83 24.89
C SER B 36 24.52 -7.66 23.92
N GLY B 37 25.75 -7.15 23.88
CA GLY B 37 26.10 -6.10 22.92
C GLY B 37 26.65 -4.89 23.65
N ASP B 38 27.22 -3.94 22.90
CA ASP B 38 27.68 -2.68 23.50
C ASP B 38 26.55 -1.93 24.21
N VAL B 39 25.34 -2.06 23.68
CA VAL B 39 24.14 -1.49 24.26
C VAL B 39 23.01 -2.51 24.20
N THR B 40 22.11 -2.52 25.18
CA THR B 40 21.01 -3.48 25.11
C THR B 40 19.73 -2.77 24.67
N VAL B 41 18.91 -3.47 23.90
CA VAL B 41 17.64 -2.92 23.44
C VAL B 41 16.58 -4.01 23.46
N ASP B 42 15.37 -3.64 23.88
CA ASP B 42 14.19 -4.46 23.65
C ASP B 42 13.37 -3.75 22.57
N ILE B 43 13.38 -4.30 21.35
CA ILE B 43 12.77 -3.66 20.17
C ILE B 43 11.24 -3.70 20.21
N THR B 44 10.67 -4.56 21.07
CA THR B 44 9.23 -4.57 21.32
C THR B 44 8.76 -3.44 22.27
N ASN B 45 9.70 -2.71 22.85
CA ASN B 45 9.41 -1.64 23.82
C ASN B 45 9.92 -0.31 23.24
N ILE B 46 9.03 0.59 22.83
CA ILE B 46 9.50 1.84 22.20
C ILE B 46 10.38 2.68 23.12
N ASP B 47 10.13 2.63 24.41
CA ASP B 47 10.95 3.35 25.39
C ASP B 47 12.39 2.82 25.44
N SER B 48 12.53 1.51 25.36
CA SER B 48 13.84 0.88 25.20
C SER B 48 14.56 1.32 23.90
N ILE B 49 13.83 1.39 22.80
CA ILE B 49 14.43 1.82 21.54
C ILE B 49 14.86 3.29 21.64
N LYS B 50 14.01 4.15 22.19
CA LYS B 50 14.36 5.57 22.38
C LYS B 50 15.61 5.71 23.27
N LYS B 51 15.66 4.95 24.36
CA LYS B 51 16.82 4.93 25.27
C LYS B 51 18.10 4.49 24.57
N MSE B 52 18.04 3.45 23.74
CA MSE B 52 19.19 3.02 22.96
C MSE B 52 19.74 4.14 22.08
O MSE B 52 20.95 4.40 22.07
CB MSE B 52 18.89 1.76 22.11
CG MSE B 52 20.00 1.41 21.11
SE MSE B 52 19.48 0.17 19.69
CE MSE B 52 18.17 1.25 18.69
N TYR B 53 18.86 4.81 21.34
CA TYR B 53 19.27 5.85 20.41
C TYR B 53 19.87 7.05 21.17
N GLU B 54 19.27 7.40 22.31
CA GLU B 54 19.83 8.40 23.22
C GLU B 54 21.26 8.05 23.62
N GLN B 55 21.51 6.79 23.91
CA GLN B 55 22.82 6.35 24.38
C GLN B 55 23.85 6.35 23.26
N VAL B 56 23.53 5.77 22.11
CA VAL B 56 24.53 5.66 21.04
C VAL B 56 24.83 6.97 20.33
N GLY B 57 23.87 7.89 20.24
CA GLY B 57 24.06 9.15 19.49
C GLY B 57 24.07 8.92 17.99
N LYS B 58 24.61 9.87 17.22
CA LYS B 58 24.54 9.82 15.75
C LYS B 58 25.45 8.74 15.11
N VAL B 59 24.92 7.99 14.15
CA VAL B 59 25.71 7.01 13.44
C VAL B 59 25.46 7.19 11.94
N ASP B 60 26.22 6.49 11.10
CA ASP B 60 26.10 6.59 9.64
C ASP B 60 25.12 5.56 9.08
N ALA B 61 25.01 4.42 9.75
CA ALA B 61 24.06 3.41 9.32
C ALA B 61 23.45 2.66 10.52
N ILE B 62 22.18 2.33 10.39
CA ILE B 62 21.50 1.48 11.36
C ILE B 62 21.08 0.20 10.65
N VAL B 63 21.55 -0.93 11.18
CA VAL B 63 21.33 -2.18 10.50
C VAL B 63 20.60 -3.10 11.47
N SER B 64 19.43 -3.56 11.04
CA SER B 64 18.69 -4.53 11.83
C SER B 64 18.81 -5.94 11.25
N ALA B 65 19.47 -6.81 12.02
CA ALA B 65 19.44 -8.25 11.74
C ALA B 65 18.68 -8.98 12.86
N THR B 66 17.63 -8.37 13.40
CA THR B 66 16.85 -8.97 14.49
C THR B 66 15.40 -9.11 14.10
N GLY B 67 14.62 -9.64 15.05
CA GLY B 67 13.18 -9.79 14.90
C GLY B 67 12.75 -11.22 15.09
N SER B 68 11.77 -11.39 15.98
CA SER B 68 11.16 -12.68 16.23
C SER B 68 9.81 -12.80 15.56
N ALA B 69 9.53 -13.99 15.05
CA ALA B 69 8.23 -14.27 14.48
C ALA B 69 7.73 -15.59 15.07
N THR B 70 6.41 -15.70 15.21
CA THR B 70 5.81 -16.93 15.64
C THR B 70 5.81 -17.90 14.46
N PHE B 71 6.16 -19.15 14.75
CA PHE B 71 6.03 -20.25 13.80
C PHE B 71 5.00 -21.20 14.39
N SER B 72 3.88 -21.33 13.68
CA SER B 72 2.74 -22.13 14.13
C SER B 72 1.94 -22.53 12.88
N PRO B 73 1.36 -23.75 12.89
CA PRO B 73 0.39 -24.08 11.83
C PRO B 73 -0.70 -23.02 11.81
N LEU B 74 -1.22 -22.73 10.61
CA LEU B 74 -2.22 -21.69 10.42
C LEU B 74 -3.43 -21.90 11.34
N THR B 75 -3.94 -23.13 11.38
CA THR B 75 -5.09 -23.42 12.20
C THR B 75 -4.76 -23.28 13.71
N GLU B 76 -3.48 -23.16 14.05
CA GLU B 76 -3.15 -22.94 15.46
C GLU B 76 -2.71 -21.50 15.78
N LEU B 77 -2.69 -20.65 14.75
CA LEU B 77 -2.21 -19.29 14.90
C LEU B 77 -3.36 -18.42 15.42
N THR B 78 -3.26 -18.05 16.69
CA THR B 78 -4.22 -17.19 17.33
C THR B 78 -3.80 -15.74 17.14
N PRO B 79 -4.74 -14.79 17.28
CA PRO B 79 -4.31 -13.40 17.27
C PRO B 79 -3.21 -13.12 18.29
N GLU B 80 -3.27 -13.72 19.48
CA GLU B 80 -2.24 -13.52 20.51
C GLU B 80 -0.88 -14.08 20.12
N LYS B 81 -0.86 -15.24 19.45
CA LYS B 81 0.41 -15.71 18.90
C LYS B 81 0.91 -14.83 17.76
N ASN B 82 -0.02 -14.39 16.90
CA ASN B 82 0.37 -13.52 15.78
C ASN B 82 0.89 -12.18 16.28
N ALA B 83 0.40 -11.74 17.45
CA ALA B 83 0.84 -10.49 18.05
C ALA B 83 2.34 -10.44 18.37
N VAL B 84 2.96 -11.58 18.65
CA VAL B 84 4.42 -11.58 18.89
C VAL B 84 5.23 -11.14 17.65
N THR B 85 4.92 -11.71 16.49
CA THR B 85 5.50 -11.27 15.23
C THR B 85 5.22 -9.78 14.99
N ILE B 86 3.97 -9.38 15.15
CA ILE B 86 3.57 -7.98 14.99
C ILE B 86 4.43 -7.05 15.84
N SER B 87 4.68 -7.40 17.10
CA SER B 87 5.46 -6.47 17.96
C SER B 87 6.99 -6.54 17.77
N SER B 88 7.48 -7.59 17.08
CA SER B 88 8.92 -7.82 16.96
C SER B 88 9.45 -7.72 15.54
N LYS B 89 9.51 -8.84 14.83
CA LYS B 89 9.99 -8.87 13.43
C LYS B 89 9.36 -7.73 12.60
N LEU B 90 8.06 -7.49 12.80
CA LEU B 90 7.32 -6.51 12.00
C LEU B 90 7.44 -5.11 12.65
N GLY B 91 6.74 -4.91 13.76
CA GLY B 91 6.67 -3.60 14.43
C GLY B 91 7.96 -3.08 15.06
N GLY B 92 8.76 -4.01 15.61
CA GLY B 92 10.03 -3.67 16.25
C GLY B 92 11.02 -3.07 15.26
N GLN B 93 11.26 -3.78 14.16
CA GLN B 93 12.16 -3.34 13.11
C GLN B 93 11.69 -2.02 12.50
N ILE B 94 10.37 -1.90 12.31
CA ILE B 94 9.79 -0.64 11.77
C ILE B 94 9.93 0.51 12.76
N ASN B 95 9.74 0.24 14.04
CA ASN B 95 9.96 1.28 15.07
C ASN B 95 11.39 1.74 15.18
N LEU B 96 12.33 0.87 14.79
CA LEU B 96 13.74 1.26 14.75
C LEU B 96 13.95 2.41 13.76
N VAL B 97 13.14 2.44 12.72
CA VAL B 97 13.19 3.47 11.66
C VAL B 97 12.47 4.73 12.13
N LEU B 98 11.22 4.55 12.59
CA LEU B 98 10.38 5.67 12.99
C LEU B 98 11.02 6.47 14.13
N LEU B 99 11.78 5.78 14.97
CA LEU B 99 12.46 6.42 16.12
C LEU B 99 13.95 6.75 15.86
N GLY B 100 14.47 6.30 14.73
CA GLY B 100 15.90 6.39 14.42
C GLY B 100 16.35 7.43 13.40
N ILE B 101 15.40 8.08 12.74
CA ILE B 101 15.75 8.98 11.65
C ILE B 101 16.70 10.07 12.13
N ASP B 102 16.41 10.64 13.30
CA ASP B 102 17.22 11.74 13.84
C ASP B 102 18.56 11.30 14.42
N SER B 103 18.80 9.99 14.46
CA SER B 103 20.08 9.44 14.88
C SER B 103 21.01 9.15 13.68
N LEU B 104 20.55 9.42 12.47
CA LEU B 104 21.37 9.15 11.29
C LEU B 104 22.00 10.44 10.78
N ASN B 105 23.32 10.39 10.54
CA ASN B 105 24.02 11.47 9.83
C ASN B 105 23.49 11.63 8.42
N ASP B 106 23.69 12.81 7.83
CA ASP B 106 23.29 13.08 6.46
C ASP B 106 23.80 11.95 5.57
N LYS B 107 22.97 11.55 4.59
CA LYS B 107 23.31 10.49 3.61
C LYS B 107 23.51 9.12 4.29
N GLY B 108 22.93 8.97 5.48
CA GLY B 108 22.96 7.71 6.24
C GLY B 108 22.06 6.67 5.64
N SER B 109 22.03 5.47 6.26
CA SER B 109 21.16 4.38 5.78
C SER B 109 20.57 3.52 6.88
N PHE B 110 19.37 3.01 6.60
CA PHE B 110 18.74 1.91 7.33
C PHE B 110 18.82 0.66 6.46
N THR B 111 19.12 -0.48 7.08
CA THR B 111 18.95 -1.76 6.40
C THR B 111 18.15 -2.70 7.32
N LEU B 112 17.08 -3.29 6.81
CA LEU B 112 16.21 -4.14 7.65
C LEU B 112 16.14 -5.55 7.05
N THR B 113 15.77 -6.55 7.87
CA THR B 113 15.81 -7.96 7.40
C THR B 113 14.41 -8.45 7.11
N THR B 114 14.21 -9.07 5.95
CA THR B 114 12.91 -9.71 5.64
C THR B 114 13.18 -11.20 5.44
N GLY B 115 12.85 -11.79 4.29
CA GLY B 115 13.19 -13.20 4.12
C GLY B 115 12.36 -13.88 3.08
N ILE B 116 12.86 -15.01 2.56
CA ILE B 116 12.20 -15.69 1.44
C ILE B 116 10.74 -16.12 1.67
N MSE B 117 10.36 -16.41 2.90
CA MSE B 117 9.03 -16.93 3.17
C MSE B 117 7.86 -16.10 2.60
O MSE B 117 6.80 -16.64 2.33
CB MSE B 117 8.84 -17.18 4.66
CG MSE B 117 9.60 -18.39 5.16
SE MSE B 117 9.31 -18.59 7.07
CE MSE B 117 11.11 -18.22 7.68
N MSE B 118 8.06 -14.80 2.39
CA MSE B 118 7.01 -13.96 1.83
C MSE B 118 6.74 -14.27 0.36
O MSE B 118 5.68 -13.90 -0.17
CB MSE B 118 7.35 -12.47 1.96
CG MSE B 118 8.56 -12.04 1.13
SE MSE B 118 8.92 -10.16 1.34
CE MSE B 118 10.61 -10.05 0.39
N GLU B 119 7.71 -14.92 -0.30
CA GLU B 119 7.73 -15.17 -1.75
C GLU B 119 7.66 -16.68 -2.06
N ASP B 120 8.20 -17.49 -1.17
CA ASP B 120 8.34 -18.94 -1.35
C ASP B 120 7.87 -19.56 -0.03
N PRO B 121 6.53 -19.68 0.18
CA PRO B 121 5.98 -20.01 1.49
C PRO B 121 6.10 -21.46 1.96
N ILE B 122 6.20 -21.63 3.27
CA ILE B 122 6.24 -22.95 3.89
C ILE B 122 5.15 -23.11 4.97
N VAL B 123 4.80 -24.34 5.29
CA VAL B 123 3.87 -24.59 6.37
C VAL B 123 4.50 -24.04 7.68
N GLN B 124 3.64 -23.42 8.49
CA GLN B 124 3.99 -22.72 9.74
C GLN B 124 4.58 -21.29 9.52
N GLY B 125 4.69 -20.90 8.25
CA GLY B 125 5.35 -19.64 7.93
C GLY B 125 4.50 -18.39 7.73
N ALA B 126 3.18 -18.48 7.89
CA ALA B 126 2.31 -17.36 7.51
C ALA B 126 2.53 -16.08 8.34
N SER B 127 2.93 -16.22 9.59
CA SER B 127 3.21 -15.04 10.43
C SER B 127 4.50 -14.37 10.00
N ALA B 128 5.52 -15.18 9.76
CA ALA B 128 6.81 -14.69 9.28
C ALA B 128 6.62 -14.01 7.92
N ALA B 129 5.90 -14.65 7.02
CA ALA B 129 5.57 -14.08 5.71
C ALA B 129 4.87 -12.70 5.81
N MSE B 130 3.94 -12.57 6.74
CA MSE B 130 3.27 -11.30 7.01
C MSE B 130 4.26 -10.19 7.35
O MSE B 130 4.20 -9.12 6.77
CB MSE B 130 2.27 -11.48 8.15
CG MSE B 130 1.56 -10.22 8.58
SE MSE B 130 0.77 -10.37 10.36
CE MSE B 130 2.36 -10.86 11.42
N ALA B 131 5.16 -10.47 8.30
CA ALA B 131 6.18 -9.53 8.72
C ALA B 131 7.10 -9.13 7.57
N ASN B 132 7.57 -10.11 6.80
CA ASN B 132 8.48 -9.88 5.67
C ASN B 132 7.86 -8.98 4.60
N GLY B 133 6.61 -9.26 4.26
CA GLY B 133 5.84 -8.42 3.33
C GLY B 133 5.66 -6.99 3.86
N ALA B 134 5.39 -6.89 5.17
CA ALA B 134 5.09 -5.60 5.83
C ALA B 134 6.29 -4.70 5.74
N VAL B 135 7.43 -5.25 6.12
CA VAL B 135 8.70 -4.55 6.19
C VAL B 135 9.25 -4.20 4.80
N THR B 136 9.05 -5.10 3.83
CA THR B 136 9.41 -4.81 2.46
C THR B 136 8.70 -3.56 1.94
N ALA B 137 7.38 -3.55 2.10
CA ALA B 137 6.53 -2.50 1.55
C ALA B 137 6.76 -1.18 2.31
N PHE B 138 6.96 -1.28 3.63
CA PHE B 138 7.25 -0.10 4.44
C PHE B 138 8.52 0.60 3.95
N ALA B 139 9.59 -0.20 3.77
CA ALA B 139 10.89 0.33 3.37
C ALA B 139 10.85 0.90 1.95
N LYS B 140 10.09 0.29 1.05
CA LYS B 140 9.95 0.82 -0.33
C LYS B 140 9.28 2.19 -0.33
N SER B 141 8.26 2.31 0.51
CA SER B 141 7.50 3.54 0.67
C SER B 141 8.30 4.58 1.46
N ALA B 142 8.90 4.17 2.57
CA ALA B 142 9.65 5.13 3.41
C ALA B 142 10.75 5.81 2.62
N ALA B 143 11.33 5.09 1.66
CA ALA B 143 12.47 5.59 0.86
C ALA B 143 12.23 6.95 0.20
N ILE B 144 10.98 7.21 -0.24
CA ILE B 144 10.63 8.44 -0.95
C ILE B 144 10.43 9.64 -0.01
N GLU B 145 10.48 9.42 1.30
CA GLU B 145 10.21 10.48 2.28
C GLU B 145 11.39 10.72 3.18
N MSE B 146 12.46 9.96 3.00
CA MSE B 146 13.64 10.07 3.85
C MSE B 146 14.34 11.44 3.68
O MSE B 146 14.61 11.90 2.56
CB MSE B 146 14.61 8.93 3.54
CG MSE B 146 14.27 7.60 4.17
SE MSE B 146 14.28 7.70 6.13
CE MSE B 146 13.64 5.90 6.46
N PRO B 147 14.62 12.12 4.83
CA PRO B 147 15.27 13.43 4.77
C PRO B 147 16.80 13.31 4.63
N ARG B 148 17.45 14.40 4.22
CA ARG B 148 18.91 14.56 4.27
C ARG B 148 19.70 13.46 3.52
N GLY B 149 19.18 13.03 2.38
CA GLY B 149 19.83 11.97 1.60
C GLY B 149 19.80 10.57 2.20
N ILE B 150 19.08 10.39 3.31
CA ILE B 150 19.02 9.06 3.97
C ILE B 150 18.44 7.97 3.07
N ARG B 151 19.03 6.76 3.14
CA ARG B 151 18.63 5.61 2.33
C ARG B 151 18.05 4.50 3.21
N ILE B 152 17.25 3.62 2.61
CA ILE B 152 16.60 2.50 3.30
C ILE B 152 16.37 1.34 2.35
N ASN B 153 16.94 0.18 2.71
CA ASN B 153 16.77 -1.03 1.93
C ASN B 153 16.45 -2.19 2.86
N THR B 154 16.05 -3.31 2.26
CA THR B 154 15.83 -4.54 2.98
C THR B 154 16.62 -5.64 2.31
N VAL B 155 17.09 -6.58 3.14
CA VAL B 155 17.79 -7.78 2.66
C VAL B 155 16.89 -8.98 2.97
N SER B 156 16.63 -9.79 1.95
CA SER B 156 15.76 -10.93 2.11
C SER B 156 16.54 -12.25 1.95
N PRO B 157 16.90 -12.90 3.06
CA PRO B 157 17.62 -14.15 2.92
C PRO B 157 16.75 -15.39 2.73
N ASN B 158 17.25 -16.35 1.97
CA ASN B 158 16.80 -17.72 2.09
C ASN B 158 17.18 -18.29 3.48
N VAL B 159 16.79 -19.54 3.74
CA VAL B 159 17.30 -20.33 4.85
C VAL B 159 18.85 -20.39 4.81
N LEU B 160 19.48 -20.24 5.95
CA LEU B 160 20.94 -20.19 5.94
C LEU B 160 21.52 -21.59 5.98
N GLU B 161 22.64 -21.78 5.29
CA GLU B 161 23.44 -23.00 5.42
C GLU B 161 23.79 -23.31 6.87
N GLU B 162 24.07 -22.25 7.62
CA GLU B 162 24.53 -22.34 8.99
C GLU B 162 23.44 -22.85 9.92
N SER B 163 22.18 -22.71 9.48
CA SER B 163 21.00 -23.07 10.26
C SER B 163 20.34 -24.33 9.76
N TRP B 164 20.88 -24.93 8.70
CA TRP B 164 20.21 -25.98 7.92
C TRP B 164 19.99 -27.26 8.75
N ASP B 165 20.97 -27.55 9.61
CA ASP B 165 20.99 -28.71 10.50
C ASP B 165 19.81 -28.75 11.48
N LYS B 166 19.29 -27.57 11.83
CA LYS B 166 18.07 -27.44 12.63
C LYS B 166 16.85 -27.26 11.73
N LEU B 167 17.01 -26.53 10.64
CA LEU B 167 15.87 -26.02 9.88
C LEU B 167 15.41 -26.85 8.65
N GLU B 168 16.26 -27.74 8.16
CA GLU B 168 15.88 -28.56 7.00
C GLU B 168 14.44 -29.09 7.04
N PRO B 169 14.00 -29.70 8.17
CA PRO B 169 12.62 -30.23 8.23
C PRO B 169 11.53 -29.20 7.90
N PHE B 170 11.84 -27.91 8.00
CA PHE B 170 10.87 -26.88 7.66
C PHE B 170 10.97 -26.37 6.23
N PHE B 171 12.09 -26.68 5.57
CA PHE B 171 12.44 -26.13 4.25
C PHE B 171 12.91 -27.26 3.31
N GLU B 172 12.15 -28.36 3.31
CA GLU B 172 12.55 -29.53 2.54
C GLU B 172 12.60 -29.22 1.04
N GLY B 173 13.74 -29.49 0.42
CA GLY B 173 13.95 -29.19 -1.00
C GLY B 173 14.34 -27.74 -1.31
N PHE B 174 14.48 -26.92 -0.29
CA PHE B 174 15.14 -25.61 -0.43
C PHE B 174 16.64 -25.82 -0.58
N LEU B 175 17.30 -24.86 -1.23
CA LEU B 175 18.75 -24.84 -1.31
C LEU B 175 19.21 -23.67 -0.47
N PRO B 176 19.85 -23.93 0.70
CA PRO B 176 20.21 -22.84 1.61
C PRO B 176 21.34 -21.98 1.06
N VAL B 177 21.43 -20.76 1.57
CA VAL B 177 22.49 -19.81 1.21
C VAL B 177 23.46 -19.64 2.39
N PRO B 178 24.76 -19.41 2.09
CA PRO B 178 25.75 -19.13 3.16
C PRO B 178 25.47 -17.78 3.76
N ALA B 179 25.62 -17.66 5.08
CA ALA B 179 25.29 -16.37 5.74
C ALA B 179 26.21 -15.26 5.27
N ALA B 180 27.42 -15.66 4.89
CA ALA B 180 28.43 -14.77 4.32
C ALA B 180 27.99 -14.17 3.00
N LYS B 181 27.16 -14.89 2.25
CA LYS B 181 26.61 -14.37 0.99
C LYS B 181 25.56 -13.32 1.29
N VAL B 182 24.72 -13.61 2.28
CA VAL B 182 23.66 -12.68 2.68
C VAL B 182 24.30 -11.40 3.20
N ALA B 183 25.41 -11.54 3.93
CA ALA B 183 26.09 -10.38 4.53
C ALA B 183 26.55 -9.39 3.46
N ARG B 184 26.90 -9.91 2.27
CA ARG B 184 27.31 -9.05 1.14
C ARG B 184 26.21 -8.09 0.75
N ALA B 185 24.97 -8.55 0.88
CA ALA B 185 23.84 -7.71 0.54
C ALA B 185 23.67 -6.61 1.58
N PHE B 186 24.05 -6.89 2.82
CA PHE B 186 23.96 -5.88 3.87
C PHE B 186 25.01 -4.80 3.62
N GLU B 187 26.22 -5.23 3.22
CA GLU B 187 27.30 -4.34 2.80
C GLU B 187 26.88 -3.52 1.57
N LYS B 188 26.26 -4.18 0.59
CA LYS B 188 25.69 -3.45 -0.57
C LYS B 188 24.78 -2.30 -0.14
N SER B 189 23.81 -2.62 0.70
CA SER B 189 22.93 -1.59 1.23
C SER B 189 23.69 -0.47 1.93
N VAL B 190 24.50 -0.83 2.92
CA VAL B 190 25.29 0.14 3.70
C VAL B 190 26.26 0.97 2.86
N PHE B 191 27.05 0.32 2.00
CA PHE B 191 28.12 1.05 1.29
C PHE B 191 27.80 1.52 -0.11
N GLY B 192 26.70 1.02 -0.68
CA GLY B 192 26.22 1.48 -1.99
C GLY B 192 25.43 2.76 -1.84
N ALA B 193 24.65 3.12 -2.85
CA ALA B 193 23.91 4.37 -2.87
C ALA B 193 22.47 4.20 -3.36
N GLN B 194 21.95 2.98 -3.33
CA GLN B 194 20.60 2.65 -3.76
C GLN B 194 19.63 2.78 -2.57
N THR B 195 18.35 2.94 -2.88
CA THR B 195 17.33 3.09 -1.83
C THR B 195 16.00 2.49 -2.27
N GLY B 196 15.17 2.09 -1.30
CA GLY B 196 13.88 1.47 -1.59
C GLY B 196 14.00 0.09 -2.21
N GLU B 197 15.12 -0.58 -1.99
CA GLU B 197 15.36 -1.89 -2.62
C GLU B 197 15.11 -3.02 -1.65
N SER B 198 14.81 -4.17 -2.22
CA SER B 198 14.76 -5.41 -1.54
C SER B 198 15.87 -6.31 -2.16
N TYR B 199 16.93 -6.57 -1.41
CA TYR B 199 18.00 -7.43 -1.92
C TYR B 199 17.77 -8.90 -1.57
N GLN B 200 17.30 -9.64 -2.56
CA GLN B 200 17.04 -11.05 -2.39
C GLN B 200 18.34 -11.81 -2.47
N VAL B 201 18.53 -12.71 -1.52
CA VAL B 201 19.67 -13.60 -1.56
C VAL B 201 19.04 -14.99 -1.43
N TYR B 202 18.56 -15.49 -2.56
CA TYR B 202 17.82 -16.73 -2.56
C TYR B 202 18.66 -17.84 -3.21
N ALA C 3 4.12 28.35 -4.43
CA ALA C 3 4.65 29.19 -5.55
C ALA C 3 5.60 28.39 -6.47
N MSE C 4 5.25 27.13 -6.73
CA MSE C 4 6.10 26.22 -7.51
C MSE C 4 6.39 26.61 -8.98
O MSE C 4 5.52 27.14 -9.68
CB MSE C 4 5.53 24.82 -7.44
CG MSE C 4 6.24 23.85 -8.29
SE MSE C 4 6.26 22.13 -7.48
CE MSE C 4 6.97 21.22 -9.05
N LYS C 5 7.61 26.34 -9.43
CA LYS C 5 8.08 26.84 -10.71
C LYS C 5 8.65 25.75 -11.60
N ILE C 6 8.11 25.62 -12.78
CA ILE C 6 8.52 24.52 -13.68
C ILE C 6 9.02 25.04 -15.03
N LEU C 7 10.22 24.62 -15.40
CA LEU C 7 10.71 24.89 -16.73
C LEU C 7 10.27 23.75 -17.64
N LEU C 8 9.47 24.06 -18.65
CA LEU C 8 9.00 23.00 -19.56
C LEU C 8 9.59 23.19 -20.95
N ILE C 9 10.47 22.28 -21.33
CA ILE C 9 11.14 22.39 -22.62
C ILE C 9 10.41 21.53 -23.63
N GLY C 10 9.93 22.14 -24.71
CA GLY C 10 9.20 21.39 -25.72
C GLY C 10 7.69 21.58 -25.58
N ALA C 11 7.31 22.61 -24.83
CA ALA C 11 5.90 22.97 -24.57
C ALA C 11 4.99 23.16 -25.79
N SER C 12 5.53 23.38 -26.98
CA SER C 12 4.68 23.61 -28.14
C SER C 12 4.31 22.35 -28.93
N GLY C 13 5.01 21.24 -28.71
CA GLY C 13 4.64 19.97 -29.33
C GLY C 13 3.29 19.39 -28.92
N THR C 14 2.95 18.27 -29.52
CA THR C 14 1.70 17.60 -29.19
C THR C 14 1.72 17.15 -27.73
N LEU C 15 2.77 16.44 -27.34
CA LEU C 15 2.92 15.95 -25.98
C LEU C 15 3.12 17.11 -25.03
N GLY C 16 4.02 18.02 -25.42
CA GLY C 16 4.37 19.18 -24.61
C GLY C 16 3.20 20.06 -24.23
N SER C 17 2.30 20.30 -25.18
CA SER C 17 1.14 21.13 -24.87
C SER C 17 0.14 20.46 -23.95
N ALA C 18 -0.01 19.13 -24.05
CA ALA C 18 -0.83 18.36 -23.11
C ALA C 18 -0.20 18.33 -21.69
N VAL C 19 1.12 18.27 -21.62
CA VAL C 19 1.84 18.38 -20.35
C VAL C 19 1.65 19.78 -19.74
N LYS C 20 1.70 20.82 -20.55
CA LYS C 20 1.55 22.16 -20.01
C LYS C 20 0.15 22.37 -19.43
N GLU C 21 -0.86 21.83 -20.12
CA GLU C 21 -2.24 21.91 -19.68
C GLU C 21 -2.41 21.41 -18.24
N ARG C 22 -1.86 20.24 -17.95
CA ARG C 22 -1.90 19.69 -16.59
C ARG C 22 -1.00 20.44 -15.61
N LEU C 23 0.23 20.74 -15.98
CA LEU C 23 1.16 21.36 -15.03
C LEU C 23 0.75 22.79 -14.60
N GLU C 24 0.17 23.52 -15.54
CA GLU C 24 -0.10 24.94 -15.30
C GLU C 24 -1.27 25.17 -14.34
N LYS C 25 -2.04 24.11 -14.09
CA LYS C 25 -3.16 24.19 -13.15
C LYS C 25 -2.65 24.22 -11.72
N LYS C 26 -1.43 23.72 -11.48
CA LYS C 26 -0.88 23.71 -10.11
C LYS C 26 0.46 24.44 -9.93
N ALA C 27 1.02 24.99 -11.01
CA ALA C 27 2.34 25.62 -10.93
C ALA C 27 2.54 26.73 -11.97
N GLU C 28 3.58 27.53 -11.77
CA GLU C 28 4.00 28.57 -12.71
C GLU C 28 4.92 27.89 -13.72
N VAL C 29 4.47 27.81 -14.96
CA VAL C 29 5.24 27.11 -15.99
C VAL C 29 5.97 28.15 -16.84
N ILE C 30 7.29 27.97 -16.99
CA ILE C 30 8.14 28.73 -17.89
C ILE C 30 8.40 27.82 -19.09
N THR C 31 8.08 28.29 -20.29
CA THR C 31 8.20 27.39 -21.44
C THR C 31 9.47 27.74 -22.18
N ALA C 32 10.04 26.72 -22.79
CA ALA C 32 11.25 26.86 -23.58
C ALA C 32 11.09 26.00 -24.84
N GLY C 33 11.60 26.48 -25.96
CA GLY C 33 11.60 25.70 -27.20
C GLY C 33 12.59 26.27 -28.18
N ARG C 34 12.87 25.49 -29.24
CA ARG C 34 13.82 25.91 -30.28
C ARG C 34 13.44 27.25 -30.91
N HIS C 35 12.17 27.42 -31.24
CA HIS C 35 11.74 28.62 -31.95
C HIS C 35 10.69 29.43 -31.19
N SER C 36 10.03 28.84 -30.20
CA SER C 36 9.08 29.64 -29.38
C SER C 36 9.20 29.28 -27.91
N GLY C 37 8.55 30.07 -27.06
CA GLY C 37 8.60 29.82 -25.62
C GLY C 37 8.98 31.10 -24.92
N ASP C 38 8.78 31.12 -23.61
CA ASP C 38 9.27 32.18 -22.76
C ASP C 38 10.77 32.37 -22.95
N VAL C 39 11.51 31.27 -23.11
CA VAL C 39 12.90 31.32 -23.53
C VAL C 39 13.09 30.36 -24.70
N THR C 40 14.09 30.63 -25.53
CA THR C 40 14.43 29.72 -26.60
C THR C 40 15.70 28.94 -26.24
N VAL C 41 15.81 27.75 -26.80
CA VAL C 41 16.96 26.88 -26.54
C VAL C 41 17.09 25.87 -27.69
N ASP C 42 18.32 25.67 -28.14
CA ASP C 42 18.63 24.60 -29.06
C ASP C 42 19.34 23.55 -28.23
N ILE C 43 18.64 22.46 -27.92
CA ILE C 43 19.19 21.42 -27.08
C ILE C 43 20.39 20.67 -27.70
N THR C 44 20.64 20.87 -28.99
CA THR C 44 21.89 20.32 -29.57
C THR C 44 23.13 21.19 -29.35
N ASN C 45 22.97 22.38 -28.74
CA ASN C 45 24.08 23.32 -28.50
C ASN C 45 24.28 23.58 -27.00
N ILE C 46 25.41 23.15 -26.42
CA ILE C 46 25.56 23.30 -24.97
C ILE C 46 25.60 24.78 -24.57
N ASP C 47 26.13 25.64 -25.44
CA ASP C 47 26.14 27.08 -25.14
C ASP C 47 24.74 27.68 -25.03
N SER C 48 23.83 27.21 -25.88
CA SER C 48 22.40 27.53 -25.83
C SER C 48 21.72 27.05 -24.51
N ILE C 49 21.91 25.78 -24.17
CA ILE C 49 21.38 25.26 -22.88
C ILE C 49 21.92 26.10 -21.71
N LYS C 50 23.20 26.42 -21.74
CA LYS C 50 23.79 27.14 -20.61
C LYS C 50 23.14 28.53 -20.46
N LYS C 51 22.84 29.17 -21.59
CA LYS C 51 22.28 30.50 -21.56
C LYS C 51 20.81 30.46 -21.15
N MSE C 52 20.10 29.39 -21.54
CA MSE C 52 18.72 29.24 -21.10
C MSE C 52 18.65 29.16 -19.59
O MSE C 52 17.84 29.87 -18.98
CB MSE C 52 18.00 28.04 -21.74
CG MSE C 52 16.74 27.62 -20.99
SE MSE C 52 16.12 25.84 -21.48
CE MSE C 52 17.52 24.71 -20.73
N TYR C 53 19.51 28.33 -18.98
CA TYR C 53 19.58 28.25 -17.52
C TYR C 53 19.96 29.59 -16.85
N GLU C 54 20.86 30.36 -17.47
CA GLU C 54 21.20 31.69 -16.94
C GLU C 54 19.99 32.61 -16.89
N GLN C 55 19.23 32.65 -17.98
CA GLN C 55 18.05 33.51 -18.10
C GLN C 55 16.99 33.06 -17.12
N VAL C 56 16.79 31.75 -17.05
CA VAL C 56 15.68 31.19 -16.30
C VAL C 56 15.82 31.38 -14.77
N GLY C 57 17.03 31.17 -14.25
CA GLY C 57 17.26 31.20 -12.82
C GLY C 57 16.81 29.89 -12.20
N LYS C 58 16.54 29.92 -10.89
CA LYS C 58 16.25 28.71 -10.12
C LYS C 58 14.81 28.27 -10.30
N VAL C 59 14.61 26.97 -10.51
CA VAL C 59 13.25 26.41 -10.64
C VAL C 59 13.07 25.15 -9.77
N ASP C 60 11.85 24.65 -9.65
CA ASP C 60 11.63 23.44 -8.86
C ASP C 60 11.60 22.16 -9.66
N ALA C 61 11.34 22.27 -10.96
CA ALA C 61 11.31 21.08 -11.80
C ALA C 61 11.71 21.49 -13.19
N ILE C 62 12.44 20.61 -13.85
CA ILE C 62 12.76 20.78 -15.25
C ILE C 62 12.19 19.55 -15.93
N VAL C 63 11.46 19.79 -17.00
CA VAL C 63 10.70 18.77 -17.69
C VAL C 63 11.03 18.87 -19.18
N SER C 64 11.35 17.74 -19.79
CA SER C 64 11.68 17.73 -21.20
C SER C 64 10.68 16.87 -21.94
N ALA C 65 9.89 17.50 -22.79
CA ALA C 65 8.99 16.80 -23.70
C ALA C 65 9.53 17.08 -25.09
N THR C 66 10.84 16.98 -25.27
CA THR C 66 11.46 17.38 -26.53
C THR C 66 12.51 16.36 -26.96
N GLY C 67 13.01 16.51 -28.19
CA GLY C 67 14.04 15.64 -28.71
C GLY C 67 13.63 14.98 -30.02
N SER C 68 14.52 15.05 -31.01
CA SER C 68 14.28 14.46 -32.33
C SER C 68 15.17 13.26 -32.54
N ALA C 69 14.68 12.29 -33.31
CA ALA C 69 15.41 11.10 -33.71
C ALA C 69 15.27 10.89 -35.21
N THR C 70 16.36 10.44 -35.85
CA THR C 70 16.31 10.00 -37.23
C THR C 70 15.43 8.74 -37.38
N PHE C 71 14.51 8.74 -38.34
CA PHE C 71 13.81 7.50 -38.69
C PHE C 71 14.34 7.01 -40.00
N SER C 72 14.95 5.83 -40.01
CA SER C 72 15.51 5.31 -41.25
C SER C 72 15.53 3.80 -41.24
N PRO C 73 15.32 3.16 -42.41
CA PRO C 73 15.59 1.72 -42.45
C PRO C 73 17.01 1.45 -41.96
N LEU C 74 17.15 0.38 -41.17
CA LEU C 74 18.43 0.02 -40.57
C LEU C 74 19.57 -0.05 -41.59
N THR C 75 19.33 -0.70 -42.72
CA THR C 75 20.37 -0.89 -43.74
C THR C 75 20.72 0.39 -44.51
N GLU C 76 20.02 1.49 -44.24
CA GLU C 76 20.50 2.78 -44.74
C GLU C 76 20.73 3.79 -43.65
N LEU C 77 20.69 3.31 -42.41
CA LEU C 77 21.05 4.13 -41.29
C LEU C 77 22.58 4.18 -41.17
N THR C 78 23.15 5.31 -41.53
CA THR C 78 24.59 5.49 -41.41
C THR C 78 24.91 6.16 -40.07
N PRO C 79 26.19 6.13 -39.67
CA PRO C 79 26.58 6.84 -38.45
C PRO C 79 26.26 8.32 -38.53
N GLU C 80 26.30 8.89 -39.75
CA GLU C 80 26.00 10.31 -39.96
C GLU C 80 24.53 10.65 -39.73
N LYS C 81 23.66 9.78 -40.22
CA LYS C 81 22.25 9.93 -39.91
C LYS C 81 22.00 9.66 -38.43
N ASN C 82 22.63 8.61 -37.88
CA ASN C 82 22.39 8.25 -36.49
C ASN C 82 22.77 9.37 -35.50
N ALA C 83 23.77 10.17 -35.88
CA ALA C 83 24.29 11.28 -35.07
C ALA C 83 23.27 12.38 -34.77
N VAL C 84 22.25 12.56 -35.61
CA VAL C 84 21.26 13.59 -35.29
C VAL C 84 20.43 13.21 -34.05
N THR C 85 20.13 11.91 -33.92
CA THR C 85 19.44 11.39 -32.74
C THR C 85 20.31 11.56 -31.52
N ILE C 86 21.58 11.18 -31.67
CA ILE C 86 22.56 11.29 -30.60
C ILE C 86 22.68 12.72 -30.06
N SER C 87 22.62 13.69 -30.97
CA SER C 87 22.82 15.08 -30.55
C SER C 87 21.59 15.72 -29.95
N SER C 88 20.41 15.16 -30.26
CA SER C 88 19.09 15.73 -29.90
C SER C 88 18.33 14.87 -28.88
N LYS C 89 17.64 13.80 -29.30
CA LYS C 89 16.80 13.08 -28.34
C LYS C 89 17.60 12.39 -27.22
N LEU C 90 18.85 12.01 -27.53
CA LEU C 90 19.70 11.34 -26.54
C LEU C 90 20.57 12.35 -25.80
N GLY C 91 21.51 12.97 -26.51
CA GLY C 91 22.50 13.87 -25.92
C GLY C 91 21.92 15.18 -25.44
N GLY C 92 20.95 15.72 -26.18
CA GLY C 92 20.30 16.98 -25.83
C GLY C 92 19.55 16.89 -24.53
N GLN C 93 18.75 15.84 -24.36
CA GLN C 93 18.07 15.58 -23.10
C GLN C 93 19.05 15.33 -21.96
N ILE C 94 20.06 14.51 -22.22
CA ILE C 94 20.96 14.22 -21.11
C ILE C 94 21.69 15.50 -20.69
N ASN C 95 22.04 16.36 -21.66
CA ASN C 95 22.71 17.61 -21.38
C ASN C 95 21.94 18.62 -20.58
N LEU C 96 20.63 18.60 -20.73
CA LEU C 96 19.76 19.41 -19.89
C LEU C 96 19.98 19.07 -18.41
N VAL C 97 20.18 17.78 -18.15
CA VAL C 97 20.41 17.30 -16.78
C VAL C 97 21.82 17.68 -16.36
N LEU C 98 22.81 17.31 -17.17
CA LEU C 98 24.20 17.62 -16.83
C LEU C 98 24.42 19.11 -16.59
N LEU C 99 23.69 19.97 -17.32
CA LEU C 99 23.90 21.41 -17.15
C LEU C 99 22.84 22.12 -16.28
N GLY C 100 21.83 21.37 -15.81
CA GLY C 100 20.67 21.93 -15.13
C GLY C 100 20.56 21.66 -13.64
N ILE C 101 21.42 20.76 -13.11
CA ILE C 101 21.35 20.40 -11.69
C ILE C 101 21.46 21.63 -10.79
N ASP C 102 22.29 22.59 -11.16
CA ASP C 102 22.49 23.76 -10.30
C ASP C 102 21.33 24.73 -10.46
N SER C 103 20.44 24.50 -11.41
CA SER C 103 19.28 25.38 -11.57
C SER C 103 18.04 24.92 -10.81
N LEU C 104 18.12 23.74 -10.17
CA LEU C 104 17.03 23.18 -9.37
C LEU C 104 17.15 23.53 -7.91
N ASN C 105 16.06 23.98 -7.29
CA ASN C 105 15.95 24.06 -5.84
C ASN C 105 16.09 22.68 -5.17
N ASP C 106 16.44 22.66 -3.88
CA ASP C 106 16.39 21.44 -3.07
C ASP C 106 15.07 20.70 -3.31
N LYS C 107 15.17 19.38 -3.48
CA LYS C 107 13.97 18.49 -3.62
C LYS C 107 13.23 18.73 -4.94
N GLY C 108 13.86 19.45 -5.87
CA GLY C 108 13.34 19.63 -7.23
C GLY C 108 13.47 18.34 -8.03
N SER C 109 13.02 18.36 -9.29
CA SER C 109 13.05 17.13 -10.12
C SER C 109 13.42 17.37 -11.59
N PHE C 110 13.89 16.31 -12.26
CA PHE C 110 13.97 16.28 -13.72
C PHE C 110 12.99 15.23 -14.21
N THR C 111 12.34 15.49 -15.34
CA THR C 111 11.53 14.46 -16.01
C THR C 111 11.89 14.47 -17.50
N LEU C 112 12.33 13.35 -18.04
CA LEU C 112 12.70 13.26 -19.47
C LEU C 112 11.80 12.30 -20.24
N THR C 113 11.77 12.43 -21.57
CA THR C 113 10.89 11.61 -22.39
C THR C 113 11.68 10.49 -23.06
N THR C 114 11.06 9.31 -23.12
CA THR C 114 11.60 8.16 -23.84
C THR C 114 10.55 7.69 -24.85
N GLY C 115 10.02 6.46 -24.71
CA GLY C 115 9.02 5.99 -25.64
C GLY C 115 9.05 4.49 -25.87
N ILE C 116 7.89 3.96 -26.30
CA ILE C 116 7.66 2.52 -26.42
C ILE C 116 8.60 1.77 -27.38
N MSE C 117 9.25 2.49 -28.29
CA MSE C 117 10.09 1.83 -29.34
C MSE C 117 11.26 1.05 -28.79
O MSE C 117 11.74 0.11 -29.45
CB MSE C 117 10.56 2.84 -30.37
CG MSE C 117 9.52 3.13 -31.40
SE MSE C 117 10.13 4.45 -32.66
CE MSE C 117 9.20 5.97 -31.97
N MSE C 118 11.68 1.37 -27.56
CA MSE C 118 12.75 0.62 -26.90
C MSE C 118 12.32 -0.78 -26.49
O MSE C 118 13.13 -1.72 -26.59
CB MSE C 118 13.33 1.39 -25.70
CG MSE C 118 12.38 1.58 -24.55
SE MSE C 118 13.21 2.48 -23.05
CE MSE C 118 11.60 2.73 -21.99
N GLU C 119 11.07 -0.95 -26.10
CA GLU C 119 10.58 -2.28 -25.73
C GLU C 119 9.69 -2.97 -26.76
N ASP C 120 9.18 -2.20 -27.72
CA ASP C 120 8.24 -2.75 -28.70
C ASP C 120 8.69 -2.20 -30.06
N PRO C 121 9.76 -2.80 -30.64
CA PRO C 121 10.45 -2.20 -31.78
C PRO C 121 9.62 -2.19 -33.05
N ILE C 122 9.86 -1.20 -33.91
CA ILE C 122 9.23 -1.10 -35.23
C ILE C 122 10.31 -0.84 -36.28
N VAL C 123 10.04 -1.24 -37.52
CA VAL C 123 10.89 -0.89 -38.66
C VAL C 123 11.07 0.63 -38.71
N GLN C 124 12.33 1.05 -38.89
CA GLN C 124 12.79 2.45 -38.95
C GLN C 124 13.09 3.00 -37.57
N GLY C 125 12.83 2.20 -36.56
CA GLY C 125 12.86 2.70 -35.20
C GLY C 125 14.13 2.45 -34.39
N ALA C 126 15.18 1.86 -34.97
CA ALA C 126 16.39 1.50 -34.20
C ALA C 126 17.05 2.69 -33.52
N SER C 127 17.03 3.82 -34.22
CA SER C 127 17.69 5.04 -33.77
C SER C 127 16.94 5.66 -32.61
N ALA C 128 15.62 5.80 -32.77
CA ALA C 128 14.75 6.17 -31.63
C ALA C 128 14.88 5.21 -30.45
N ALA C 129 14.97 3.91 -30.73
CA ALA C 129 15.10 2.90 -29.67
C ALA C 129 16.36 3.12 -28.85
N MSE C 130 17.49 3.25 -29.55
CA MSE C 130 18.77 3.62 -28.96
C MSE C 130 18.64 4.80 -27.94
O MSE C 130 19.09 4.67 -26.80
CB MSE C 130 19.76 4.00 -30.06
CG MSE C 130 21.11 4.41 -29.55
SE MSE C 130 22.21 5.35 -30.86
CE MSE C 130 21.08 6.98 -31.15
N ALA C 131 18.03 5.91 -28.39
CA ALA C 131 17.89 7.11 -27.57
C ALA C 131 17.05 6.82 -26.34
N ASN C 132 15.95 6.11 -26.55
CA ASN C 132 15.05 5.78 -25.46
C ASN C 132 15.72 4.91 -24.39
N GLY C 133 16.47 3.91 -24.83
CA GLY C 133 17.26 3.08 -23.91
C GLY C 133 18.28 3.86 -23.09
N ALA C 134 19.02 4.71 -23.79
CA ALA C 134 20.06 5.58 -23.24
C ALA C 134 19.51 6.52 -22.14
N VAL C 135 18.45 7.25 -22.47
CA VAL C 135 17.85 8.17 -21.53
C VAL C 135 17.25 7.41 -20.33
N THR C 136 16.59 6.27 -20.57
CA THR C 136 16.01 5.47 -19.47
C THR C 136 17.09 5.04 -18.45
N ALA C 137 18.15 4.42 -18.95
CA ALA C 137 19.26 3.92 -18.12
C ALA C 137 20.06 5.03 -17.40
N PHE C 138 20.39 6.11 -18.14
CA PHE C 138 21.05 7.30 -17.57
C PHE C 138 20.26 7.83 -16.37
N ALA C 139 18.94 7.95 -16.49
CA ALA C 139 18.07 8.42 -15.40
C ALA C 139 17.99 7.46 -14.22
N LYS C 140 17.97 6.16 -14.52
CA LYS C 140 17.93 5.17 -13.45
C LYS C 140 19.19 5.30 -12.58
N SER C 141 20.34 5.42 -13.24
CA SER C 141 21.64 5.56 -12.60
C SER C 141 21.82 6.93 -11.95
N ALA C 142 21.49 8.00 -12.68
CA ALA C 142 21.66 9.36 -12.14
C ALA C 142 20.87 9.56 -10.84
N ALA C 143 19.68 8.95 -10.74
CA ALA C 143 18.84 9.03 -9.50
C ALA C 143 19.61 8.75 -8.20
N ILE C 144 20.55 7.81 -8.23
CA ILE C 144 21.28 7.51 -6.99
C ILE C 144 22.34 8.57 -6.59
N GLU C 145 22.66 9.51 -7.50
CA GLU C 145 23.74 10.46 -7.31
C GLU C 145 23.28 11.92 -7.23
N MSE C 146 21.98 12.15 -7.34
CA MSE C 146 21.46 13.52 -7.27
C MSE C 146 21.67 14.17 -5.90
O MSE C 146 21.29 13.60 -4.88
CB MSE C 146 19.98 13.56 -7.64
CG MSE C 146 19.71 13.26 -9.10
SE MSE C 146 20.27 14.78 -10.22
CE MSE C 146 20.14 13.92 -11.94
N PRO C 147 22.24 15.40 -5.88
CA PRO C 147 22.38 16.11 -4.63
C PRO C 147 21.07 16.78 -4.20
N ARG C 148 21.04 17.22 -2.94
CA ARG C 148 20.00 18.10 -2.38
C ARG C 148 18.54 17.56 -2.52
N GLY C 149 18.40 16.23 -2.47
CA GLY C 149 17.09 15.61 -2.50
C GLY C 149 16.41 15.63 -3.86
N ILE C 150 17.19 15.91 -4.92
CA ILE C 150 16.65 16.04 -6.29
C ILE C 150 16.23 14.67 -6.84
N ARG C 151 15.11 14.64 -7.57
CA ARG C 151 14.60 13.42 -8.20
C ARG C 151 14.74 13.44 -9.73
N ILE C 152 14.79 12.26 -10.34
CA ILE C 152 14.79 12.17 -11.82
C ILE C 152 14.07 10.93 -12.31
N ASN C 153 13.07 11.14 -13.18
CA ASN C 153 12.32 10.03 -13.75
C ASN C 153 12.22 10.23 -15.24
N THR C 154 11.76 9.18 -15.93
CA THR C 154 11.42 9.28 -17.34
C THR C 154 9.96 8.85 -17.59
N VAL C 155 9.42 9.36 -18.69
CA VAL C 155 8.06 8.98 -19.10
C VAL C 155 8.18 8.37 -20.48
N SER C 156 7.59 7.19 -20.64
CA SER C 156 7.72 6.41 -21.89
C SER C 156 6.35 6.29 -22.58
N PRO C 157 6.06 7.17 -23.54
CA PRO C 157 4.74 7.11 -24.19
C PRO C 157 4.64 6.06 -25.29
N ASN C 158 3.45 5.50 -25.46
CA ASN C 158 3.10 4.82 -26.71
C ASN C 158 2.85 5.92 -27.77
N VAL C 159 2.68 5.52 -29.02
CA VAL C 159 2.18 6.44 -30.06
C VAL C 159 0.88 7.14 -29.56
N LEU C 160 0.78 8.45 -29.80
CA LEU C 160 -0.34 9.26 -29.31
C LEU C 160 -1.53 9.19 -30.26
N GLU C 161 -2.73 9.12 -29.69
CA GLU C 161 -3.94 9.22 -30.49
C GLU C 161 -3.88 10.44 -31.41
N GLU C 162 -3.36 11.55 -30.86
CA GLU C 162 -3.34 12.84 -31.55
C GLU C 162 -2.36 12.87 -32.72
N SER C 163 -1.60 11.78 -32.86
CA SER C 163 -0.65 11.62 -33.94
C SER C 163 -0.98 10.38 -34.78
N TRP C 164 -2.03 9.66 -34.42
CA TRP C 164 -2.37 8.41 -35.08
C TRP C 164 -2.60 8.53 -36.59
N ASP C 165 -3.24 9.62 -37.02
CA ASP C 165 -3.46 9.90 -38.44
C ASP C 165 -2.17 9.85 -39.25
N LYS C 166 -1.14 10.53 -38.75
CA LYS C 166 0.17 10.57 -39.42
C LYS C 166 1.07 9.37 -39.11
N LEU C 167 0.94 8.79 -37.92
CA LEU C 167 1.85 7.73 -37.48
C LEU C 167 1.41 6.28 -37.68
N GLU C 168 0.11 6.05 -37.87
CA GLU C 168 -0.41 4.69 -38.00
C GLU C 168 0.37 3.75 -38.97
N PRO C 169 0.78 4.25 -40.16
CA PRO C 169 1.56 3.38 -41.08
C PRO C 169 2.89 2.89 -40.51
N PHE C 170 3.43 3.63 -39.54
CA PHE C 170 4.63 3.20 -38.85
C PHE C 170 4.34 2.25 -37.67
N PHE C 171 3.09 2.22 -37.21
CA PHE C 171 2.77 1.55 -35.95
C PHE C 171 1.55 0.66 -36.10
N GLU C 172 1.49 -0.11 -37.19
CA GLU C 172 0.30 -0.90 -37.53
C GLU C 172 0.01 -1.95 -36.45
N GLY C 173 -1.24 -2.00 -35.99
CA GLY C 173 -1.63 -2.96 -34.94
C GLY C 173 -1.37 -2.47 -33.51
N PHE C 174 -0.66 -1.36 -33.37
CA PHE C 174 -0.53 -0.64 -32.10
C PHE C 174 -1.87 -0.03 -31.69
N LEU C 175 -2.01 0.25 -30.39
CA LEU C 175 -3.18 0.89 -29.88
C LEU C 175 -2.73 2.20 -29.24
N PRO C 176 -2.97 3.34 -29.91
CA PRO C 176 -2.43 4.59 -29.36
C PRO C 176 -3.11 4.99 -28.04
N VAL C 177 -2.47 5.94 -27.37
CA VAL C 177 -2.89 6.44 -26.06
C VAL C 177 -3.16 7.96 -26.15
N PRO C 178 -4.14 8.45 -25.37
CA PRO C 178 -4.30 9.91 -25.33
C PRO C 178 -3.10 10.66 -24.76
N ALA C 179 -2.74 11.78 -25.39
CA ALA C 179 -1.71 12.68 -24.85
C ALA C 179 -2.02 13.16 -23.44
N ALA C 180 -3.30 13.29 -23.11
CA ALA C 180 -3.68 13.70 -21.75
C ALA C 180 -3.39 12.62 -20.72
N LYS C 181 -3.46 11.35 -21.15
CA LYS C 181 -3.11 10.25 -20.28
C LYS C 181 -1.61 10.25 -20.02
N VAL C 182 -0.83 10.56 -21.05
CA VAL C 182 0.60 10.60 -20.91
C VAL C 182 0.97 11.78 -20.01
N ALA C 183 0.32 12.92 -20.21
CA ALA C 183 0.61 14.10 -19.41
C ALA C 183 0.47 13.84 -17.90
N ARG C 184 -0.45 12.94 -17.52
CA ARG C 184 -0.63 12.53 -16.13
C ARG C 184 0.65 11.93 -15.49
N ALA C 185 1.40 11.11 -16.24
CA ALA C 185 2.67 10.56 -15.76
C ALA C 185 3.75 11.63 -15.53
N PHE C 186 3.72 12.68 -16.35
CA PHE C 186 4.57 13.86 -16.11
C PHE C 186 4.16 14.53 -14.80
N GLU C 187 2.86 14.73 -14.60
CA GLU C 187 2.38 15.28 -13.33
C GLU C 187 2.77 14.37 -12.13
N LYS C 188 2.60 13.07 -12.31
CA LYS C 188 3.06 12.09 -11.30
C LYS C 188 4.56 12.29 -10.97
N SER C 189 5.40 12.42 -12.01
CA SER C 189 6.82 12.68 -11.81
C SER C 189 7.08 14.00 -11.07
N VAL C 190 6.41 15.07 -11.48
CA VAL C 190 6.71 16.39 -10.94
C VAL C 190 6.23 16.52 -9.48
N PHE C 191 5.00 16.07 -9.25
CA PHE C 191 4.33 16.29 -7.97
C PHE C 191 4.37 15.12 -7.04
N GLY C 192 4.78 13.96 -7.57
CA GLY C 192 5.08 12.78 -6.73
C GLY C 192 6.45 12.91 -6.06
N ALA C 193 6.91 11.79 -5.51
CA ALA C 193 8.16 11.76 -4.76
C ALA C 193 9.07 10.59 -5.10
N GLN C 194 8.81 9.97 -6.23
CA GLN C 194 9.57 8.79 -6.61
C GLN C 194 10.72 9.26 -7.45
N THR C 195 11.70 8.39 -7.62
CA THR C 195 12.86 8.73 -8.41
C THR C 195 13.41 7.48 -9.11
N GLY C 196 14.14 7.69 -10.21
CA GLY C 196 14.75 6.60 -10.98
C GLY C 196 13.73 5.66 -11.61
N GLU C 197 12.51 6.15 -11.80
CA GLU C 197 11.41 5.34 -12.37
C GLU C 197 11.31 5.59 -13.86
N SER C 198 10.82 4.59 -14.58
CA SER C 198 10.44 4.75 -15.97
C SER C 198 8.91 4.57 -16.01
N TYR C 199 8.15 5.65 -16.22
CA TYR C 199 6.70 5.57 -16.21
C TYR C 199 6.17 5.23 -17.60
N GLN C 200 5.73 3.98 -17.76
CA GLN C 200 5.19 3.53 -19.05
C GLN C 200 3.74 3.91 -19.21
N VAL C 201 3.43 4.56 -20.34
CA VAL C 201 2.07 4.84 -20.71
C VAL C 201 1.83 4.17 -22.04
N TYR C 202 1.65 2.84 -22.01
CA TYR C 202 1.54 2.05 -23.22
C TYR C 202 0.09 1.64 -23.51
N ASN D 2 29.46 -23.73 -41.43
CA ASN D 2 30.23 -24.95 -41.02
C ASN D 2 31.67 -24.62 -40.56
N ALA D 3 32.52 -24.10 -41.45
CA ALA D 3 33.79 -23.49 -41.02
C ALA D 3 33.57 -22.02 -40.68
N MSE D 4 33.47 -21.75 -39.38
CA MSE D 4 33.17 -20.42 -38.85
C MSE D 4 34.37 -19.45 -38.79
O MSE D 4 35.47 -19.80 -38.36
CB MSE D 4 32.59 -20.57 -37.44
CG MSE D 4 31.60 -19.53 -37.07
SE MSE D 4 29.83 -20.12 -37.60
CE MSE D 4 28.86 -18.82 -36.54
N LYS D 5 34.12 -18.20 -39.20
CA LYS D 5 35.10 -17.13 -39.10
C LYS D 5 34.52 -16.00 -38.25
N ILE D 6 35.24 -15.57 -37.23
CA ILE D 6 34.77 -14.57 -36.27
C ILE D 6 35.73 -13.39 -36.12
N LEU D 7 35.20 -12.18 -36.25
CA LEU D 7 35.98 -10.98 -35.95
C LEU D 7 35.70 -10.58 -34.51
N LEU D 8 36.75 -10.63 -33.69
CA LEU D 8 36.62 -10.32 -32.28
C LEU D 8 37.31 -9.00 -32.00
N ILE D 9 36.52 -7.96 -31.73
CA ILE D 9 37.04 -6.63 -31.43
C ILE D 9 37.13 -6.50 -29.92
N GLY D 10 38.33 -6.17 -29.42
CA GLY D 10 38.55 -6.05 -27.97
C GLY D 10 39.20 -7.28 -27.37
N ALA D 11 39.83 -8.10 -28.21
CA ALA D 11 40.34 -9.42 -27.82
C ALA D 11 41.40 -9.41 -26.71
N SER D 12 42.17 -8.32 -26.61
CA SER D 12 43.22 -8.21 -25.60
C SER D 12 42.73 -7.79 -24.19
N GLY D 13 41.48 -7.34 -24.09
CA GLY D 13 40.86 -6.97 -22.81
C GLY D 13 40.62 -8.19 -21.93
N THR D 14 40.30 -7.96 -20.66
CA THR D 14 40.05 -9.06 -19.73
C THR D 14 38.92 -9.92 -20.27
N LEU D 15 37.77 -9.27 -20.50
CA LEU D 15 36.63 -9.96 -21.06
C LEU D 15 36.92 -10.55 -22.45
N GLY D 16 37.41 -9.72 -23.39
CA GLY D 16 37.77 -10.16 -24.74
C GLY D 16 38.65 -11.41 -24.81
N SER D 17 39.62 -11.50 -23.90
CA SER D 17 40.56 -12.58 -23.95
C SER D 17 39.94 -13.88 -23.44
N ALA D 18 39.01 -13.77 -22.48
CA ALA D 18 38.18 -14.92 -22.09
C ALA D 18 37.26 -15.34 -23.24
N VAL D 19 36.76 -14.38 -23.99
CA VAL D 19 35.89 -14.66 -25.15
C VAL D 19 36.68 -15.40 -26.22
N LYS D 20 37.84 -14.85 -26.58
CA LYS D 20 38.74 -15.47 -27.52
C LYS D 20 39.01 -16.96 -27.18
N GLU D 21 39.27 -17.22 -25.90
CA GLU D 21 39.59 -18.57 -25.46
C GLU D 21 38.51 -19.60 -25.74
N ARG D 22 37.25 -19.22 -25.51
CA ARG D 22 36.11 -20.09 -25.85
C ARG D 22 35.95 -20.25 -27.37
N LEU D 23 35.78 -19.13 -28.07
CA LEU D 23 35.47 -19.11 -29.51
C LEU D 23 36.56 -19.72 -30.41
N GLU D 24 37.82 -19.60 -29.99
CA GLU D 24 38.96 -20.23 -30.64
C GLU D 24 38.81 -21.72 -30.89
N LYS D 25 38.21 -22.43 -29.93
CA LYS D 25 38.08 -23.88 -29.98
C LYS D 25 37.18 -24.33 -31.13
N LYS D 26 36.30 -23.42 -31.57
CA LYS D 26 35.22 -23.74 -32.50
C LYS D 26 35.27 -22.99 -33.84
N ALA D 27 36.17 -22.01 -33.97
CA ALA D 27 36.21 -21.10 -35.13
C ALA D 27 37.59 -20.46 -35.34
N GLU D 28 37.82 -19.98 -36.55
CA GLU D 28 38.90 -19.04 -36.81
C GLU D 28 38.56 -17.68 -36.20
N VAL D 29 39.38 -17.20 -35.28
CA VAL D 29 39.16 -15.87 -34.69
C VAL D 29 40.20 -14.88 -35.25
N ILE D 30 39.70 -13.83 -35.88
CA ILE D 30 40.51 -12.71 -36.30
C ILE D 30 40.36 -11.66 -35.21
N THR D 31 41.48 -11.22 -34.65
CA THR D 31 41.41 -10.30 -33.52
C THR D 31 41.55 -8.87 -34.01
N ALA D 32 40.95 -7.93 -33.28
CA ALA D 32 41.03 -6.53 -33.61
C ALA D 32 41.08 -5.69 -32.34
N GLY D 33 41.82 -4.59 -32.39
CA GLY D 33 41.88 -3.68 -31.24
C GLY D 33 42.50 -2.37 -31.68
N ARG D 34 42.65 -1.44 -30.75
CA ARG D 34 43.23 -0.13 -31.06
C ARG D 34 44.72 -0.22 -31.42
N HIS D 35 45.46 -0.91 -30.56
CA HIS D 35 46.90 -0.99 -30.70
C HIS D 35 47.37 -2.44 -30.86
N SER D 36 46.41 -3.36 -30.95
CA SER D 36 46.66 -4.79 -30.87
C SER D 36 45.74 -5.55 -31.83
N GLY D 37 46.16 -6.71 -32.33
CA GLY D 37 45.31 -7.55 -33.17
C GLY D 37 45.77 -7.84 -34.59
N ASP D 38 45.22 -8.90 -35.19
CA ASP D 38 45.37 -9.18 -36.63
C ASP D 38 45.00 -7.96 -37.48
N VAL D 39 43.99 -7.20 -37.06
CA VAL D 39 43.64 -5.97 -37.76
C VAL D 39 43.46 -4.96 -36.65
N THR D 40 43.72 -3.69 -36.92
CA THR D 40 43.48 -2.66 -35.89
C THR D 40 42.33 -1.74 -36.28
N VAL D 41 41.76 -1.07 -35.29
CA VAL D 41 40.58 -0.22 -35.46
C VAL D 41 40.51 0.80 -34.31
N ASP D 42 40.25 2.05 -34.66
CA ASP D 42 39.80 3.07 -33.71
C ASP D 42 38.30 3.18 -33.90
N ILE D 43 37.53 2.63 -32.95
CA ILE D 43 36.08 2.55 -33.07
C ILE D 43 35.44 3.92 -32.93
N THR D 44 36.17 4.91 -32.43
CA THR D 44 35.66 6.31 -32.39
C THR D 44 35.76 7.01 -33.75
N ASN D 45 36.41 6.36 -34.71
CA ASN D 45 36.63 6.94 -36.01
C ASN D 45 35.97 6.08 -37.11
N ILE D 46 34.97 6.66 -37.77
CA ILE D 46 34.19 6.02 -38.85
C ILE D 46 35.05 5.46 -40.00
N ASP D 47 35.95 6.26 -40.56
CA ASP D 47 36.79 5.77 -41.65
C ASP D 47 37.68 4.61 -41.23
N SER D 48 38.19 4.66 -40.00
CA SER D 48 38.95 3.58 -39.41
C SER D 48 38.13 2.26 -39.33
N ILE D 49 36.87 2.35 -38.92
CA ILE D 49 36.03 1.14 -38.91
C ILE D 49 35.86 0.59 -40.33
N LYS D 50 35.58 1.49 -41.27
CA LYS D 50 35.39 1.06 -42.66
C LYS D 50 36.64 0.40 -43.20
N LYS D 51 37.81 0.97 -42.90
CA LYS D 51 39.08 0.36 -43.33
C LYS D 51 39.24 -1.04 -42.74
N MSE D 52 38.95 -1.19 -41.46
CA MSE D 52 39.01 -2.50 -40.81
C MSE D 52 38.18 -3.52 -41.58
O MSE D 52 38.68 -4.60 -41.91
CB MSE D 52 38.60 -2.44 -39.34
CG MSE D 52 38.57 -3.83 -38.67
SE MSE D 52 37.56 -3.91 -37.05
CE MSE D 52 35.79 -3.52 -37.73
N TYR D 53 36.94 -3.18 -41.88
CA TYR D 53 36.04 -4.09 -42.58
C TYR D 53 36.46 -4.44 -44.03
N GLU D 54 37.09 -3.48 -44.72
CA GLU D 54 37.70 -3.75 -46.05
C GLU D 54 38.85 -4.74 -45.91
N GLN D 55 39.71 -4.52 -44.92
CA GLN D 55 40.79 -5.44 -44.63
C GLN D 55 40.28 -6.85 -44.33
N VAL D 56 39.27 -6.95 -43.46
CA VAL D 56 38.77 -8.24 -42.96
C VAL D 56 38.02 -9.10 -43.98
N GLY D 57 37.27 -8.47 -44.91
CA GLY D 57 36.37 -9.21 -45.81
C GLY D 57 35.17 -9.84 -45.11
N LYS D 58 34.61 -10.90 -45.71
CA LYS D 58 33.40 -11.53 -45.18
C LYS D 58 33.68 -12.41 -43.97
N VAL D 59 32.88 -12.24 -42.91
CA VAL D 59 32.89 -13.14 -41.75
C VAL D 59 31.50 -13.67 -41.35
N ASP D 60 31.50 -14.62 -40.43
CA ASP D 60 30.26 -15.23 -39.95
C ASP D 60 29.76 -14.53 -38.70
N ALA D 61 30.66 -13.95 -37.93
CA ALA D 61 30.27 -13.28 -36.67
C ALA D 61 31.16 -12.10 -36.40
N ILE D 62 30.56 -11.04 -35.85
CA ILE D 62 31.29 -9.87 -35.40
C ILE D 62 30.89 -9.71 -33.93
N VAL D 63 31.92 -9.71 -33.09
CA VAL D 63 31.81 -9.73 -31.66
C VAL D 63 32.56 -8.52 -31.14
N SER D 64 31.85 -7.69 -30.39
CA SER D 64 32.45 -6.52 -29.78
C SER D 64 32.52 -6.75 -28.29
N ALA D 65 33.74 -6.87 -27.76
CA ALA D 65 33.98 -6.86 -26.32
C ALA D 65 34.83 -5.62 -26.00
N THR D 66 34.39 -4.48 -26.53
CA THR D 66 35.19 -3.25 -26.54
C THR D 66 34.29 -2.06 -26.24
N GLY D 67 34.89 -0.88 -26.10
CA GLY D 67 34.12 0.34 -25.90
C GLY D 67 34.33 0.87 -24.51
N SER D 68 34.64 2.16 -24.41
CA SER D 68 34.93 2.79 -23.13
C SER D 68 33.87 3.81 -22.78
N ALA D 69 33.66 3.97 -21.48
CA ALA D 69 32.68 4.90 -20.91
C ALA D 69 33.35 5.72 -19.79
N THR D 70 33.14 7.04 -19.81
CA THR D 70 33.57 7.88 -18.70
C THR D 70 32.99 7.39 -17.38
N PHE D 71 33.88 7.28 -16.37
CA PHE D 71 33.54 6.82 -15.02
C PHE D 71 33.78 7.97 -14.05
N SER D 72 32.87 8.94 -14.09
CA SER D 72 32.94 10.18 -13.29
C SER D 72 31.72 10.31 -12.36
N PRO D 73 31.90 10.91 -11.16
CA PRO D 73 30.75 11.29 -10.34
C PRO D 73 29.80 12.15 -11.16
N LEU D 74 28.50 11.98 -10.92
CA LEU D 74 27.47 12.73 -11.64
C LEU D 74 27.66 14.24 -11.67
N THR D 75 27.99 14.85 -10.53
CA THR D 75 28.12 16.29 -10.50
C THR D 75 29.41 16.78 -11.18
N GLU D 76 30.28 15.86 -11.56
CA GLU D 76 31.52 16.16 -12.28
C GLU D 76 31.43 15.75 -13.74
N LEU D 77 30.29 15.17 -14.12
CA LEU D 77 30.10 14.64 -15.45
C LEU D 77 29.61 15.77 -16.37
N THR D 78 30.51 16.31 -17.18
CA THR D 78 30.13 17.38 -18.08
C THR D 78 29.69 16.82 -19.44
N PRO D 79 29.05 17.66 -20.28
CA PRO D 79 28.82 17.22 -21.66
C PRO D 79 30.09 16.70 -22.37
N GLU D 80 31.23 17.37 -22.19
CA GLU D 80 32.49 16.98 -22.82
C GLU D 80 32.91 15.59 -22.37
N LYS D 81 32.83 15.33 -21.07
CA LYS D 81 33.18 14.02 -20.50
C LYS D 81 32.26 12.93 -21.00
N ASN D 82 30.99 13.27 -21.11
CA ASN D 82 29.96 12.32 -21.51
C ASN D 82 30.06 11.98 -23.02
N ALA D 83 30.56 12.93 -23.80
CA ALA D 83 30.81 12.79 -25.23
C ALA D 83 31.81 11.70 -25.56
N VAL D 84 32.70 11.42 -24.63
CA VAL D 84 33.68 10.35 -24.79
C VAL D 84 32.96 8.99 -24.80
N THR D 85 32.14 8.75 -23.78
CA THR D 85 31.28 7.55 -23.77
C THR D 85 30.51 7.42 -25.09
N ILE D 86 29.87 8.53 -25.47
CA ILE D 86 29.04 8.59 -26.66
C ILE D 86 29.79 8.14 -27.92
N SER D 87 31.07 8.51 -28.03
CA SER D 87 31.83 8.12 -29.22
C SER D 87 32.37 6.70 -29.17
N SER D 88 32.44 6.11 -27.97
CA SER D 88 33.14 4.83 -27.78
C SER D 88 32.24 3.63 -27.42
N LYS D 89 31.98 3.41 -26.12
CA LYS D 89 31.14 2.28 -25.72
C LYS D 89 29.78 2.36 -26.38
N LEU D 90 29.24 3.57 -26.54
CA LEU D 90 27.92 3.75 -27.16
C LEU D 90 28.01 3.75 -28.69
N GLY D 91 28.55 4.85 -29.24
CA GLY D 91 28.52 5.13 -30.68
C GLY D 91 29.49 4.25 -31.43
N GLY D 92 30.62 3.92 -30.80
CA GLY D 92 31.60 3.05 -31.38
C GLY D 92 31.05 1.66 -31.64
N GLN D 93 30.39 1.06 -30.63
CA GLN D 93 29.81 -0.28 -30.83
C GLN D 93 28.65 -0.27 -31.84
N ILE D 94 27.86 0.78 -31.83
CA ILE D 94 26.72 0.85 -32.75
C ILE D 94 27.20 1.01 -34.19
N ASN D 95 28.22 1.84 -34.38
CA ASN D 95 28.85 2.03 -35.68
C ASN D 95 29.45 0.76 -36.23
N LEU D 96 29.99 -0.10 -35.35
CA LEU D 96 30.46 -1.40 -35.85
C LEU D 96 29.32 -2.18 -36.49
N VAL D 97 28.10 -2.00 -36.00
CA VAL D 97 26.91 -2.62 -36.59
C VAL D 97 26.51 -1.86 -37.87
N LEU D 98 26.37 -0.54 -37.77
CA LEU D 98 25.93 0.21 -38.96
C LEU D 98 26.88 0.04 -40.16
N LEU D 99 28.17 -0.12 -39.89
CA LEU D 99 29.18 -0.26 -40.96
C LEU D 99 29.55 -1.71 -41.33
N GLY D 100 29.12 -2.68 -40.51
CA GLY D 100 29.50 -4.08 -40.64
C GLY D 100 28.50 -5.10 -41.20
N ILE D 101 27.24 -4.70 -41.42
CA ILE D 101 26.22 -5.64 -41.95
C ILE D 101 26.65 -6.26 -43.28
N ASP D 102 27.29 -5.44 -44.11
CA ASP D 102 27.75 -5.85 -45.43
C ASP D 102 28.93 -6.82 -45.35
N SER D 103 29.56 -6.90 -44.18
CA SER D 103 30.66 -7.84 -43.94
C SER D 103 30.21 -9.18 -43.38
N LEU D 104 28.92 -9.32 -43.09
CA LEU D 104 28.46 -10.59 -42.54
C LEU D 104 27.93 -11.52 -43.60
N ASN D 105 28.32 -12.79 -43.48
CA ASN D 105 27.75 -13.84 -44.28
C ASN D 105 26.25 -14.03 -43.93
N ASP D 106 25.51 -14.63 -44.83
CA ASP D 106 24.11 -14.97 -44.60
C ASP D 106 23.98 -15.76 -43.30
N LYS D 107 23.00 -15.41 -42.46
CA LYS D 107 22.78 -16.09 -41.17
C LYS D 107 23.87 -15.80 -40.13
N GLY D 108 24.71 -14.79 -40.38
CA GLY D 108 25.76 -14.36 -39.46
C GLY D 108 25.13 -13.65 -38.26
N SER D 109 25.96 -13.18 -37.33
CA SER D 109 25.45 -12.48 -36.14
C SER D 109 26.37 -11.36 -35.66
N PHE D 110 25.79 -10.38 -34.96
CA PHE D 110 26.54 -9.40 -34.15
C PHE D 110 26.37 -9.73 -32.66
N THR D 111 27.42 -9.59 -31.87
CA THR D 111 27.27 -9.64 -30.40
C THR D 111 27.93 -8.40 -29.80
N LEU D 112 27.18 -7.64 -29.00
CA LEU D 112 27.69 -6.38 -28.43
C LEU D 112 27.79 -6.45 -26.91
N THR D 113 28.65 -5.65 -26.28
CA THR D 113 28.78 -5.77 -24.81
C THR D 113 28.09 -4.61 -24.10
N THR D 114 27.31 -4.91 -23.06
CA THR D 114 26.68 -3.88 -22.25
C THR D 114 27.27 -3.93 -20.82
N GLY D 115 26.43 -4.16 -19.79
CA GLY D 115 26.92 -4.24 -18.42
C GLY D 115 25.85 -3.98 -17.37
N ILE D 116 26.05 -4.59 -16.20
CA ILE D 116 25.13 -4.50 -15.07
C ILE D 116 24.87 -3.05 -14.60
N MSE D 117 25.73 -2.12 -14.96
CA MSE D 117 25.57 -0.75 -14.44
C MSE D 117 24.29 -0.08 -14.90
O MSE D 117 23.81 0.83 -14.24
CB MSE D 117 26.78 0.11 -14.76
CG MSE D 117 27.87 -0.10 -13.76
SE MSE D 117 29.33 1.12 -14.11
CE MSE D 117 30.45 -0.08 -15.12
N MSE D 118 23.75 -0.50 -16.04
CA MSE D 118 22.42 -0.03 -16.47
C MSE D 118 21.25 -0.54 -15.63
O MSE D 118 20.16 0.04 -15.69
CB MSE D 118 22.19 -0.40 -17.94
CG MSE D 118 22.06 -1.91 -18.15
SE MSE D 118 21.52 -2.34 -19.98
CE MSE D 118 21.68 -4.27 -19.90
N GLU D 119 21.43 -1.64 -14.88
CA GLU D 119 20.31 -2.28 -14.13
C GLU D 119 20.48 -2.24 -12.61
N ASP D 120 21.73 -2.21 -12.15
CA ASP D 120 22.06 -2.24 -10.72
C ASP D 120 23.09 -1.14 -10.52
N PRO D 121 22.62 0.12 -10.51
CA PRO D 121 23.55 1.24 -10.70
C PRO D 121 24.50 1.52 -9.54
N ILE D 122 25.64 2.12 -9.86
CA ILE D 122 26.61 2.54 -8.85
C ILE D 122 27.00 4.02 -9.02
N VAL D 123 27.56 4.59 -7.96
CA VAL D 123 28.10 5.94 -8.04
C VAL D 123 29.25 5.92 -9.06
N GLN D 124 29.30 6.96 -9.89
CA GLN D 124 30.19 7.09 -11.06
C GLN D 124 29.76 6.35 -12.32
N GLY D 125 28.65 5.61 -12.23
CA GLY D 125 28.22 4.77 -13.34
C GLY D 125 27.23 5.35 -14.35
N ALA D 126 26.81 6.60 -14.21
CA ALA D 126 25.70 7.15 -15.01
C ALA D 126 25.95 7.12 -16.51
N SER D 127 27.18 7.45 -16.89
CA SER D 127 27.55 7.52 -18.28
C SER D 127 27.68 6.11 -18.88
N ALA D 128 28.26 5.17 -18.12
CA ALA D 128 28.31 3.78 -18.62
C ALA D 128 26.88 3.16 -18.67
N ALA D 129 26.06 3.47 -17.66
CA ALA D 129 24.65 3.08 -17.66
C ALA D 129 23.92 3.51 -18.96
N MSE D 130 24.02 4.79 -19.29
CA MSE D 130 23.56 5.34 -20.59
C MSE D 130 23.98 4.51 -21.80
O MSE D 130 23.14 4.09 -22.60
CB MSE D 130 24.07 6.78 -20.75
CG MSE D 130 23.60 7.52 -22.02
SE MSE D 130 24.74 9.08 -22.44
CE MSE D 130 26.41 8.18 -22.82
N ALA D 131 25.29 4.29 -21.93
CA ALA D 131 25.86 3.52 -23.03
C ALA D 131 25.24 2.14 -23.06
N ASN D 132 25.21 1.47 -21.90
CA ASN D 132 24.65 0.10 -21.84
C ASN D 132 23.17 0.01 -22.23
N GLY D 133 22.37 0.95 -21.72
CA GLY D 133 20.96 1.03 -22.06
C GLY D 133 20.77 1.29 -23.56
N ALA D 134 21.59 2.19 -24.10
CA ALA D 134 21.51 2.57 -25.49
C ALA D 134 21.79 1.36 -26.39
N VAL D 135 22.83 0.62 -26.07
CA VAL D 135 23.27 -0.52 -26.88
C VAL D 135 22.25 -1.66 -26.78
N THR D 136 21.65 -1.83 -25.60
CA THR D 136 20.68 -2.92 -25.37
C THR D 136 19.46 -2.68 -26.26
N ALA D 137 18.94 -1.46 -26.19
CA ALA D 137 17.75 -1.06 -26.94
C ALA D 137 17.98 -1.03 -28.45
N PHE D 138 19.12 -0.50 -28.90
CA PHE D 138 19.49 -0.56 -30.33
C PHE D 138 19.44 -1.98 -30.89
N ALA D 139 20.11 -2.90 -30.20
CA ALA D 139 20.19 -4.31 -30.59
C ALA D 139 18.82 -5.01 -30.65
N LYS D 140 17.98 -4.78 -29.63
CA LYS D 140 16.62 -5.32 -29.60
C LYS D 140 15.83 -4.86 -30.82
N SER D 141 15.88 -3.55 -31.12
CA SER D 141 15.20 -3.00 -32.31
C SER D 141 15.83 -3.43 -33.64
N ALA D 142 17.15 -3.34 -33.74
CA ALA D 142 17.86 -3.72 -34.97
C ALA D 142 17.56 -5.17 -35.42
N ALA D 143 17.43 -6.08 -34.44
CA ALA D 143 17.14 -7.49 -34.68
C ALA D 143 15.97 -7.73 -35.67
N ILE D 144 14.98 -6.84 -35.65
CA ILE D 144 13.82 -7.01 -36.53
C ILE D 144 14.03 -6.50 -37.98
N GLU D 145 15.12 -5.77 -38.21
CA GLU D 145 15.43 -5.24 -39.54
C GLU D 145 16.64 -5.90 -40.22
N MSE D 146 17.22 -6.92 -39.61
CA MSE D 146 18.44 -7.51 -40.16
C MSE D 146 18.15 -8.23 -41.47
O MSE D 146 17.16 -8.93 -41.57
CB MSE D 146 19.14 -8.42 -39.15
CG MSE D 146 19.81 -7.61 -38.03
SE MSE D 146 21.45 -6.69 -38.65
CE MSE D 146 21.79 -5.52 -37.14
N PRO D 147 18.99 -8.00 -42.48
CA PRO D 147 18.82 -8.72 -43.76
C PRO D 147 19.48 -10.09 -43.72
N ARG D 148 19.09 -10.98 -44.63
CA ARG D 148 19.80 -12.25 -44.88
C ARG D 148 19.97 -13.19 -43.64
N GLY D 149 19.03 -13.10 -42.72
CA GLY D 149 18.95 -14.01 -41.55
C GLY D 149 19.93 -13.67 -40.43
N ILE D 150 20.52 -12.50 -40.53
CA ILE D 150 21.52 -12.05 -39.58
C ILE D 150 20.91 -11.81 -38.20
N ARG D 151 21.63 -12.23 -37.14
CA ARG D 151 21.14 -12.08 -35.76
C ARG D 151 21.97 -11.06 -34.99
N ILE D 152 21.38 -10.50 -33.94
CA ILE D 152 22.11 -9.56 -33.09
C ILE D 152 21.64 -9.66 -31.63
N ASN D 153 22.60 -9.91 -30.73
CA ASN D 153 22.31 -9.98 -29.30
C ASN D 153 23.30 -9.14 -28.50
N THR D 154 23.01 -8.92 -27.21
CA THR D 154 23.97 -8.27 -26.35
C THR D 154 24.28 -9.16 -25.16
N VAL D 155 25.49 -9.01 -24.61
CA VAL D 155 25.89 -9.70 -23.40
C VAL D 155 26.13 -8.63 -22.33
N SER D 156 25.50 -8.80 -21.18
CA SER D 156 25.59 -7.81 -20.08
C SER D 156 26.24 -8.44 -18.86
N PRO D 157 27.54 -8.17 -18.66
CA PRO D 157 28.19 -8.78 -17.52
C PRO D 157 28.11 -7.97 -16.25
N ASN D 158 28.19 -8.69 -15.14
CA ASN D 158 28.48 -8.10 -13.83
C ASN D 158 29.97 -7.80 -13.79
N VAL D 159 30.42 -7.15 -12.72
CA VAL D 159 31.86 -7.01 -12.49
C VAL D 159 32.56 -8.38 -12.54
N LEU D 160 33.74 -8.44 -13.19
CA LEU D 160 34.51 -9.69 -13.28
C LEU D 160 35.39 -10.01 -12.06
N GLU D 161 35.39 -11.27 -11.65
CA GLU D 161 36.30 -11.73 -10.60
C GLU D 161 37.74 -11.30 -10.90
N GLU D 162 38.17 -11.44 -12.16
CA GLU D 162 39.54 -11.09 -12.52
C GLU D 162 39.82 -9.59 -12.54
N SER D 163 38.78 -8.78 -12.35
CA SER D 163 38.92 -7.33 -12.18
C SER D 163 38.57 -6.85 -10.76
N TRP D 164 38.11 -7.77 -9.91
CA TRP D 164 37.63 -7.46 -8.55
C TRP D 164 38.65 -6.79 -7.64
N ASP D 165 39.90 -7.24 -7.77
CA ASP D 165 41.07 -6.59 -7.19
C ASP D 165 41.03 -5.07 -7.34
N LYS D 166 40.83 -4.58 -8.56
CA LYS D 166 40.76 -3.15 -8.78
C LYS D 166 39.36 -2.54 -8.64
N LEU D 167 38.33 -3.29 -8.99
CA LEU D 167 36.99 -2.72 -9.06
C LEU D 167 36.20 -2.82 -7.76
N GLU D 168 36.65 -3.59 -6.77
CA GLU D 168 35.88 -3.72 -5.52
C GLU D 168 35.44 -2.41 -4.80
N PRO D 169 36.33 -1.43 -4.66
CA PRO D 169 35.92 -0.16 -3.99
C PRO D 169 34.69 0.51 -4.62
N PHE D 170 34.45 0.23 -5.89
CA PHE D 170 33.34 0.85 -6.64
C PHE D 170 32.09 -0.01 -6.68
N PHE D 171 32.21 -1.27 -6.27
CA PHE D 171 31.13 -2.26 -6.40
C PHE D 171 30.94 -2.98 -5.07
N GLU D 172 31.02 -2.23 -3.98
CA GLU D 172 30.99 -2.85 -2.65
C GLU D 172 29.70 -3.66 -2.44
N GLY D 173 29.83 -4.89 -1.95
CA GLY D 173 28.63 -5.73 -1.76
C GLY D 173 28.15 -6.45 -3.01
N PHE D 174 28.79 -6.22 -4.15
CA PHE D 174 28.49 -6.96 -5.36
C PHE D 174 29.16 -8.34 -5.22
N LEU D 175 28.70 -9.28 -6.04
CA LEU D 175 29.29 -10.61 -6.15
C LEU D 175 29.77 -10.76 -7.59
N PRO D 176 31.09 -10.72 -7.80
CA PRO D 176 31.61 -10.74 -9.18
C PRO D 176 31.49 -12.11 -9.88
N VAL D 177 31.56 -12.10 -11.21
CA VAL D 177 31.38 -13.32 -12.00
C VAL D 177 32.68 -13.68 -12.70
N PRO D 178 32.93 -14.99 -12.90
CA PRO D 178 34.14 -15.33 -13.66
C PRO D 178 33.98 -14.89 -15.11
N ALA D 179 35.02 -14.31 -15.68
CA ALA D 179 35.04 -13.97 -17.09
C ALA D 179 34.73 -15.19 -17.99
N ALA D 180 35.25 -16.37 -17.62
CA ALA D 180 34.86 -17.63 -18.28
C ALA D 180 33.35 -17.86 -18.39
N LYS D 181 32.58 -17.44 -17.37
CA LYS D 181 31.13 -17.63 -17.39
C LYS D 181 30.48 -16.65 -18.36
N VAL D 182 30.91 -15.40 -18.33
CA VAL D 182 30.42 -14.43 -19.28
C VAL D 182 30.73 -14.87 -20.72
N ALA D 183 31.88 -15.50 -20.93
CA ALA D 183 32.32 -15.90 -22.29
C ALA D 183 31.36 -16.91 -22.93
N ARG D 184 30.73 -17.72 -22.08
CA ARG D 184 29.71 -18.70 -22.50
C ARG D 184 28.50 -18.04 -23.18
N ALA D 185 28.08 -16.88 -22.67
CA ALA D 185 27.01 -16.06 -23.25
C ALA D 185 27.33 -15.55 -24.65
N PHE D 186 28.57 -15.12 -24.85
CA PHE D 186 29.08 -14.78 -26.18
C PHE D 186 29.04 -15.99 -27.11
N GLU D 187 29.52 -17.15 -26.63
CA GLU D 187 29.41 -18.39 -27.40
C GLU D 187 27.93 -18.72 -27.72
N LYS D 188 27.03 -18.54 -26.75
CA LYS D 188 25.60 -18.71 -26.93
C LYS D 188 25.11 -17.80 -28.06
N SER D 189 25.51 -16.52 -28.05
CA SER D 189 25.13 -15.59 -29.12
C SER D 189 25.67 -16.01 -30.49
N VAL D 190 26.94 -16.38 -30.58
CA VAL D 190 27.52 -16.73 -31.88
C VAL D 190 26.99 -18.06 -32.43
N PHE D 191 26.88 -19.08 -31.58
CA PHE D 191 26.64 -20.44 -32.06
C PHE D 191 25.20 -20.89 -31.92
N GLY D 192 24.46 -20.21 -31.04
CA GLY D 192 23.01 -20.39 -30.92
C GLY D 192 22.26 -19.70 -32.07
N ALA D 193 20.95 -19.57 -31.94
CA ALA D 193 20.14 -19.10 -33.06
C ALA D 193 19.13 -18.05 -32.67
N GLN D 194 19.33 -17.45 -31.50
CA GLN D 194 18.43 -16.42 -30.98
C GLN D 194 18.86 -15.04 -31.45
N THR D 195 17.91 -14.08 -31.39
CA THR D 195 18.21 -12.71 -31.77
C THR D 195 17.39 -11.73 -30.92
N GLY D 196 17.86 -10.50 -30.80
CA GLY D 196 17.17 -9.48 -30.01
C GLY D 196 17.26 -9.71 -28.52
N GLU D 197 18.19 -10.57 -28.11
CA GLU D 197 18.36 -10.95 -26.73
C GLU D 197 19.42 -10.13 -26.02
N SER D 198 19.19 -9.89 -24.74
CA SER D 198 20.15 -9.37 -23.77
C SER D 198 20.43 -10.52 -22.80
N TYR D 199 21.64 -11.07 -22.87
CA TYR D 199 22.06 -12.18 -22.03
C TYR D 199 22.76 -11.61 -20.82
N GLN D 200 22.06 -11.59 -19.69
CA GLN D 200 22.62 -11.05 -18.45
C GLN D 200 23.48 -12.14 -17.80
N VAL D 201 24.70 -11.81 -17.39
CA VAL D 201 25.52 -12.76 -16.61
C VAL D 201 25.81 -12.05 -15.28
N TYR D 202 24.83 -12.10 -14.36
CA TYR D 202 24.91 -11.32 -13.12
C TYR D 202 25.18 -12.20 -11.89
N ALA E 3 5.48 -43.47 6.93
CA ALA E 3 5.32 -44.63 6.00
C ALA E 3 4.98 -44.19 4.56
N MSE E 4 5.50 -43.04 4.15
CA MSE E 4 5.22 -42.46 2.83
C MSE E 4 5.60 -43.29 1.58
O MSE E 4 6.69 -43.85 1.50
CB MSE E 4 5.84 -41.07 2.73
CG MSE E 4 5.61 -40.43 1.38
SE MSE E 4 5.57 -38.51 1.43
CE MSE E 4 4.12 -38.29 2.71
N LYS E 5 4.71 -43.33 0.59
CA LYS E 5 4.91 -44.08 -0.65
C LYS E 5 4.92 -43.17 -1.88
N ILE E 6 6.00 -43.22 -2.65
CA ILE E 6 6.17 -42.41 -3.87
C ILE E 6 6.32 -43.32 -5.10
N LEU E 7 5.51 -43.09 -6.11
CA LEU E 7 5.71 -43.81 -7.35
C LEU E 7 6.61 -42.93 -8.22
N LEU E 8 7.75 -43.47 -8.63
CA LEU E 8 8.69 -42.71 -9.48
C LEU E 8 8.87 -43.35 -10.86
N ILE E 9 8.48 -42.60 -11.88
CA ILE E 9 8.52 -43.09 -13.24
C ILE E 9 9.70 -42.45 -13.97
N GLY E 10 10.55 -43.28 -14.58
CA GLY E 10 11.75 -42.78 -15.23
C GLY E 10 12.98 -42.88 -14.35
N ALA E 11 12.90 -43.67 -13.29
CA ALA E 11 13.98 -43.85 -12.32
C ALA E 11 15.35 -44.25 -12.91
N SER E 12 15.37 -44.93 -14.05
CA SER E 12 16.64 -45.39 -14.65
C SER E 12 17.35 -44.36 -15.58
N GLY E 13 16.73 -43.20 -15.77
CA GLY E 13 17.32 -42.14 -16.58
C GLY E 13 18.19 -41.28 -15.71
N THR E 14 18.87 -40.32 -16.33
CA THR E 14 19.80 -39.44 -15.63
C THR E 14 19.09 -38.63 -14.53
N LEU E 15 18.02 -37.94 -14.90
CA LEU E 15 17.25 -37.18 -13.91
C LEU E 15 16.54 -38.10 -12.87
N GLY E 16 15.81 -39.09 -13.38
CA GLY E 16 15.08 -40.02 -12.53
C GLY E 16 15.91 -40.67 -11.43
N SER E 17 17.13 -41.11 -11.74
CA SER E 17 17.98 -41.70 -10.71
C SER E 17 18.49 -40.69 -9.68
N ALA E 18 18.75 -39.44 -10.11
CA ALA E 18 19.12 -38.38 -9.15
C ALA E 18 17.97 -38.13 -8.21
N VAL E 19 16.76 -38.13 -8.77
CA VAL E 19 15.54 -37.92 -8.01
C VAL E 19 15.33 -39.07 -7.00
N LYS E 20 15.54 -40.30 -7.44
CA LYS E 20 15.40 -41.47 -6.59
C LYS E 20 16.37 -41.40 -5.44
N GLU E 21 17.62 -41.06 -5.76
CA GLU E 21 18.69 -40.94 -4.77
C GLU E 21 18.33 -40.00 -3.61
N ARG E 22 17.67 -38.87 -3.90
CA ARG E 22 17.20 -37.97 -2.83
C ARG E 22 16.01 -38.51 -2.07
N LEU E 23 14.96 -38.86 -2.80
CA LEU E 23 13.68 -39.20 -2.21
C LEU E 23 13.68 -40.50 -1.41
N GLU E 24 14.52 -41.46 -1.81
CA GLU E 24 14.54 -42.74 -1.09
C GLU E 24 15.04 -42.62 0.35
N LYS E 25 15.62 -41.47 0.69
CA LYS E 25 16.07 -41.23 2.04
C LYS E 25 14.94 -40.88 3.00
N LYS E 26 13.80 -40.49 2.44
CA LYS E 26 12.68 -39.97 3.21
C LYS E 26 11.40 -40.73 2.98
N ALA E 27 11.41 -41.67 2.03
CA ALA E 27 10.20 -42.40 1.69
C ALA E 27 10.53 -43.74 1.05
N GLU E 28 9.52 -44.58 0.89
CA GLU E 28 9.60 -45.78 0.07
C GLU E 28 9.29 -45.42 -1.38
N VAL E 29 10.23 -45.70 -2.26
CA VAL E 29 10.05 -45.36 -3.66
C VAL E 29 9.74 -46.64 -4.45
N ILE E 30 8.61 -46.62 -5.15
CA ILE E 30 8.27 -47.68 -6.09
C ILE E 30 8.74 -47.16 -7.43
N THR E 31 9.64 -47.89 -8.08
CA THR E 31 10.14 -47.46 -9.37
C THR E 31 9.35 -48.07 -10.52
N ALA E 32 9.07 -47.25 -11.53
CA ALA E 32 8.43 -47.71 -12.75
C ALA E 32 9.18 -47.19 -13.97
N GLY E 33 9.34 -48.05 -14.97
CA GLY E 33 9.99 -47.66 -16.20
C GLY E 33 9.52 -48.55 -17.33
N ARG E 34 10.00 -48.27 -18.53
CA ARG E 34 9.52 -48.99 -19.69
C ARG E 34 9.92 -50.45 -19.64
N HIS E 35 11.16 -50.73 -19.23
CA HIS E 35 11.65 -52.10 -19.31
C HIS E 35 12.27 -52.59 -18.03
N SER E 36 12.31 -51.72 -17.02
CA SER E 36 12.85 -52.08 -15.72
C SER E 36 12.12 -51.25 -14.66
N GLY E 37 12.35 -51.58 -13.39
CA GLY E 37 11.67 -50.93 -12.29
C GLY E 37 10.90 -51.97 -11.52
N ASP E 38 10.45 -51.61 -10.32
CA ASP E 38 9.56 -52.48 -9.55
C ASP E 38 8.32 -52.82 -10.38
N VAL E 39 7.94 -51.90 -11.27
CA VAL E 39 6.77 -52.11 -12.12
C VAL E 39 7.08 -51.58 -13.53
N THR E 40 6.43 -52.19 -14.52
CA THR E 40 6.60 -51.88 -15.94
C THR E 40 5.44 -51.01 -16.50
N VAL E 41 5.77 -49.96 -17.23
CA VAL E 41 4.76 -49.10 -17.88
C VAL E 41 5.23 -48.52 -19.23
N ASP E 42 4.33 -48.50 -20.20
CA ASP E 42 4.53 -47.79 -21.44
C ASP E 42 3.67 -46.54 -21.38
N ILE E 43 4.27 -45.39 -21.10
CA ILE E 43 3.47 -44.15 -20.95
C ILE E 43 2.70 -43.67 -22.19
N THR E 44 3.02 -44.21 -23.38
CA THR E 44 2.29 -43.85 -24.58
C THR E 44 1.02 -44.70 -24.78
N ASN E 45 0.77 -45.62 -23.84
CA ASN E 45 -0.32 -46.58 -23.93
C ASN E 45 -1.24 -46.51 -22.69
N ILE E 46 -2.47 -46.02 -22.90
CA ILE E 46 -3.46 -45.80 -21.84
C ILE E 46 -3.73 -47.07 -20.99
N ASP E 47 -3.88 -48.21 -21.66
CA ASP E 47 -4.04 -49.49 -20.99
C ASP E 47 -2.85 -49.85 -20.10
N SER E 48 -1.63 -49.65 -20.60
CA SER E 48 -0.41 -49.90 -19.82
C SER E 48 -0.34 -49.03 -18.56
N ILE E 49 -0.71 -47.76 -18.70
CA ILE E 49 -0.79 -46.84 -17.55
C ILE E 49 -1.82 -47.32 -16.52
N LYS E 50 -3.03 -47.65 -17.00
CA LYS E 50 -4.08 -48.15 -16.12
C LYS E 50 -3.64 -49.40 -15.34
N LYS E 51 -3.01 -50.35 -16.03
CA LYS E 51 -2.59 -51.57 -15.33
C LYS E 51 -1.48 -51.30 -14.31
N MSE E 52 -0.58 -50.36 -14.62
CA MSE E 52 0.46 -49.95 -13.68
C MSE E 52 -0.15 -49.44 -12.36
O MSE E 52 0.23 -49.92 -11.30
CB MSE E 52 1.40 -48.87 -14.26
CG MSE E 52 2.24 -48.19 -13.15
SE MSE E 52 3.22 -46.56 -13.57
CE MSE E 52 1.76 -45.27 -13.65
N TYR E 53 -1.09 -48.50 -12.45
CA TYR E 53 -1.81 -48.02 -11.25
C TYR E 53 -2.56 -49.12 -10.50
N GLU E 54 -3.11 -50.09 -11.22
CA GLU E 54 -3.72 -51.26 -10.58
C GLU E 54 -2.70 -52.03 -9.74
N GLN E 55 -1.60 -52.43 -10.38
CA GLN E 55 -0.47 -53.10 -9.71
C GLN E 55 0.09 -52.32 -8.52
N VAL E 56 0.15 -50.99 -8.62
CA VAL E 56 0.80 -50.21 -7.58
C VAL E 56 -0.13 -49.99 -6.38
N GLY E 57 -1.40 -49.68 -6.64
CA GLY E 57 -2.32 -49.36 -5.55
C GLY E 57 -2.22 -47.89 -5.15
N LYS E 58 -2.56 -47.58 -3.92
CA LYS E 58 -2.52 -46.18 -3.46
C LYS E 58 -1.11 -45.71 -3.06
N VAL E 59 -0.76 -44.48 -3.44
CA VAL E 59 0.51 -43.89 -3.05
C VAL E 59 0.29 -42.45 -2.59
N ASP E 60 1.32 -41.83 -2.03
CA ASP E 60 1.30 -40.42 -1.60
C ASP E 60 1.75 -39.40 -2.65
N ALA E 61 2.58 -39.86 -3.58
CA ALA E 61 3.10 -38.98 -4.61
C ALA E 61 3.42 -39.77 -5.85
N ILE E 62 3.09 -39.17 -6.99
CA ILE E 62 3.46 -39.69 -8.31
C ILE E 62 4.45 -38.70 -8.93
N VAL E 63 5.63 -39.18 -9.27
CA VAL E 63 6.66 -38.31 -9.82
C VAL E 63 7.05 -38.81 -11.22
N SER E 64 6.89 -37.92 -12.21
CA SER E 64 7.24 -38.26 -13.59
C SER E 64 8.57 -37.60 -13.95
N ALA E 65 9.59 -38.44 -14.11
CA ALA E 65 10.85 -38.00 -14.73
C ALA E 65 11.08 -38.76 -16.07
N THR E 66 10.05 -38.79 -16.93
CA THR E 66 10.14 -39.44 -18.25
C THR E 66 9.49 -38.58 -19.31
N GLY E 67 9.46 -39.13 -20.52
CA GLY E 67 8.90 -38.48 -21.67
C GLY E 67 9.96 -38.22 -22.72
N SER E 68 9.66 -38.64 -23.95
CA SER E 68 10.53 -38.43 -25.09
C SER E 68 9.97 -37.35 -25.99
N ALA E 69 10.87 -36.54 -26.54
CA ALA E 69 10.51 -35.61 -27.59
C ALA E 69 11.40 -35.88 -28.79
N THR E 70 10.81 -35.89 -29.98
CA THR E 70 11.60 -35.90 -31.22
C THR E 70 12.38 -34.60 -31.38
N PHE E 71 13.66 -34.73 -31.77
CA PHE E 71 14.49 -33.63 -32.19
C PHE E 71 14.55 -33.66 -33.69
N SER E 72 14.27 -32.51 -34.28
CA SER E 72 14.30 -32.38 -35.70
C SER E 72 14.47 -30.92 -36.07
N PRO E 73 15.31 -30.65 -37.08
CA PRO E 73 15.33 -29.30 -37.61
C PRO E 73 13.89 -28.99 -38.04
N LEU E 74 13.43 -27.78 -37.77
CA LEU E 74 12.02 -27.43 -37.99
C LEU E 74 11.48 -27.78 -39.37
N THR E 75 12.23 -27.49 -40.43
CA THR E 75 11.73 -27.79 -41.77
C THR E 75 11.64 -29.29 -42.09
N GLU E 76 12.22 -30.14 -41.23
CA GLU E 76 12.09 -31.61 -41.40
C GLU E 76 11.11 -32.20 -40.40
N LEU E 77 10.46 -31.34 -39.63
CA LEU E 77 9.52 -31.77 -38.58
C LEU E 77 8.13 -31.97 -39.18
N THR E 78 7.83 -33.21 -39.56
CA THR E 78 6.52 -33.55 -40.11
C THR E 78 5.51 -33.69 -38.97
N PRO E 79 4.19 -33.71 -39.28
CA PRO E 79 3.17 -34.12 -38.30
C PRO E 79 3.47 -35.45 -37.59
N GLU E 80 3.83 -36.49 -38.36
CA GLU E 80 4.22 -37.78 -37.81
C GLU E 80 5.40 -37.74 -36.83
N LYS E 81 6.43 -36.95 -37.08
CA LYS E 81 7.53 -36.84 -36.11
C LYS E 81 7.07 -36.10 -34.84
N ASN E 82 6.27 -35.06 -35.04
CA ASN E 82 5.70 -34.28 -33.94
C ASN E 82 4.75 -35.11 -33.06
N ALA E 83 4.01 -36.03 -33.69
CA ALA E 83 3.11 -36.95 -32.99
C ALA E 83 3.83 -37.83 -31.94
N VAL E 84 5.10 -38.16 -32.19
CA VAL E 84 5.90 -38.92 -31.22
C VAL E 84 6.03 -38.16 -29.89
N THR E 85 6.36 -36.88 -29.99
CA THR E 85 6.48 -36.04 -28.81
C THR E 85 5.13 -35.96 -28.10
N ILE E 86 4.06 -35.75 -28.88
CA ILE E 86 2.72 -35.64 -28.31
C ILE E 86 2.35 -36.93 -27.57
N SER E 87 2.79 -38.07 -28.09
CA SER E 87 2.58 -39.35 -27.45
C SER E 87 3.24 -39.54 -26.10
N SER E 88 4.43 -38.99 -25.94
CA SER E 88 5.32 -39.34 -24.84
C SER E 88 5.48 -38.19 -23.84
N LYS E 89 6.39 -37.25 -24.15
CA LYS E 89 6.73 -36.16 -23.23
C LYS E 89 5.53 -35.31 -22.85
N LEU E 90 4.57 -35.21 -23.78
CA LEU E 90 3.39 -34.36 -23.57
C LEU E 90 2.22 -35.20 -23.05
N GLY E 91 1.63 -36.01 -23.92
CA GLY E 91 0.43 -36.78 -23.62
C GLY E 91 0.63 -37.86 -22.57
N GLY E 92 1.74 -38.60 -22.68
CA GLY E 92 2.15 -39.60 -21.69
C GLY E 92 2.18 -39.08 -20.27
N GLN E 93 2.91 -38.00 -20.04
CA GLN E 93 2.90 -37.37 -18.71
C GLN E 93 1.50 -36.92 -18.24
N ILE E 94 0.75 -36.29 -19.13
CA ILE E 94 -0.55 -35.75 -18.75
C ILE E 94 -1.56 -36.87 -18.48
N ASN E 95 -1.47 -37.95 -19.26
CA ASN E 95 -2.25 -39.15 -19.01
C ASN E 95 -1.91 -39.83 -17.68
N LEU E 96 -0.65 -39.76 -17.23
CA LEU E 96 -0.32 -40.20 -15.87
C LEU E 96 -1.14 -39.45 -14.83
N VAL E 97 -1.43 -38.17 -15.11
CA VAL E 97 -2.28 -37.38 -14.20
C VAL E 97 -3.76 -37.72 -14.35
N LEU E 98 -4.26 -37.62 -15.57
CA LEU E 98 -5.66 -37.98 -15.87
C LEU E 98 -6.06 -39.40 -15.41
N LEU E 99 -5.14 -40.35 -15.50
CA LEU E 99 -5.45 -41.72 -15.10
C LEU E 99 -5.11 -42.07 -13.64
N GLY E 100 -4.46 -41.14 -12.95
CA GLY E 100 -3.77 -41.42 -11.70
C GLY E 100 -4.30 -40.74 -10.47
N ILE E 101 -5.25 -39.82 -10.62
CA ILE E 101 -5.81 -39.07 -9.48
C ILE E 101 -6.35 -40.00 -8.36
N ASP E 102 -7.08 -41.03 -8.79
CA ASP E 102 -7.65 -42.04 -7.90
C ASP E 102 -6.63 -42.92 -7.22
N SER E 103 -5.38 -42.88 -7.70
CA SER E 103 -4.31 -43.62 -7.03
C SER E 103 -3.65 -42.83 -5.92
N LEU E 104 -3.99 -41.55 -5.79
CA LEU E 104 -3.38 -40.71 -4.78
C LEU E 104 -4.17 -40.64 -3.49
N ASN E 105 -3.48 -40.86 -2.37
CA ASN E 105 -4.01 -40.59 -1.04
C ASN E 105 -4.33 -39.11 -0.88
N ASP E 106 -5.18 -38.76 0.09
CA ASP E 106 -5.52 -37.36 0.38
C ASP E 106 -4.24 -36.54 0.63
N LYS E 107 -4.29 -35.26 0.24
CA LYS E 107 -3.13 -34.36 0.30
C LYS E 107 -1.88 -34.89 -0.46
N GLY E 108 -2.06 -35.84 -1.38
CA GLY E 108 -0.97 -36.38 -2.20
C GLY E 108 -0.52 -35.39 -3.25
N SER E 109 0.37 -35.80 -4.16
CA SER E 109 0.94 -34.89 -5.17
C SER E 109 1.41 -35.55 -6.44
N PHE E 110 1.36 -34.75 -7.53
CA PHE E 110 1.93 -35.05 -8.83
C PHE E 110 3.10 -34.07 -9.05
N THR E 111 4.19 -34.58 -9.64
CA THR E 111 5.27 -33.73 -10.12
C THR E 111 5.66 -34.22 -11.52
N LEU E 112 5.61 -33.35 -12.50
CA LEU E 112 6.03 -33.69 -13.86
C LEU E 112 7.27 -32.87 -14.25
N THR E 113 7.91 -33.30 -15.34
CA THR E 113 9.13 -32.70 -15.82
C THR E 113 8.84 -31.91 -17.10
N THR E 114 9.38 -30.70 -17.18
CA THR E 114 9.28 -29.86 -18.38
C THR E 114 10.70 -29.57 -18.87
N GLY E 115 11.15 -28.31 -18.89
CA GLY E 115 12.51 -28.06 -19.37
C GLY E 115 12.69 -26.68 -19.96
N ILE E 116 13.92 -26.21 -19.88
CA ILE E 116 14.26 -24.81 -20.27
C ILE E 116 13.93 -24.43 -21.74
N MSE E 117 13.90 -25.43 -22.64
CA MSE E 117 13.63 -25.19 -24.07
C MSE E 117 12.33 -24.42 -24.40
O MSE E 117 12.28 -23.76 -25.45
CB MSE E 117 13.69 -26.49 -24.85
CG MSE E 117 15.12 -26.89 -25.14
SE MSE E 117 15.15 -28.48 -26.24
CE MSE E 117 15.10 -29.78 -24.86
N MSE E 118 11.33 -24.49 -23.53
CA MSE E 118 10.12 -23.69 -23.72
C MSE E 118 10.38 -22.18 -23.61
O MSE E 118 9.65 -21.38 -24.21
CB MSE E 118 9.03 -24.10 -22.74
CG MSE E 118 9.26 -23.62 -21.35
SE MSE E 118 7.94 -24.39 -20.14
CE MSE E 118 8.85 -23.96 -18.49
N GLU E 119 11.43 -21.83 -22.88
CA GLU E 119 11.77 -20.43 -22.61
C GLU E 119 13.10 -19.99 -23.24
N ASP E 120 13.98 -20.94 -23.56
CA ASP E 120 15.35 -20.62 -24.05
C ASP E 120 15.64 -21.56 -25.22
N PRO E 121 15.02 -21.28 -26.39
CA PRO E 121 14.94 -22.29 -27.44
C PRO E 121 16.23 -22.55 -28.20
N ILE E 122 16.31 -23.73 -28.80
CA ILE E 122 17.45 -24.14 -29.59
C ILE E 122 16.96 -24.74 -30.90
N VAL E 123 17.82 -24.67 -31.90
CA VAL E 123 17.62 -25.37 -33.19
C VAL E 123 17.31 -26.87 -32.91
N GLN E 124 16.33 -27.42 -33.62
CA GLN E 124 15.86 -28.82 -33.47
C GLN E 124 14.86 -29.04 -32.32
N GLY E 125 14.64 -27.99 -31.52
CA GLY E 125 13.96 -28.15 -30.26
C GLY E 125 12.51 -27.75 -30.17
N ALA E 126 11.86 -27.43 -31.30
CA ALA E 126 10.47 -26.85 -31.30
C ALA E 126 9.41 -27.85 -30.77
N SER E 127 9.61 -29.14 -31.07
CA SER E 127 8.73 -30.18 -30.56
C SER E 127 8.87 -30.32 -29.02
N ALA E 128 10.11 -30.30 -28.55
CA ALA E 128 10.39 -30.44 -27.12
C ALA E 128 9.87 -29.22 -26.36
N ALA E 129 10.02 -28.03 -26.96
CA ALA E 129 9.46 -26.79 -26.38
C ALA E 129 7.92 -26.84 -26.27
N MSE E 130 7.26 -27.25 -27.36
CA MSE E 130 5.82 -27.50 -27.36
C MSE E 130 5.41 -28.32 -26.13
O MSE E 130 4.61 -27.87 -25.33
CB MSE E 130 5.39 -28.20 -28.65
CG MSE E 130 3.91 -28.61 -28.72
SE MSE E 130 3.57 -29.91 -30.13
CE MSE E 130 4.55 -31.40 -29.29
N ALA E 131 6.02 -29.50 -25.98
CA ALA E 131 5.66 -30.41 -24.89
C ALA E 131 5.81 -29.74 -23.50
N ASN E 132 6.91 -29.03 -23.33
CA ASN E 132 7.20 -28.36 -22.06
C ASN E 132 6.18 -27.30 -21.71
N GLY E 133 5.84 -26.45 -22.68
CA GLY E 133 4.85 -25.40 -22.45
C GLY E 133 3.48 -26.00 -22.18
N ALA E 134 3.16 -27.06 -22.90
CA ALA E 134 1.94 -27.83 -22.73
C ALA E 134 1.74 -28.37 -21.32
N VAL E 135 2.80 -29.01 -20.80
CA VAL E 135 2.78 -29.64 -19.48
C VAL E 135 2.76 -28.56 -18.38
N THR E 136 3.56 -27.51 -18.56
CA THR E 136 3.57 -26.36 -17.66
C THR E 136 2.16 -25.80 -17.45
N ALA E 137 1.49 -25.43 -18.56
CA ALA E 137 0.16 -24.81 -18.47
C ALA E 137 -0.94 -25.78 -17.98
N PHE E 138 -0.90 -27.05 -18.40
CA PHE E 138 -1.77 -28.08 -17.85
C PHE E 138 -1.71 -28.15 -16.33
N ALA E 139 -0.50 -28.28 -15.76
CA ALA E 139 -0.29 -28.41 -14.31
C ALA E 139 -0.70 -27.13 -13.58
N LYS E 140 -0.43 -25.98 -14.18
CA LYS E 140 -0.90 -24.72 -13.58
C LYS E 140 -2.44 -24.68 -13.53
N SER E 141 -3.08 -25.12 -14.59
CA SER E 141 -4.53 -25.13 -14.59
C SER E 141 -5.11 -26.27 -13.73
N ALA E 142 -4.56 -27.46 -13.88
CA ALA E 142 -5.03 -28.62 -13.11
C ALA E 142 -5.04 -28.39 -11.59
N ALA E 143 -4.09 -27.60 -11.11
CA ALA E 143 -3.96 -27.29 -9.69
C ALA E 143 -5.21 -26.74 -9.01
N ILE E 144 -6.05 -26.01 -9.76
CA ILE E 144 -7.23 -25.35 -9.12
C ILE E 144 -8.43 -26.26 -8.99
N GLU E 145 -8.32 -27.45 -9.57
CA GLU E 145 -9.38 -28.43 -9.65
C GLU E 145 -9.06 -29.77 -8.97
N MSE E 146 -7.91 -29.86 -8.30
CA MSE E 146 -7.51 -31.13 -7.70
C MSE E 146 -8.33 -31.46 -6.46
O MSE E 146 -8.47 -30.62 -5.57
CB MSE E 146 -6.01 -31.14 -7.37
CG MSE E 146 -5.09 -31.29 -8.60
SE MSE E 146 -5.11 -33.12 -9.27
CE MSE E 146 -6.91 -33.20 -9.95
N PRO E 147 -8.89 -32.69 -6.38
CA PRO E 147 -9.73 -33.05 -5.26
C PRO E 147 -8.89 -33.47 -4.03
N ARG E 148 -9.47 -33.43 -2.84
CA ARG E 148 -8.86 -34.06 -1.64
C ARG E 148 -7.47 -33.51 -1.27
N GLY E 149 -7.27 -32.21 -1.39
CA GLY E 149 -5.98 -31.61 -1.08
C GLY E 149 -4.81 -31.98 -1.97
N ILE E 150 -5.06 -32.64 -3.10
CA ILE E 150 -3.98 -33.07 -3.99
C ILE E 150 -3.27 -31.88 -4.65
N ARG E 151 -1.95 -31.92 -4.66
CA ARG E 151 -1.16 -30.84 -5.25
C ARG E 151 -0.53 -31.31 -6.58
N ILE E 152 -0.19 -30.35 -7.45
CA ILE E 152 0.53 -30.68 -8.69
C ILE E 152 1.47 -29.54 -9.09
N ASN E 153 2.74 -29.89 -9.31
CA ASN E 153 3.77 -28.95 -9.73
C ASN E 153 4.59 -29.52 -10.90
N THR E 154 5.36 -28.66 -11.57
CA THR E 154 6.32 -29.13 -12.55
C THR E 154 7.72 -28.69 -12.17
N VAL E 155 8.71 -29.47 -12.61
CA VAL E 155 10.11 -29.03 -12.46
C VAL E 155 10.69 -28.83 -13.87
N SER E 156 11.29 -27.66 -14.09
CA SER E 156 11.86 -27.31 -15.39
C SER E 156 13.39 -27.21 -15.33
N PRO E 157 14.08 -28.29 -15.69
CA PRO E 157 15.54 -28.23 -15.62
C PRO E 157 16.24 -27.62 -16.85
N ASN E 158 17.37 -26.94 -16.63
CA ASN E 158 18.34 -26.71 -17.71
C ASN E 158 18.94 -28.08 -18.13
N VAL E 159 19.83 -28.06 -19.12
CA VAL E 159 20.56 -29.26 -19.50
C VAL E 159 21.43 -29.71 -18.32
N LEU E 160 21.57 -31.01 -18.15
CA LEU E 160 22.23 -31.57 -16.94
C LEU E 160 23.74 -31.70 -17.13
N GLU E 161 24.51 -31.37 -16.10
CA GLU E 161 25.97 -31.59 -16.12
C GLU E 161 26.29 -33.02 -16.57
N GLU E 162 25.54 -33.97 -16.02
CA GLU E 162 25.70 -35.40 -16.31
C GLU E 162 25.43 -35.82 -17.78
N SER E 163 24.69 -34.98 -18.52
CA SER E 163 24.40 -35.22 -19.95
C SER E 163 25.24 -34.32 -20.88
N TRP E 164 26.12 -33.50 -20.31
CA TRP E 164 26.78 -32.42 -21.05
C TRP E 164 27.71 -32.92 -22.17
N ASP E 165 28.36 -34.06 -21.95
CA ASP E 165 29.27 -34.63 -22.96
C ASP E 165 28.51 -35.02 -24.20
N LYS E 166 27.24 -35.41 -24.01
CA LYS E 166 26.35 -35.81 -25.11
C LYS E 166 25.69 -34.61 -25.76
N LEU E 167 25.29 -33.64 -24.94
CA LEU E 167 24.37 -32.60 -25.36
C LEU E 167 24.98 -31.23 -25.63
N GLU E 168 26.22 -31.00 -25.19
CA GLU E 168 26.85 -29.70 -25.43
C GLU E 168 26.73 -29.20 -26.89
N PRO E 169 27.05 -30.04 -27.90
CA PRO E 169 26.90 -29.57 -29.29
C PRO E 169 25.52 -29.02 -29.68
N PHE E 170 24.48 -29.38 -28.94
CA PHE E 170 23.14 -28.90 -29.25
C PHE E 170 22.78 -27.70 -28.39
N PHE E 171 23.58 -27.45 -27.37
CA PHE E 171 23.30 -26.41 -26.36
C PHE E 171 24.53 -25.53 -26.14
N GLU E 172 25.17 -25.12 -27.22
CA GLU E 172 26.40 -24.33 -27.12
C GLU E 172 26.14 -23.00 -26.44
N GLY E 173 26.95 -22.73 -25.43
CA GLY E 173 26.87 -21.50 -24.69
C GLY E 173 25.99 -21.58 -23.46
N PHE E 174 25.27 -22.70 -23.30
CA PHE E 174 24.44 -22.93 -22.10
C PHE E 174 25.37 -23.30 -20.95
N LEU E 175 24.87 -23.15 -19.72
CA LEU E 175 25.60 -23.57 -18.55
C LEU E 175 24.72 -24.63 -17.85
N PRO E 176 25.16 -25.90 -17.89
CA PRO E 176 24.36 -27.01 -17.35
C PRO E 176 24.27 -26.96 -15.84
N VAL E 177 23.29 -27.67 -15.30
CA VAL E 177 23.08 -27.76 -13.87
C VAL E 177 23.27 -29.22 -13.42
N PRO E 178 23.78 -29.42 -12.19
CA PRO E 178 23.88 -30.83 -11.75
C PRO E 178 22.49 -31.39 -11.48
N ALA E 179 22.27 -32.63 -11.92
CA ALA E 179 21.04 -33.37 -11.64
C ALA E 179 20.60 -33.37 -10.17
N ALA E 180 21.57 -33.30 -9.25
CA ALA E 180 21.30 -33.32 -7.81
C ALA E 180 20.64 -32.02 -7.34
N LYS E 181 20.94 -30.93 -8.04
CA LYS E 181 20.30 -29.63 -7.78
C LYS E 181 18.84 -29.66 -8.27
N VAL E 182 18.63 -30.22 -9.47
CA VAL E 182 17.29 -30.44 -10.00
C VAL E 182 16.48 -31.37 -9.06
N ALA E 183 17.13 -32.42 -8.55
CA ALA E 183 16.46 -33.36 -7.65
C ALA E 183 15.90 -32.68 -6.39
N ARG E 184 16.53 -31.60 -5.93
CA ARG E 184 15.99 -30.80 -4.79
C ARG E 184 14.63 -30.17 -5.08
N ALA E 185 14.41 -29.70 -6.32
CA ALA E 185 13.11 -29.20 -6.76
C ALA E 185 12.03 -30.28 -6.71
N PHE E 186 12.36 -31.51 -7.09
CA PHE E 186 11.39 -32.59 -6.95
C PHE E 186 11.03 -32.87 -5.49
N GLU E 187 12.02 -32.87 -4.60
CA GLU E 187 11.78 -33.07 -3.17
C GLU E 187 10.90 -31.93 -2.65
N LYS E 188 11.17 -30.73 -3.17
CA LYS E 188 10.43 -29.53 -2.76
C LYS E 188 8.94 -29.67 -3.11
N SER E 189 8.68 -30.18 -4.31
CA SER E 189 7.33 -30.45 -4.74
C SER E 189 6.69 -31.54 -3.90
N VAL E 190 7.39 -32.63 -3.66
CA VAL E 190 6.82 -33.74 -2.88
C VAL E 190 6.64 -33.43 -1.38
N PHE E 191 7.63 -32.78 -0.75
CA PHE E 191 7.56 -32.51 0.72
C PHE E 191 7.15 -31.12 1.15
N GLY E 192 7.12 -30.18 0.20
CA GLY E 192 6.54 -28.86 0.43
C GLY E 192 5.01 -28.90 0.36
N ALA E 193 4.39 -27.72 0.36
CA ALA E 193 2.94 -27.63 0.37
C ALA E 193 2.35 -26.71 -0.72
N GLN E 194 3.16 -26.38 -1.70
CA GLN E 194 2.77 -25.48 -2.77
C GLN E 194 2.19 -26.25 -3.94
N THR E 195 1.44 -25.56 -4.81
CA THR E 195 0.77 -26.26 -5.92
C THR E 195 0.63 -25.31 -7.12
N GLY E 196 0.56 -25.87 -8.33
CA GLY E 196 0.51 -25.05 -9.53
C GLY E 196 1.81 -24.31 -9.84
N GLU E 197 2.92 -24.79 -9.30
CA GLU E 197 4.20 -24.08 -9.48
C GLU E 197 5.00 -24.72 -10.60
N SER E 198 5.86 -23.93 -11.25
CA SER E 198 6.88 -24.41 -12.17
C SER E 198 8.24 -24.09 -11.53
N TYR E 199 8.92 -25.14 -11.07
CA TYR E 199 10.19 -24.96 -10.37
C TYR E 199 11.31 -24.99 -11.39
N GLN E 200 11.81 -23.79 -11.73
CA GLN E 200 12.90 -23.65 -12.69
C GLN E 200 14.22 -23.92 -11.99
N VAL E 201 15.01 -24.83 -12.56
CA VAL E 201 16.37 -25.03 -12.08
C VAL E 201 17.23 -24.79 -13.30
N TYR E 202 17.49 -23.51 -13.52
CA TYR E 202 18.22 -23.03 -14.69
C TYR E 202 19.66 -22.61 -14.35
N MSE F 4 -0.65 -7.74 -51.32
CA MSE F 4 -0.54 -8.59 -50.09
C MSE F 4 -1.75 -9.53 -49.87
O MSE F 4 -2.88 -9.08 -49.73
CB MSE F 4 -0.29 -7.70 -48.87
CG MSE F 4 -0.26 -8.45 -47.58
SE MSE F 4 1.44 -8.25 -46.65
CE MSE F 4 0.87 -8.86 -44.91
N LYS F 5 -1.48 -10.83 -49.82
CA LYS F 5 -2.52 -11.87 -49.73
C LYS F 5 -2.44 -12.59 -48.39
N ILE F 6 -3.59 -12.74 -47.73
CA ILE F 6 -3.62 -13.39 -46.42
C ILE F 6 -4.61 -14.57 -46.37
N LEU F 7 -4.13 -15.71 -45.89
CA LEU F 7 -5.00 -16.82 -45.57
C LEU F 7 -5.42 -16.77 -44.11
N LEU F 8 -6.73 -16.67 -43.90
CA LEU F 8 -7.36 -16.62 -42.60
C LEU F 8 -8.20 -17.87 -42.38
N ILE F 9 -7.80 -18.67 -41.41
CA ILE F 9 -8.52 -19.88 -41.05
C ILE F 9 -9.36 -19.61 -39.79
N GLY F 10 -10.66 -19.85 -39.90
CA GLY F 10 -11.59 -19.61 -38.81
C GLY F 10 -12.24 -18.25 -38.94
N ALA F 11 -12.38 -17.79 -40.18
CA ALA F 11 -12.93 -16.45 -40.51
C ALA F 11 -14.39 -16.21 -40.12
N SER F 12 -15.15 -17.29 -39.95
CA SER F 12 -16.59 -17.19 -39.66
C SER F 12 -16.90 -17.12 -38.17
N GLY F 13 -15.91 -17.44 -37.33
CA GLY F 13 -16.02 -17.29 -35.88
C GLY F 13 -16.13 -15.84 -35.39
N THR F 14 -16.47 -15.68 -34.11
CA THR F 14 -16.50 -14.36 -33.46
C THR F 14 -15.16 -13.60 -33.60
N LEU F 15 -14.06 -14.26 -33.24
CA LEU F 15 -12.73 -13.65 -33.29
C LEU F 15 -12.24 -13.52 -34.71
N GLY F 16 -12.46 -14.58 -35.50
CA GLY F 16 -12.18 -14.61 -36.92
C GLY F 16 -12.79 -13.47 -37.72
N SER F 17 -14.07 -13.16 -37.49
CA SER F 17 -14.69 -12.10 -38.29
C SER F 17 -14.13 -10.71 -37.94
N ALA F 18 -13.86 -10.49 -36.65
CA ALA F 18 -13.24 -9.23 -36.21
C ALA F 18 -11.84 -9.10 -36.85
N VAL F 19 -11.06 -10.17 -36.82
CA VAL F 19 -9.78 -10.21 -37.52
C VAL F 19 -9.97 -9.90 -39.00
N LYS F 20 -10.93 -10.57 -39.64
CA LYS F 20 -11.24 -10.35 -41.05
C LYS F 20 -11.47 -8.85 -41.35
N GLU F 21 -12.31 -8.22 -40.52
CA GLU F 21 -12.64 -6.80 -40.69
C GLU F 21 -11.44 -5.87 -40.75
N ARG F 22 -10.43 -6.10 -39.90
CA ARG F 22 -9.22 -5.27 -39.92
C ARG F 22 -8.31 -5.57 -41.12
N LEU F 23 -8.10 -6.85 -41.40
CA LEU F 23 -7.14 -7.27 -42.43
C LEU F 23 -7.63 -6.96 -43.86
N GLU F 24 -8.93 -7.12 -44.09
CA GLU F 24 -9.56 -6.80 -45.38
C GLU F 24 -9.21 -5.41 -45.91
N LYS F 25 -9.05 -4.47 -44.99
CA LYS F 25 -8.75 -3.09 -45.33
C LYS F 25 -7.40 -2.94 -46.03
N LYS F 26 -6.48 -3.86 -45.74
CA LYS F 26 -5.08 -3.71 -46.13
C LYS F 26 -4.56 -4.83 -47.03
N ALA F 27 -5.34 -5.90 -47.13
CA ALA F 27 -4.88 -7.07 -47.86
C ALA F 27 -6.04 -7.80 -48.52
N GLU F 28 -5.71 -8.61 -49.52
CA GLU F 28 -6.62 -9.60 -50.05
C GLU F 28 -6.66 -10.75 -49.04
N VAL F 29 -7.87 -11.05 -48.55
CA VAL F 29 -8.07 -12.08 -47.54
C VAL F 29 -8.81 -13.26 -48.15
N ILE F 30 -8.18 -14.44 -48.09
CA ILE F 30 -8.84 -15.70 -48.48
C ILE F 30 -9.27 -16.39 -47.19
N THR F 31 -10.55 -16.74 -47.10
CA THR F 31 -11.08 -17.32 -45.87
C THR F 31 -11.15 -18.85 -45.93
N ALA F 32 -10.94 -19.49 -44.78
CA ALA F 32 -11.09 -20.93 -44.69
C ALA F 32 -11.75 -21.27 -43.37
N GLY F 33 -12.58 -22.32 -43.39
CA GLY F 33 -13.29 -22.83 -42.23
C GLY F 33 -13.73 -24.24 -42.55
N ARG F 34 -14.32 -24.95 -41.59
CA ARG F 34 -14.77 -26.32 -41.88
C ARG F 34 -16.03 -26.31 -42.72
N HIS F 35 -16.93 -25.37 -42.42
CA HIS F 35 -18.22 -25.36 -43.08
C HIS F 35 -18.53 -24.13 -43.92
N SER F 36 -17.66 -23.13 -43.84
CA SER F 36 -17.80 -21.95 -44.69
C SER F 36 -16.44 -21.42 -45.14
N GLY F 37 -16.47 -20.45 -46.04
CA GLY F 37 -15.27 -19.80 -46.53
C GLY F 37 -14.94 -20.09 -47.97
N ASP F 38 -14.00 -19.32 -48.51
CA ASP F 38 -13.50 -19.49 -49.87
C ASP F 38 -12.93 -20.89 -50.12
N VAL F 39 -12.34 -21.48 -49.09
CA VAL F 39 -11.82 -22.83 -49.14
C VAL F 39 -12.35 -23.50 -47.89
N THR F 40 -12.71 -24.78 -47.97
CA THR F 40 -12.96 -25.50 -46.71
C THR F 40 -11.74 -26.34 -46.23
N VAL F 41 -11.60 -26.48 -44.92
CA VAL F 41 -10.49 -27.22 -44.31
C VAL F 41 -10.92 -27.84 -42.99
N ASP F 42 -10.56 -29.09 -42.77
CA ASP F 42 -10.72 -29.71 -41.46
C ASP F 42 -9.33 -29.79 -40.79
N ILE F 43 -9.06 -28.94 -39.80
CA ILE F 43 -7.69 -28.81 -39.25
C ILE F 43 -7.15 -30.06 -38.52
N THR F 44 -8.07 -30.93 -38.10
CA THR F 44 -7.74 -32.21 -37.49
C THR F 44 -7.41 -33.25 -38.56
N ASN F 45 -7.56 -32.88 -39.82
CA ASN F 45 -7.23 -33.79 -40.91
C ASN F 45 -6.04 -33.30 -41.73
N ILE F 46 -4.96 -34.08 -41.68
CA ILE F 46 -3.68 -33.74 -42.29
C ILE F 46 -3.74 -33.51 -43.81
N ASP F 47 -4.44 -34.36 -44.55
CA ASP F 47 -4.51 -34.11 -45.99
C ASP F 47 -5.61 -33.13 -46.39
N SER F 48 -6.54 -32.87 -45.49
CA SER F 48 -7.42 -31.72 -45.63
C SER F 48 -6.60 -30.42 -45.62
N ILE F 49 -5.72 -30.26 -44.62
CA ILE F 49 -4.78 -29.14 -44.56
C ILE F 49 -3.92 -29.07 -45.82
N LYS F 50 -3.38 -30.22 -46.21
CA LYS F 50 -2.57 -30.32 -47.42
C LYS F 50 -3.34 -29.84 -48.64
N LYS F 51 -4.57 -30.33 -48.84
CA LYS F 51 -5.30 -29.89 -50.04
C LYS F 51 -5.86 -28.46 -49.97
N MSE F 52 -6.01 -27.91 -48.77
CA MSE F 52 -6.24 -26.47 -48.65
C MSE F 52 -5.04 -25.69 -49.21
O MSE F 52 -5.23 -24.80 -50.04
CB MSE F 52 -6.52 -26.05 -47.21
CG MSE F 52 -6.51 -24.52 -47.04
SE MSE F 52 -6.67 -23.97 -45.19
CE MSE F 52 -5.01 -24.76 -44.56
N TYR F 53 -3.83 -26.01 -48.78
CA TYR F 53 -2.62 -25.29 -49.23
C TYR F 53 -2.34 -25.47 -50.74
N GLU F 54 -2.44 -26.70 -51.25
CA GLU F 54 -2.30 -26.94 -52.70
C GLU F 54 -3.32 -26.09 -53.49
N GLN F 55 -4.49 -25.89 -52.92
CA GLN F 55 -5.53 -25.13 -53.60
C GLN F 55 -5.39 -23.61 -53.47
N VAL F 56 -4.84 -23.13 -52.34
CA VAL F 56 -4.72 -21.69 -52.10
C VAL F 56 -3.54 -21.08 -52.85
N GLY F 57 -2.41 -21.77 -52.91
CA GLY F 57 -1.22 -21.24 -53.55
C GLY F 57 -0.41 -20.39 -52.57
N LYS F 58 0.54 -19.61 -53.08
CA LYS F 58 1.41 -18.78 -52.22
C LYS F 58 0.68 -17.60 -51.61
N VAL F 59 0.94 -17.35 -50.32
CA VAL F 59 0.34 -16.20 -49.60
C VAL F 59 1.40 -15.52 -48.75
N ASP F 60 1.13 -14.31 -48.28
CA ASP F 60 2.13 -13.57 -47.51
C ASP F 60 1.93 -13.81 -46.04
N ALA F 61 0.71 -14.21 -45.66
CA ALA F 61 0.41 -14.48 -44.26
C ALA F 61 -0.62 -15.59 -44.08
N ILE F 62 -0.43 -16.36 -43.03
CA ILE F 62 -1.32 -17.42 -42.62
C ILE F 62 -1.71 -17.12 -41.19
N VAL F 63 -2.99 -16.83 -41.00
CA VAL F 63 -3.53 -16.46 -39.70
C VAL F 63 -4.53 -17.53 -39.28
N SER F 64 -4.32 -18.07 -38.08
CA SER F 64 -5.23 -19.07 -37.51
C SER F 64 -6.00 -18.49 -36.33
N ALA F 65 -7.30 -18.29 -36.53
CA ALA F 65 -8.24 -17.98 -35.46
C ALA F 65 -9.21 -19.16 -35.28
N THR F 66 -8.67 -20.39 -35.30
CA THR F 66 -9.46 -21.63 -35.02
C THR F 66 -8.83 -22.50 -33.94
N GLY F 67 -9.47 -23.65 -33.72
CA GLY F 67 -9.04 -24.59 -32.70
C GLY F 67 -10.10 -24.83 -31.65
N SER F 68 -10.52 -26.09 -31.56
CA SER F 68 -11.45 -26.54 -30.53
C SER F 68 -10.72 -27.23 -29.38
N ALA F 69 -11.20 -26.94 -28.17
CA ALA F 69 -10.71 -27.55 -26.96
C ALA F 69 -11.86 -28.12 -26.14
N THR F 70 -11.69 -29.36 -25.69
CA THR F 70 -12.60 -29.95 -24.74
C THR F 70 -12.57 -29.08 -23.47
N PHE F 71 -13.77 -28.64 -23.06
CA PHE F 71 -14.01 -28.08 -21.74
C PHE F 71 -14.67 -29.15 -20.88
N SER F 72 -14.00 -29.52 -19.81
CA SER F 72 -14.46 -30.60 -18.96
C SER F 72 -13.83 -30.45 -17.58
N PRO F 73 -14.61 -30.71 -16.53
CA PRO F 73 -14.02 -30.70 -15.19
C PRO F 73 -12.90 -31.74 -15.15
N LEU F 74 -11.87 -31.45 -14.37
CA LEU F 74 -10.64 -32.24 -14.39
C LEU F 74 -10.84 -33.70 -14.05
N THR F 75 -11.62 -33.97 -13.01
CA THR F 75 -11.90 -35.33 -12.60
C THR F 75 -12.69 -36.09 -13.65
N GLU F 76 -13.24 -35.39 -14.64
CA GLU F 76 -13.97 -36.07 -15.73
C GLU F 76 -13.25 -35.97 -17.05
N LEU F 77 -12.10 -35.31 -17.07
CA LEU F 77 -11.30 -35.24 -18.28
C LEU F 77 -10.58 -36.57 -18.46
N THR F 78 -11.02 -37.33 -19.45
CA THR F 78 -10.39 -38.62 -19.78
C THR F 78 -9.39 -38.39 -20.89
N PRO F 79 -8.39 -39.31 -21.05
CA PRO F 79 -7.47 -39.25 -22.18
C PRO F 79 -8.17 -39.06 -23.54
N GLU F 80 -9.36 -39.67 -23.68
CA GLU F 80 -10.09 -39.61 -24.95
C GLU F 80 -10.72 -38.25 -25.17
N LYS F 81 -11.24 -37.63 -24.10
CA LYS F 81 -11.74 -36.27 -24.18
C LYS F 81 -10.62 -35.28 -24.50
N ASN F 82 -9.47 -35.51 -23.90
CA ASN F 82 -8.33 -34.62 -24.02
C ASN F 82 -7.69 -34.68 -25.42
N ALA F 83 -7.81 -35.85 -26.07
CA ALA F 83 -7.32 -36.03 -27.45
C ALA F 83 -8.08 -35.19 -28.48
N VAL F 84 -9.30 -34.78 -28.15
CA VAL F 84 -10.03 -33.81 -28.98
C VAL F 84 -9.27 -32.48 -29.08
N THR F 85 -8.83 -31.93 -27.96
CA THR F 85 -8.02 -30.71 -27.96
C THR F 85 -6.68 -30.92 -28.68
N ILE F 86 -6.05 -32.04 -28.40
CA ILE F 86 -4.78 -32.38 -29.03
C ILE F 86 -4.87 -32.39 -30.56
N SER F 87 -5.99 -32.89 -31.07
CA SER F 87 -6.30 -32.91 -32.50
C SER F 87 -6.52 -31.56 -33.13
N SER F 88 -7.14 -30.62 -32.38
CA SER F 88 -7.59 -29.37 -32.98
C SER F 88 -6.84 -28.11 -32.53
N LYS F 89 -7.18 -27.58 -31.34
CA LYS F 89 -6.58 -26.33 -30.87
C LYS F 89 -5.05 -26.39 -30.82
N LEU F 90 -4.54 -27.54 -30.41
CA LEU F 90 -3.12 -27.78 -30.29
C LEU F 90 -2.57 -28.30 -31.63
N GLY F 91 -2.83 -29.57 -31.95
CA GLY F 91 -2.16 -30.22 -33.08
C GLY F 91 -2.58 -29.66 -34.42
N GLY F 92 -3.83 -29.19 -34.49
CA GLY F 92 -4.41 -28.64 -35.69
C GLY F 92 -3.68 -27.38 -36.10
N GLN F 93 -3.60 -26.42 -35.19
CA GLN F 93 -2.91 -25.17 -35.42
C GLN F 93 -1.45 -25.36 -35.74
N ILE F 94 -0.78 -26.26 -35.01
CA ILE F 94 0.65 -26.55 -35.22
C ILE F 94 0.89 -27.18 -36.59
N ASN F 95 0.04 -28.14 -36.98
CA ASN F 95 0.15 -28.72 -38.34
C ASN F 95 -0.05 -27.70 -39.45
N LEU F 96 -0.83 -26.64 -39.18
CA LEU F 96 -0.93 -25.50 -40.12
C LEU F 96 0.46 -24.88 -40.44
N VAL F 97 1.29 -24.74 -39.41
CA VAL F 97 2.65 -24.23 -39.58
C VAL F 97 3.51 -25.27 -40.29
N LEU F 98 3.56 -26.48 -39.75
CA LEU F 98 4.38 -27.55 -40.28
C LEU F 98 4.08 -27.86 -41.74
N LEU F 99 2.80 -27.79 -42.10
CA LEU F 99 2.38 -28.10 -43.44
C LEU F 99 2.25 -26.86 -44.33
N GLY F 100 2.40 -25.67 -43.74
CA GLY F 100 2.18 -24.43 -44.46
C GLY F 100 3.40 -23.61 -44.82
N ILE F 101 4.56 -23.94 -44.28
CA ILE F 101 5.78 -23.16 -44.51
C ILE F 101 6.02 -22.90 -46.01
N ASP F 102 5.90 -23.95 -46.84
CA ASP F 102 6.10 -23.86 -48.27
C ASP F 102 5.08 -22.98 -49.01
N SER F 103 3.99 -22.64 -48.33
CA SER F 103 2.95 -21.79 -48.91
C SER F 103 3.23 -20.31 -48.65
N LEU F 104 4.18 -20.01 -47.77
CA LEU F 104 4.50 -18.64 -47.46
C LEU F 104 5.58 -18.08 -48.36
N ASN F 105 5.32 -16.86 -48.87
CA ASN F 105 6.33 -16.06 -49.59
C ASN F 105 7.41 -15.65 -48.63
N ASP F 106 8.58 -15.30 -49.17
CA ASP F 106 9.67 -14.78 -48.36
C ASP F 106 9.16 -13.65 -47.47
N LYS F 107 9.63 -13.61 -46.23
CA LYS F 107 9.26 -12.58 -45.23
C LYS F 107 7.82 -12.65 -44.76
N GLY F 108 7.11 -13.71 -45.16
CA GLY F 108 5.74 -13.96 -44.69
C GLY F 108 5.63 -14.19 -43.20
N SER F 109 4.41 -14.43 -42.71
CA SER F 109 4.20 -14.75 -41.31
C SER F 109 3.12 -15.77 -41.03
N PHE F 110 3.22 -16.37 -39.85
CA PHE F 110 2.18 -17.17 -39.22
C PHE F 110 1.71 -16.44 -37.97
N THR F 111 0.43 -16.55 -37.68
CA THR F 111 -0.11 -16.05 -36.42
C THR F 111 -1.13 -17.05 -35.90
N LEU F 112 -0.89 -17.56 -34.69
CA LEU F 112 -1.77 -18.55 -34.08
C LEU F 112 -2.44 -18.00 -32.83
N THR F 113 -3.48 -18.68 -32.37
CA THR F 113 -4.32 -18.18 -31.28
C THR F 113 -4.05 -19.02 -30.08
N THR F 114 -3.89 -18.35 -28.94
CA THR F 114 -3.73 -19.04 -27.67
C THR F 114 -4.89 -18.63 -26.77
N GLY F 115 -4.59 -17.95 -25.66
CA GLY F 115 -5.64 -17.54 -24.74
C GLY F 115 -5.18 -17.48 -23.30
N ILE F 116 -5.89 -16.66 -22.54
CA ILE F 116 -5.54 -16.31 -21.17
C ILE F 116 -5.57 -17.52 -20.20
N MSE F 117 -6.23 -18.59 -20.64
CA MSE F 117 -6.48 -19.72 -19.76
C MSE F 117 -5.21 -20.40 -19.31
O MSE F 117 -5.21 -21.01 -18.24
CB MSE F 117 -7.45 -20.70 -20.42
CG MSE F 117 -8.87 -20.25 -20.30
SE MSE F 117 -10.08 -21.57 -21.06
CE MSE F 117 -10.05 -20.97 -22.88
N MSE F 118 -4.15 -20.29 -20.10
CA MSE F 118 -2.85 -20.81 -19.71
C MSE F 118 -2.21 -20.04 -18.56
O MSE F 118 -1.27 -20.54 -17.94
CB MSE F 118 -1.89 -20.81 -20.91
CG MSE F 118 -1.47 -19.41 -21.32
SE MSE F 118 -0.35 -19.43 -22.90
CE MSE F 118 -0.23 -17.48 -23.18
N GLU F 119 -2.72 -18.82 -18.31
CA GLU F 119 -2.08 -17.87 -17.37
C GLU F 119 -2.99 -17.51 -16.20
N ASP F 120 -4.30 -17.60 -16.45
CA ASP F 120 -5.34 -17.15 -15.52
C ASP F 120 -6.40 -18.24 -15.50
N PRO F 121 -6.09 -19.39 -14.87
CA PRO F 121 -6.87 -20.61 -15.09
C PRO F 121 -8.28 -20.64 -14.48
N ILE F 122 -9.16 -21.40 -15.12
CA ILE F 122 -10.55 -21.61 -14.66
C ILE F 122 -10.90 -23.08 -14.54
N VAL F 123 -11.85 -23.41 -13.65
CA VAL F 123 -12.42 -24.75 -13.61
C VAL F 123 -12.79 -25.12 -15.04
N GLN F 124 -12.41 -26.35 -15.45
CA GLN F 124 -12.66 -26.92 -16.80
C GLN F 124 -11.65 -26.53 -17.88
N GLY F 125 -10.79 -25.57 -17.61
CA GLY F 125 -9.90 -25.07 -18.65
C GLY F 125 -8.56 -25.75 -18.79
N ALA F 126 -8.32 -26.89 -18.14
CA ALA F 126 -6.98 -27.51 -18.11
C ALA F 126 -6.52 -27.99 -19.50
N SER F 127 -7.47 -28.54 -20.27
CA SER F 127 -7.19 -29.01 -21.62
C SER F 127 -6.88 -27.83 -22.53
N ALA F 128 -7.70 -26.77 -22.48
CA ALA F 128 -7.47 -25.57 -23.27
C ALA F 128 -6.17 -24.88 -22.84
N ALA F 129 -5.91 -24.85 -21.53
CA ALA F 129 -4.66 -24.28 -21.02
C ALA F 129 -3.45 -25.07 -21.57
N MSE F 130 -3.58 -26.38 -21.62
CA MSE F 130 -2.57 -27.24 -22.22
C MSE F 130 -2.29 -26.81 -23.66
O MSE F 130 -1.13 -26.62 -24.04
CB MSE F 130 -3.01 -28.71 -22.18
CG MSE F 130 -2.10 -29.68 -22.96
SE MSE F 130 -2.93 -31.39 -23.30
CE MSE F 130 -4.39 -30.79 -24.48
N ALA F 131 -3.34 -26.70 -24.46
CA ALA F 131 -3.17 -26.35 -25.87
C ALA F 131 -2.47 -24.99 -26.01
N ASN F 132 -2.86 -24.03 -25.16
CA ASN F 132 -2.33 -22.66 -25.23
C ASN F 132 -0.84 -22.58 -24.90
N GLY F 133 -0.46 -23.25 -23.81
CA GLY F 133 0.91 -23.39 -23.45
C GLY F 133 1.72 -24.07 -24.54
N ALA F 134 1.22 -25.17 -25.08
CA ALA F 134 1.90 -25.84 -26.20
C ALA F 134 2.13 -24.96 -27.43
N VAL F 135 1.10 -24.23 -27.88
CA VAL F 135 1.17 -23.40 -29.09
C VAL F 135 2.08 -22.18 -28.85
N THR F 136 2.06 -21.64 -27.63
CA THR F 136 2.92 -20.52 -27.21
C THR F 136 4.39 -20.92 -27.31
N ALA F 137 4.73 -22.05 -26.70
CA ALA F 137 6.11 -22.52 -26.66
C ALA F 137 6.56 -22.98 -28.03
N PHE F 138 5.66 -23.65 -28.76
CA PHE F 138 6.01 -24.05 -30.14
C PHE F 138 6.45 -22.84 -30.97
N ALA F 139 5.66 -21.78 -30.89
CA ALA F 139 5.90 -20.63 -31.76
C ALA F 139 7.18 -19.87 -31.37
N LYS F 140 7.37 -19.64 -30.07
CA LYS F 140 8.64 -19.08 -29.58
C LYS F 140 9.87 -19.79 -30.15
N SER F 141 9.83 -21.13 -30.07
CA SER F 141 10.91 -21.98 -30.53
C SER F 141 11.00 -22.00 -32.04
N ALA F 142 9.89 -22.25 -32.72
CA ALA F 142 9.85 -22.29 -34.18
C ALA F 142 10.38 -21.01 -34.81
N ALA F 143 10.19 -19.86 -34.14
CA ALA F 143 10.65 -18.56 -34.67
C ALA F 143 12.14 -18.50 -35.02
N ILE F 144 12.97 -19.20 -34.23
CA ILE F 144 14.41 -19.18 -34.46
C ILE F 144 14.89 -20.08 -35.59
N GLU F 145 13.99 -20.89 -36.15
CA GLU F 145 14.35 -21.77 -37.28
C GLU F 145 13.56 -21.53 -38.57
N MSE F 146 12.69 -20.52 -38.58
CA MSE F 146 11.96 -20.18 -39.81
C MSE F 146 12.92 -19.85 -40.97
O MSE F 146 13.90 -19.14 -40.78
CB MSE F 146 10.99 -19.01 -39.55
CG MSE F 146 9.74 -19.40 -38.79
SE MSE F 146 8.66 -20.72 -39.78
CE MSE F 146 7.62 -21.40 -38.28
N PRO F 147 12.66 -20.39 -42.18
CA PRO F 147 13.50 -20.03 -43.30
C PRO F 147 12.96 -18.79 -44.02
N ARG F 148 13.79 -18.23 -44.90
CA ARG F 148 13.41 -17.12 -45.79
C ARG F 148 12.76 -15.92 -45.11
N GLY F 149 13.17 -15.63 -43.86
CA GLY F 149 12.71 -14.42 -43.15
C GLY F 149 11.29 -14.52 -42.62
N ILE F 150 10.70 -15.71 -42.64
CA ILE F 150 9.34 -15.93 -42.15
C ILE F 150 9.25 -15.70 -40.62
N ARG F 151 8.20 -15.00 -40.19
CA ARG F 151 8.00 -14.70 -38.78
C ARG F 151 6.85 -15.53 -38.24
N ILE F 152 6.76 -15.63 -36.91
CA ILE F 152 5.66 -16.36 -36.30
C ILE F 152 5.40 -15.84 -34.89
N ASN F 153 4.16 -15.44 -34.66
CA ASN F 153 3.70 -14.97 -33.37
C ASN F 153 2.38 -15.60 -32.96
N THR F 154 2.04 -15.41 -31.70
CA THR F 154 0.81 -15.92 -31.17
C THR F 154 0.10 -14.71 -30.55
N VAL F 155 -1.24 -14.77 -30.57
CA VAL F 155 -2.10 -13.77 -29.91
C VAL F 155 -2.94 -14.47 -28.85
N SER F 156 -2.89 -13.95 -27.64
CA SER F 156 -3.53 -14.59 -26.50
C SER F 156 -4.65 -13.67 -26.00
N PRO F 157 -5.89 -13.98 -26.38
CA PRO F 157 -7.01 -13.15 -25.93
C PRO F 157 -7.54 -13.55 -24.55
N ASN F 158 -8.04 -12.56 -23.83
CA ASN F 158 -9.00 -12.76 -22.77
C ASN F 158 -10.36 -13.17 -23.40
N VAL F 159 -11.35 -13.48 -22.56
CA VAL F 159 -12.72 -13.67 -22.96
C VAL F 159 -13.24 -12.41 -23.70
N LEU F 160 -13.90 -12.62 -24.85
CA LEU F 160 -14.41 -11.52 -25.67
C LEU F 160 -15.71 -10.96 -25.16
N GLU F 161 -15.86 -9.63 -25.20
CA GLU F 161 -17.13 -8.98 -24.87
C GLU F 161 -18.26 -9.54 -25.73
N GLU F 162 -17.91 -9.87 -26.97
CA GLU F 162 -18.84 -10.42 -27.95
C GLU F 162 -19.40 -11.78 -27.53
N SER F 163 -18.64 -12.52 -26.73
CA SER F 163 -19.11 -13.83 -26.24
C SER F 163 -19.48 -13.83 -24.74
N TRP F 164 -19.50 -12.66 -24.12
CA TRP F 164 -19.61 -12.55 -22.67
C TRP F 164 -20.91 -13.14 -22.10
N ASP F 165 -22.02 -12.81 -22.75
CA ASP F 165 -23.35 -13.27 -22.32
C ASP F 165 -23.47 -14.80 -22.22
N LYS F 166 -22.65 -15.51 -22.99
CA LYS F 166 -22.68 -16.98 -23.05
C LYS F 166 -21.53 -17.62 -22.27
N LEU F 167 -20.45 -16.86 -22.08
CA LEU F 167 -19.26 -17.41 -21.42
C LEU F 167 -19.07 -16.93 -19.99
N GLU F 168 -19.79 -15.90 -19.57
CA GLU F 168 -19.64 -15.40 -18.20
C GLU F 168 -19.67 -16.49 -17.09
N PRO F 169 -20.58 -17.47 -17.18
CA PRO F 169 -20.55 -18.58 -16.18
C PRO F 169 -19.22 -19.31 -16.04
N PHE F 170 -18.45 -19.39 -17.12
CA PHE F 170 -17.12 -19.97 -17.10
C PHE F 170 -16.04 -19.00 -16.56
N PHE F 171 -16.31 -17.69 -16.67
CA PHE F 171 -15.28 -16.68 -16.38
C PHE F 171 -15.76 -15.63 -15.39
N GLU F 172 -16.29 -16.07 -14.26
CA GLU F 172 -16.87 -15.12 -13.33
C GLU F 172 -15.81 -14.23 -12.73
N GLY F 173 -16.08 -12.93 -12.74
CA GLY F 173 -15.13 -11.99 -12.21
C GLY F 173 -14.13 -11.48 -13.21
N PHE F 174 -14.00 -12.14 -14.37
CA PHE F 174 -13.11 -11.61 -15.42
C PHE F 174 -13.66 -10.32 -16.00
N LEU F 175 -12.80 -9.57 -16.70
CA LEU F 175 -13.25 -8.40 -17.42
C LEU F 175 -12.97 -8.65 -18.90
N PRO F 176 -14.04 -8.88 -19.69
CA PRO F 176 -13.75 -9.28 -21.07
C PRO F 176 -13.23 -8.11 -21.95
N VAL F 177 -12.63 -8.46 -23.09
CA VAL F 177 -12.02 -7.49 -24.00
C VAL F 177 -12.82 -7.42 -25.33
N PRO F 178 -12.82 -6.27 -26.02
CA PRO F 178 -13.57 -6.21 -27.30
C PRO F 178 -12.86 -7.06 -28.36
N ALA F 179 -13.62 -7.76 -29.19
CA ALA F 179 -13.03 -8.57 -30.25
C ALA F 179 -12.16 -7.72 -31.16
N ALA F 180 -12.56 -6.46 -31.33
CA ALA F 180 -11.86 -5.51 -32.19
C ALA F 180 -10.48 -5.12 -31.67
N LYS F 181 -10.31 -5.12 -30.35
CA LYS F 181 -9.00 -4.84 -29.74
C LYS F 181 -8.05 -6.00 -29.95
N VAL F 182 -8.55 -7.24 -29.79
CA VAL F 182 -7.75 -8.45 -30.06
C VAL F 182 -7.33 -8.48 -31.52
N ALA F 183 -8.26 -8.11 -32.41
CA ALA F 183 -7.99 -8.12 -33.82
C ALA F 183 -6.78 -7.26 -34.19
N ARG F 184 -6.51 -6.22 -33.38
CA ARG F 184 -5.36 -5.34 -33.59
C ARG F 184 -4.02 -6.05 -33.40
N ALA F 185 -3.97 -7.01 -32.47
CA ALA F 185 -2.73 -7.78 -32.22
C ALA F 185 -2.45 -8.70 -33.39
N PHE F 186 -3.52 -9.20 -34.02
CA PHE F 186 -3.36 -9.96 -35.26
C PHE F 186 -2.81 -9.06 -36.37
N GLU F 187 -3.32 -7.83 -36.47
CA GLU F 187 -2.78 -6.89 -37.45
C GLU F 187 -1.32 -6.59 -37.17
N LYS F 188 -0.98 -6.36 -35.91
CA LYS F 188 0.40 -6.17 -35.46
C LYS F 188 1.30 -7.33 -35.91
N SER F 189 0.83 -8.56 -35.73
CA SER F 189 1.62 -9.73 -36.06
C SER F 189 1.88 -9.76 -37.59
N VAL F 190 0.83 -9.55 -38.39
CA VAL F 190 0.92 -9.61 -39.85
C VAL F 190 1.70 -8.45 -40.49
N PHE F 191 1.48 -7.24 -39.99
CA PHE F 191 2.05 -6.05 -40.61
C PHE F 191 3.28 -5.49 -39.95
N GLY F 192 3.53 -5.87 -38.69
CA GLY F 192 4.76 -5.51 -37.98
C GLY F 192 5.91 -6.41 -38.40
N ALA F 193 6.97 -6.44 -37.59
CA ALA F 193 8.18 -7.15 -38.02
C ALA F 193 8.82 -7.97 -36.91
N GLN F 194 8.06 -8.17 -35.83
CA GLN F 194 8.51 -8.96 -34.71
C GLN F 194 8.22 -10.44 -34.96
N THR F 195 8.92 -11.30 -34.24
CA THR F 195 8.71 -12.76 -34.35
C THR F 195 8.91 -13.42 -32.98
N GLY F 196 8.36 -14.63 -32.81
CA GLY F 196 8.42 -15.34 -31.51
C GLY F 196 7.76 -14.64 -30.31
N GLU F 197 6.85 -13.70 -30.59
CA GLU F 197 6.15 -12.96 -29.54
C GLU F 197 4.80 -13.63 -29.21
N SER F 198 4.33 -13.40 -27.98
CA SER F 198 2.98 -13.75 -27.55
C SER F 198 2.29 -12.44 -27.20
N TYR F 199 1.39 -12.00 -28.06
CA TYR F 199 0.65 -10.75 -27.83
C TYR F 199 -0.58 -10.96 -26.94
N GLN F 200 -0.45 -10.59 -25.68
CA GLN F 200 -1.55 -10.76 -24.72
C GLN F 200 -2.52 -9.62 -24.85
N VAL F 201 -3.79 -9.95 -25.05
CA VAL F 201 -4.85 -8.95 -25.00
C VAL F 201 -5.78 -9.31 -23.83
N TYR F 202 -5.33 -8.94 -22.62
CA TYR F 202 -5.98 -9.33 -21.39
C TYR F 202 -6.76 -8.14 -20.78
N ALA G 3 -32.53 -7.95 38.90
CA ALA G 3 -31.27 -8.77 38.89
C ALA G 3 -30.11 -7.99 38.23
N MSE G 4 -29.91 -6.77 38.73
CA MSE G 4 -28.82 -5.88 38.32
C MSE G 4 -27.41 -6.50 38.50
O MSE G 4 -27.13 -7.11 39.54
CB MSE G 4 -28.89 -4.63 39.17
CG MSE G 4 -27.81 -3.62 38.88
SE MSE G 4 -28.47 -1.93 38.21
CE MSE G 4 -29.85 -2.54 36.98
N LYS G 5 -26.57 -6.32 37.51
CA LYS G 5 -25.20 -6.80 37.56
C LYS G 5 -24.14 -5.68 37.39
N ILE G 6 -23.24 -5.62 38.36
CA ILE G 6 -22.20 -4.60 38.41
C ILE G 6 -20.77 -5.20 38.35
N LEU G 7 -19.94 -4.68 37.44
CA LEU G 7 -18.52 -4.99 37.43
C LEU G 7 -17.81 -3.91 38.21
N LEU G 8 -17.15 -4.28 39.30
CA LEU G 8 -16.41 -3.31 40.07
C LEU G 8 -14.91 -3.58 40.03
N ILE G 9 -14.18 -2.67 39.40
CA ILE G 9 -12.74 -2.79 39.25
C ILE G 9 -12.04 -2.03 40.37
N GLY G 10 -11.21 -2.72 41.13
CA GLY G 10 -10.48 -2.13 42.26
C GLY G 10 -11.23 -2.35 43.56
N ALA G 11 -12.01 -3.42 43.62
CA ALA G 11 -12.89 -3.70 44.79
C ALA G 11 -12.16 -3.94 46.12
N SER G 12 -10.87 -4.25 46.07
CA SER G 12 -10.10 -4.54 47.30
C SER G 12 -9.35 -3.33 47.91
N GLY G 13 -9.39 -2.17 47.26
CA GLY G 13 -8.83 -0.95 47.85
C GLY G 13 -9.74 -0.40 48.95
N THR G 14 -9.30 0.62 49.66
CA THR G 14 -10.15 1.26 50.70
C THR G 14 -11.43 1.79 50.08
N LEU G 15 -11.30 2.60 49.04
CA LEU G 15 -12.45 3.13 48.32
C LEU G 15 -13.30 1.99 47.74
N GLY G 16 -12.66 1.11 46.96
CA GLY G 16 -13.38 0.02 46.28
C GLY G 16 -14.18 -0.85 47.23
N SER G 17 -13.63 -1.07 48.44
CA SER G 17 -14.33 -1.82 49.48
C SER G 17 -15.59 -1.13 49.96
N ALA G 18 -15.46 0.16 50.23
CA ALA G 18 -16.57 0.99 50.65
C ALA G 18 -17.66 0.96 49.56
N VAL G 19 -17.24 1.10 48.30
CA VAL G 19 -18.17 1.03 47.16
C VAL G 19 -18.86 -0.34 47.11
N LYS G 20 -18.07 -1.42 47.23
CA LYS G 20 -18.61 -2.81 47.18
C LYS G 20 -19.68 -2.99 48.26
N GLU G 21 -19.39 -2.55 49.48
CA GLU G 21 -20.32 -2.65 50.61
C GLU G 21 -21.70 -2.08 50.30
N ARG G 22 -21.75 -0.90 49.70
CA ARG G 22 -23.06 -0.30 49.32
C ARG G 22 -23.74 -0.99 48.14
N LEU G 23 -22.98 -1.25 47.07
CA LEU G 23 -23.57 -1.72 45.83
C LEU G 23 -24.14 -3.11 45.91
N GLU G 24 -23.45 -4.01 46.63
CA GLU G 24 -23.82 -5.42 46.67
C GLU G 24 -25.14 -5.65 47.44
N LYS G 25 -25.57 -4.62 48.16
CA LYS G 25 -26.87 -4.64 48.84
C LYS G 25 -28.05 -4.56 47.83
N LYS G 26 -27.74 -4.07 46.63
CA LYS G 26 -28.73 -3.74 45.62
C LYS G 26 -28.50 -4.47 44.30
N ALA G 27 -27.40 -5.22 44.21
CA ALA G 27 -26.95 -5.81 42.95
C ALA G 27 -25.96 -6.95 43.15
N GLU G 28 -25.82 -7.81 42.13
CA GLU G 28 -24.69 -8.74 42.03
C GLU G 28 -23.45 -7.96 41.57
N VAL G 29 -22.42 -7.95 42.42
CA VAL G 29 -21.16 -7.33 42.10
C VAL G 29 -20.19 -8.43 41.69
N ILE G 30 -19.63 -8.31 40.48
CA ILE G 30 -18.47 -9.07 40.04
C ILE G 30 -17.23 -8.18 40.26
N THR G 31 -16.26 -8.67 41.03
CA THR G 31 -15.06 -7.86 41.31
C THR G 31 -13.92 -8.14 40.36
N ALA G 32 -13.12 -7.11 40.09
CA ALA G 32 -11.90 -7.25 39.31
C ALA G 32 -10.77 -6.45 39.95
N GLY G 33 -9.57 -6.97 39.81
CA GLY G 33 -8.36 -6.30 40.30
C GLY G 33 -7.11 -6.88 39.70
N ARG G 34 -5.99 -6.26 40.00
CA ARG G 34 -4.73 -6.71 39.45
C ARG G 34 -4.36 -8.12 39.93
N HIS G 35 -4.43 -8.33 41.24
CA HIS G 35 -4.07 -9.64 41.77
C HIS G 35 -5.21 -10.41 42.44
N SER G 36 -6.33 -9.74 42.69
CA SER G 36 -7.49 -10.36 43.37
C SER G 36 -8.84 -10.01 42.74
N GLY G 37 -9.87 -10.76 43.09
CA GLY G 37 -11.21 -10.52 42.58
C GLY G 37 -11.71 -11.69 41.77
N ASP G 38 -12.99 -11.65 41.40
CA ASP G 38 -13.61 -12.65 40.52
C ASP G 38 -12.87 -12.77 39.18
N VAL G 39 -12.39 -11.65 38.66
CA VAL G 39 -11.58 -11.66 37.46
C VAL G 39 -10.37 -10.78 37.74
N THR G 40 -9.23 -11.11 37.14
CA THR G 40 -8.05 -10.29 37.29
C THR G 40 -7.81 -9.54 35.99
N VAL G 41 -7.32 -8.31 36.15
CA VAL G 41 -7.10 -7.40 35.03
C VAL G 41 -5.89 -6.49 35.32
N ASP G 42 -5.08 -6.26 34.28
CA ASP G 42 -4.03 -5.22 34.29
C ASP G 42 -4.54 -4.07 33.40
N ILE G 43 -4.99 -2.99 34.03
CA ILE G 43 -5.61 -1.90 33.30
C ILE G 43 -4.62 -1.12 32.40
N THR G 44 -3.32 -1.30 32.64
CA THR G 44 -2.26 -0.74 31.80
C THR G 44 -2.01 -1.59 30.53
N ASN G 45 -2.68 -2.73 30.43
CA ASN G 45 -2.49 -3.65 29.29
C ASN G 45 -3.83 -3.79 28.57
N ILE G 46 -3.99 -3.20 27.37
CA ILE G 46 -5.33 -3.27 26.72
C ILE G 46 -5.77 -4.70 26.39
N ASP G 47 -4.82 -5.61 26.13
CA ASP G 47 -5.21 -7.00 25.89
C ASP G 47 -5.82 -7.66 27.14
N SER G 48 -5.35 -7.25 28.31
CA SER G 48 -5.86 -7.76 29.60
C SER G 48 -7.26 -7.19 29.88
N ILE G 49 -7.46 -5.93 29.54
CA ILE G 49 -8.81 -5.34 29.65
C ILE G 49 -9.81 -6.07 28.74
N LYS G 50 -9.41 -6.34 27.48
CA LYS G 50 -10.27 -7.04 26.53
C LYS G 50 -10.61 -8.46 27.00
N LYS G 51 -9.62 -9.19 27.51
CA LYS G 51 -9.93 -10.51 28.01
C LYS G 51 -10.90 -10.48 29.23
N MSE G 52 -10.73 -9.49 30.11
CA MSE G 52 -11.67 -9.29 31.22
C MSE G 52 -13.11 -9.21 30.69
O MSE G 52 -13.98 -9.98 31.11
CB MSE G 52 -11.34 -8.03 32.06
CG MSE G 52 -12.36 -7.73 33.15
SE MSE G 52 -12.11 -6.03 34.04
CE MSE G 52 -12.62 -4.80 32.61
N TYR G 53 -13.35 -8.26 29.78
CA TYR G 53 -14.66 -8.06 29.17
C TYR G 53 -15.20 -9.31 28.49
N GLU G 54 -14.32 -10.07 27.83
CA GLU G 54 -14.68 -11.33 27.19
C GLU G 54 -15.21 -12.36 28.22
N GLN G 55 -14.54 -12.47 29.37
CA GLN G 55 -14.94 -13.42 30.39
C GLN G 55 -16.22 -13.03 31.11
N VAL G 56 -16.31 -11.75 31.47
CA VAL G 56 -17.41 -11.22 32.26
C VAL G 56 -18.75 -11.27 31.49
N GLY G 57 -18.70 -11.00 30.18
CA GLY G 57 -19.93 -10.80 29.39
C GLY G 57 -20.64 -9.49 29.73
N LYS G 58 -21.96 -9.46 29.54
CA LYS G 58 -22.73 -8.23 29.65
C LYS G 58 -23.12 -7.87 31.10
N VAL G 59 -22.93 -6.59 31.46
CA VAL G 59 -23.28 -6.08 32.78
C VAL G 59 -24.12 -4.81 32.63
N ASP G 60 -24.74 -4.39 33.74
CA ASP G 60 -25.52 -3.17 33.74
C ASP G 60 -24.68 -1.95 34.11
N ALA G 61 -23.62 -2.16 34.88
CA ALA G 61 -22.75 -1.04 35.23
C ALA G 61 -21.30 -1.49 35.37
N ILE G 62 -20.40 -0.64 34.86
CA ILE G 62 -18.99 -0.82 35.03
C ILE G 62 -18.55 0.35 35.91
N VAL G 63 -17.95 0.01 37.04
CA VAL G 63 -17.52 1.02 38.03
C VAL G 63 -16.05 0.84 38.28
N SER G 64 -15.29 1.91 38.13
CA SER G 64 -13.84 1.89 38.32
C SER G 64 -13.44 2.67 39.56
N ALA G 65 -13.06 1.95 40.61
CA ALA G 65 -12.46 2.57 41.80
C ALA G 65 -10.98 2.20 41.83
N THR G 66 -10.30 2.32 40.70
CA THR G 66 -8.91 1.89 40.56
C THR G 66 -8.05 2.92 39.78
N GLY G 67 -6.74 2.66 39.67
CA GLY G 67 -5.84 3.45 38.83
C GLY G 67 -4.78 4.07 39.71
N SER G 68 -3.53 3.95 39.28
CA SER G 68 -2.40 4.41 40.05
C SER G 68 -1.82 5.69 39.46
N ALA G 69 -1.38 6.58 40.34
CA ALA G 69 -0.69 7.80 39.95
C ALA G 69 0.60 7.95 40.72
N THR G 70 1.66 8.32 39.99
CA THR G 70 2.93 8.73 40.56
C THR G 70 2.72 9.94 41.48
N PHE G 71 3.30 9.88 42.68
CA PHE G 71 3.43 11.08 43.54
C PHE G 71 4.90 11.50 43.60
N SER G 72 5.18 12.66 43.02
CA SER G 72 6.54 13.12 42.89
C SER G 72 6.56 14.61 42.95
N PRO G 73 7.55 15.15 43.67
CA PRO G 73 7.74 16.61 43.60
C PRO G 73 7.93 16.94 42.11
N LEU G 74 7.44 18.10 41.71
CA LEU G 74 7.41 18.49 40.30
C LEU G 74 8.79 18.54 39.64
N THR G 75 9.77 19.04 40.35
CA THR G 75 11.12 19.13 39.81
C THR G 75 11.84 17.78 39.72
N GLU G 76 11.30 16.75 40.36
CA GLU G 76 11.79 15.38 40.19
C GLU G 76 10.88 14.55 39.29
N LEU G 77 9.85 15.17 38.72
CA LEU G 77 8.90 14.40 37.94
C LEU G 77 9.39 14.32 36.50
N THR G 78 9.90 13.16 36.13
CA THR G 78 10.40 12.93 34.77
C THR G 78 9.24 12.47 33.88
N PRO G 79 9.39 12.57 32.54
CA PRO G 79 8.36 11.93 31.67
C PRO G 79 8.12 10.45 31.96
N GLU G 80 9.18 9.74 32.31
CA GLU G 80 9.10 8.31 32.59
C GLU G 80 8.26 8.05 33.87
N LYS G 81 8.43 8.88 34.90
CA LYS G 81 7.63 8.77 36.13
C LYS G 81 6.17 9.14 35.83
N ASN G 82 6.01 10.20 35.04
CA ASN G 82 4.69 10.66 34.65
C ASN G 82 3.93 9.63 33.82
N ALA G 83 4.66 8.87 32.99
CA ALA G 83 4.08 7.80 32.18
C ALA G 83 3.35 6.74 33.01
N VAL G 84 3.81 6.50 34.23
CA VAL G 84 3.11 5.55 35.12
C VAL G 84 1.64 5.97 35.32
N THR G 85 1.41 7.26 35.63
CA THR G 85 0.07 7.81 35.79
C THR G 85 -0.75 7.75 34.49
N ILE G 86 -0.10 8.14 33.41
CA ILE G 86 -0.74 8.17 32.09
C ILE G 86 -1.26 6.77 31.70
N SER G 87 -0.48 5.74 32.02
CA SER G 87 -0.86 4.41 31.61
C SER G 87 -1.93 3.79 32.52
N SER G 88 -2.08 4.31 33.74
CA SER G 88 -2.92 3.64 34.75
C SER G 88 -4.14 4.49 35.14
N LYS G 89 -3.97 5.43 36.07
CA LYS G 89 -5.08 6.28 36.52
C LYS G 89 -5.79 7.02 35.36
N LEU G 90 -5.04 7.49 34.38
CA LEU G 90 -5.63 8.21 33.26
C LEU G 90 -6.03 7.22 32.13
N GLY G 91 -5.04 6.64 31.49
CA GLY G 91 -5.26 5.77 30.30
C GLY G 91 -5.99 4.48 30.63
N GLY G 92 -5.67 3.89 31.77
CA GLY G 92 -6.28 2.62 32.15
C GLY G 92 -7.76 2.83 32.38
N GLN G 93 -8.12 3.88 33.15
CA GLN G 93 -9.53 4.12 33.44
C GLN G 93 -10.30 4.44 32.15
N ILE G 94 -9.70 5.24 31.27
CA ILE G 94 -10.33 5.61 30.00
C ILE G 94 -10.47 4.40 29.02
N ASN G 95 -9.44 3.58 28.96
CA ASN G 95 -9.48 2.34 28.15
C ASN G 95 -10.52 1.35 28.63
N LEU G 96 -10.85 1.40 29.93
CA LEU G 96 -11.99 0.66 30.48
C LEU G 96 -13.30 1.04 29.81
N VAL G 97 -13.45 2.33 29.53
CA VAL G 97 -14.61 2.82 28.78
C VAL G 97 -14.59 2.49 27.27
N LEU G 98 -13.47 2.77 26.60
CA LEU G 98 -13.36 2.60 25.16
C LEU G 98 -13.50 1.16 24.77
N LEU G 99 -13.16 0.29 25.71
CA LEU G 99 -13.18 -1.12 25.44
C LEU G 99 -14.44 -1.79 26.03
N GLY G 100 -15.18 -1.04 26.84
CA GLY G 100 -16.31 -1.59 27.57
C GLY G 100 -17.73 -1.29 27.07
N ILE G 101 -17.90 -0.38 26.11
CA ILE G 101 -19.25 0.05 25.71
C ILE G 101 -20.09 -1.15 25.28
N ASP G 102 -19.50 -2.09 24.53
CA ASP G 102 -20.21 -3.28 24.05
C ASP G 102 -20.48 -4.31 25.15
N SER G 103 -19.99 -4.06 26.36
CA SER G 103 -20.24 -4.95 27.50
C SER G 103 -21.39 -4.44 28.37
N LEU G 104 -21.87 -3.24 28.07
CA LEU G 104 -22.97 -2.68 28.85
C LEU G 104 -24.30 -2.99 28.20
N ASN G 105 -25.26 -3.45 29.02
CA ASN G 105 -26.66 -3.50 28.65
C ASN G 105 -27.20 -2.10 28.31
N ASP G 106 -28.25 -2.05 27.52
CA ASP G 106 -28.93 -0.79 27.22
C ASP G 106 -29.22 -0.07 28.54
N LYS G 107 -28.98 1.24 28.53
CA LYS G 107 -29.23 2.09 29.69
C LYS G 107 -28.30 1.80 30.90
N GLY G 108 -27.21 1.07 30.64
CA GLY G 108 -26.12 0.90 31.63
C GLY G 108 -25.30 2.17 31.90
N SER G 109 -24.26 2.04 32.73
CA SER G 109 -23.48 3.20 33.14
C SER G 109 -22.02 2.89 33.36
N PHE G 110 -21.21 3.92 33.18
CA PHE G 110 -19.83 3.87 33.60
C PHE G 110 -19.71 4.86 34.75
N THR G 111 -18.89 4.52 35.74
CA THR G 111 -18.50 5.47 36.78
C THR G 111 -17.00 5.39 37.01
N LEU G 112 -16.29 6.50 36.80
CA LEU G 112 -14.82 6.51 37.05
C LEU G 112 -14.45 7.38 38.25
N THR G 113 -13.24 7.16 38.78
CA THR G 113 -12.75 7.93 39.92
C THR G 113 -11.71 9.00 39.52
N THR G 114 -11.93 10.20 40.01
CA THR G 114 -10.98 11.30 39.84
C THR G 114 -10.41 11.67 41.20
N GLY G 115 -10.65 12.90 41.68
CA GLY G 115 -10.04 13.31 42.97
C GLY G 115 -9.83 14.81 43.12
N ILE G 116 -9.87 15.27 44.38
CA ILE G 116 -9.80 16.69 44.72
C ILE G 116 -8.52 17.40 44.27
N MSE G 117 -7.44 16.65 44.10
CA MSE G 117 -6.15 17.22 43.72
C MSE G 117 -6.16 18.06 42.43
O MSE G 117 -5.26 18.87 42.21
CB MSE G 117 -5.09 16.12 43.62
CG MSE G 117 -4.39 15.82 44.93
SE MSE G 117 -3.40 14.12 44.80
CE MSE G 117 -4.82 12.97 45.47
N MSE G 118 -7.15 17.85 41.57
CA MSE G 118 -7.30 18.66 40.35
C MSE G 118 -7.83 20.09 40.62
O MSE G 118 -7.68 20.99 39.77
CB MSE G 118 -8.17 17.96 39.31
CG MSE G 118 -9.65 18.05 39.62
SE MSE G 118 -10.75 17.05 38.38
CE MSE G 118 -12.35 17.00 39.48
N GLU G 119 -8.47 20.28 41.77
CA GLU G 119 -9.17 21.54 42.09
C GLU G 119 -8.54 22.19 43.32
N ASP G 120 -7.88 21.37 44.13
CA ASP G 120 -7.32 21.81 45.43
C ASP G 120 -5.89 21.21 45.54
N PRO G 121 -4.94 21.78 44.76
CA PRO G 121 -3.67 21.11 44.55
C PRO G 121 -2.72 21.09 45.75
N ILE G 122 -1.94 20.01 45.80
CA ILE G 122 -0.94 19.79 46.79
C ILE G 122 0.40 19.51 46.13
N VAL G 123 1.46 19.82 46.88
CA VAL G 123 2.82 19.47 46.53
C VAL G 123 2.88 17.96 46.22
N GLN G 124 3.54 17.61 45.11
CA GLN G 124 3.67 16.23 44.59
C GLN G 124 2.48 15.75 43.82
N GLY G 125 1.44 16.59 43.76
CA GLY G 125 0.17 16.21 43.15
C GLY G 125 -0.03 16.40 41.65
N ALA G 126 0.94 16.95 40.93
CA ALA G 126 0.69 17.42 39.54
C ALA G 126 0.33 16.28 38.58
N SER G 127 0.95 15.12 38.78
CA SER G 127 0.65 13.96 37.92
C SER G 127 -0.76 13.44 38.18
N ALA G 128 -1.07 13.19 39.44
CA ALA G 128 -2.43 12.83 39.85
C ALA G 128 -3.48 13.86 39.37
N ALA G 129 -3.18 15.15 39.54
CA ALA G 129 -4.05 16.24 39.06
C ALA G 129 -4.32 16.11 37.54
N MSE G 130 -3.25 15.88 36.79
CA MSE G 130 -3.34 15.67 35.34
C MSE G 130 -4.36 14.56 35.02
O MSE G 130 -5.32 14.79 34.28
CB MSE G 130 -1.96 15.34 34.76
CG MSE G 130 -1.97 14.85 33.32
SE MSE G 130 -0.30 13.97 32.86
CE MSE G 130 -0.35 12.40 34.03
N ALA G 131 -4.16 13.39 35.61
CA ALA G 131 -5.06 12.27 35.43
C ALA G 131 -6.53 12.61 35.78
N ASN G 132 -6.78 13.22 36.95
CA ASN G 132 -8.14 13.58 37.41
C ASN G 132 -8.82 14.54 36.42
N GLY G 133 -8.10 15.59 36.01
CA GLY G 133 -8.58 16.52 34.98
C GLY G 133 -8.87 15.88 33.62
N ALA G 134 -8.05 14.94 33.18
CA ALA G 134 -8.29 14.22 31.92
C ALA G 134 -9.56 13.34 31.99
N VAL G 135 -9.68 12.57 33.06
CA VAL G 135 -10.81 11.64 33.19
C VAL G 135 -12.11 12.41 33.33
N THR G 136 -12.06 13.53 34.09
CA THR G 136 -13.19 14.42 34.24
C THR G 136 -13.69 14.91 32.87
N ALA G 137 -12.78 15.52 32.11
CA ALA G 137 -13.14 16.08 30.81
C ALA G 137 -13.53 14.95 29.81
N PHE G 138 -12.77 13.86 29.80
CA PHE G 138 -13.18 12.71 28.96
C PHE G 138 -14.64 12.27 29.20
N ALA G 139 -15.01 12.03 30.46
CA ALA G 139 -16.36 11.55 30.78
C ALA G 139 -17.46 12.57 30.46
N LYS G 140 -17.22 13.86 30.72
CA LYS G 140 -18.18 14.89 30.37
C LYS G 140 -18.51 14.86 28.85
N SER G 141 -17.44 14.76 28.07
CA SER G 141 -17.56 14.75 26.62
C SER G 141 -18.10 13.44 26.04
N ALA G 142 -17.64 12.30 26.57
CA ALA G 142 -18.13 10.98 26.09
C ALA G 142 -19.60 10.78 26.38
N ALA G 143 -20.11 11.42 27.43
CA ALA G 143 -21.52 11.35 27.78
C ALA G 143 -22.48 11.68 26.62
N ILE G 144 -22.09 12.62 25.75
CA ILE G 144 -22.97 13.04 24.64
C ILE G 144 -22.91 12.09 23.43
N GLU G 145 -22.00 11.12 23.44
CA GLU G 145 -21.93 10.15 22.34
C GLU G 145 -22.19 8.72 22.79
N MSE G 146 -22.63 8.52 24.03
CA MSE G 146 -22.94 7.16 24.50
C MSE G 146 -24.13 6.58 23.73
O MSE G 146 -25.19 7.24 23.59
CB MSE G 146 -23.18 7.14 26.03
CG MSE G 146 -21.92 7.21 26.86
SE MSE G 146 -20.71 5.71 26.49
CE MSE G 146 -19.18 6.39 27.44
N PRO G 147 -23.97 5.38 23.18
CA PRO G 147 -25.12 4.73 22.54
C PRO G 147 -26.08 4.05 23.54
N ARG G 148 -27.32 3.80 23.11
CA ARG G 148 -28.23 2.88 23.80
C ARG G 148 -28.57 3.34 25.21
N GLY G 149 -28.65 4.67 25.42
CA GLY G 149 -28.99 5.24 26.73
C GLY G 149 -27.93 5.08 27.80
N ILE G 150 -26.74 4.63 27.41
CA ILE G 150 -25.64 4.46 28.37
C ILE G 150 -25.25 5.81 28.98
N ARG G 151 -24.98 5.80 30.29
CA ARG G 151 -24.55 7.01 31.00
C ARG G 151 -23.10 6.84 31.50
N ILE G 152 -22.44 7.97 31.79
CA ILE G 152 -21.09 8.02 32.36
C ILE G 152 -20.90 9.23 33.28
N ASN G 153 -20.37 8.99 34.47
CA ASN G 153 -20.11 10.05 35.45
C ASN G 153 -18.77 9.75 36.09
N THR G 154 -18.25 10.74 36.80
CA THR G 154 -17.05 10.55 37.60
C THR G 154 -17.31 10.88 39.03
N VAL G 155 -16.55 10.26 39.94
CA VAL G 155 -16.67 10.62 41.35
C VAL G 155 -15.33 11.16 41.78
N SER G 156 -15.37 12.33 42.42
CA SER G 156 -14.17 13.00 42.84
C SER G 156 -14.08 13.08 44.37
N PRO G 157 -13.36 12.13 44.98
CA PRO G 157 -13.18 12.14 46.45
C PRO G 157 -12.12 13.10 46.99
N ASN G 158 -12.41 13.67 48.16
CA ASN G 158 -11.37 14.25 49.05
C ASN G 158 -10.51 13.10 49.64
N VAL G 159 -9.46 13.46 50.37
CA VAL G 159 -8.67 12.45 51.08
C VAL G 159 -9.61 11.71 52.04
N LEU G 160 -9.50 10.39 52.12
CA LEU G 160 -10.40 9.58 52.95
C LEU G 160 -10.04 9.51 54.42
N GLU G 161 -11.04 9.49 55.31
CA GLU G 161 -10.80 9.35 56.73
C GLU G 161 -10.03 8.07 57.03
N GLU G 162 -10.31 7.02 56.26
CA GLU G 162 -9.70 5.70 56.46
C GLU G 162 -8.21 5.66 56.07
N SER G 163 -7.77 6.63 55.27
CA SER G 163 -6.38 6.71 54.84
C SER G 163 -5.58 7.83 55.53
N TRP G 164 -6.20 8.49 56.50
CA TRP G 164 -5.72 9.77 57.04
C TRP G 164 -4.42 9.61 57.82
N ASP G 165 -4.31 8.52 58.60
CA ASP G 165 -3.08 8.23 59.38
C ASP G 165 -1.85 8.20 58.50
N LYS G 166 -2.01 7.66 57.29
CA LYS G 166 -0.95 7.55 56.32
C LYS G 166 -0.80 8.80 55.44
N LEU G 167 -1.90 9.48 55.12
CA LEU G 167 -1.88 10.52 54.10
C LEU G 167 -1.79 11.96 54.62
N GLU G 168 -2.01 12.15 55.93
CA GLU G 168 -1.94 13.51 56.53
C GLU G 168 -0.78 14.37 56.05
N PRO G 169 0.46 13.81 56.07
CA PRO G 169 1.62 14.56 55.61
C PRO G 169 1.46 15.18 54.23
N PHE G 170 0.69 14.54 53.35
CA PHE G 170 0.47 15.09 51.99
C PHE G 170 -0.60 16.18 51.97
N PHE G 171 -1.46 16.20 52.98
CA PHE G 171 -2.76 16.89 52.95
C PHE G 171 -2.98 17.70 54.21
N GLU G 172 -1.94 18.39 54.66
CA GLU G 172 -2.04 19.11 55.90
C GLU G 172 -3.10 20.22 55.82
N GLY G 173 -3.97 20.25 56.82
CA GLY G 173 -5.06 21.22 56.87
C GLY G 173 -6.32 20.85 56.08
N PHE G 174 -6.30 19.74 55.34
CA PHE G 174 -7.48 19.24 54.67
C PHE G 174 -8.43 18.60 55.69
N LEU G 175 -9.70 18.47 55.34
CA LEU G 175 -10.65 17.79 56.21
C LEU G 175 -11.06 16.51 55.50
N PRO G 176 -10.56 15.36 55.97
CA PRO G 176 -10.83 14.15 55.20
C PRO G 176 -12.33 13.77 55.23
N VAL G 177 -12.74 12.89 54.31
CA VAL G 177 -14.14 12.47 54.21
C VAL G 177 -14.27 10.96 54.44
N PRO G 178 -15.41 10.49 55.00
CA PRO G 178 -15.54 9.04 55.20
C PRO G 178 -15.69 8.31 53.87
N ALA G 179 -14.99 7.19 53.71
CA ALA G 179 -15.12 6.40 52.47
C ALA G 179 -16.59 6.07 52.16
N ALA G 180 -17.37 5.81 53.21
CA ALA G 180 -18.81 5.55 53.10
C ALA G 180 -19.63 6.68 52.43
N LYS G 181 -19.14 7.92 52.56
CA LYS G 181 -19.81 9.06 51.95
C LYS G 181 -19.48 9.13 50.47
N VAL G 182 -18.23 8.82 50.11
CA VAL G 182 -17.84 8.76 48.72
C VAL G 182 -18.60 7.64 48.01
N ALA G 183 -18.77 6.51 48.70
CA ALA G 183 -19.53 5.38 48.18
C ALA G 183 -20.96 5.74 47.78
N ARG G 184 -21.61 6.63 48.55
CA ARG G 184 -22.93 7.14 48.16
C ARG G 184 -22.94 7.79 46.78
N ALA G 185 -21.87 8.52 46.43
CA ALA G 185 -21.76 9.14 45.10
C ALA G 185 -21.71 8.10 43.98
N PHE G 186 -21.07 6.95 44.26
CA PHE G 186 -20.98 5.84 43.29
C PHE G 186 -22.34 5.23 43.09
N GLU G 187 -23.06 5.03 44.20
CA GLU G 187 -24.42 4.55 44.16
C GLU G 187 -25.31 5.52 43.34
N LYS G 188 -25.11 6.84 43.54
CA LYS G 188 -25.85 7.84 42.82
C LYS G 188 -25.62 7.73 41.31
N SER G 189 -24.37 7.53 40.89
CA SER G 189 -24.09 7.35 39.46
C SER G 189 -24.77 6.07 38.89
N VAL G 190 -24.62 4.96 39.59
CA VAL G 190 -25.17 3.66 39.13
C VAL G 190 -26.72 3.66 39.12
N PHE G 191 -27.35 4.13 40.19
CA PHE G 191 -28.81 3.95 40.34
C PHE G 191 -29.62 5.18 39.96
N GLY G 192 -28.97 6.34 39.88
CA GLY G 192 -29.64 7.54 39.37
C GLY G 192 -29.68 7.51 37.85
N ALA G 193 -30.00 8.65 37.25
CA ALA G 193 -30.20 8.72 35.80
C ALA G 193 -29.48 9.89 35.13
N GLN G 194 -28.48 10.44 35.81
CA GLN G 194 -27.74 11.60 35.33
C GLN G 194 -26.53 11.12 34.53
N THR G 195 -26.03 11.97 33.65
CA THR G 195 -24.87 11.62 32.86
C THR G 195 -23.98 12.84 32.66
N GLY G 196 -22.69 12.60 32.45
CA GLY G 196 -21.77 13.72 32.24
C GLY G 196 -21.49 14.54 33.48
N GLU G 197 -21.69 13.98 34.67
CA GLU G 197 -21.51 14.75 35.92
C GLU G 197 -20.20 14.40 36.61
N SER G 198 -19.70 15.33 37.41
CA SER G 198 -18.58 15.07 38.31
C SER G 198 -19.10 15.25 39.71
N TYR G 199 -19.22 14.14 40.42
CA TYR G 199 -19.75 14.20 41.78
C TYR G 199 -18.63 14.45 42.80
N GLN G 200 -18.63 15.65 43.36
CA GLN G 200 -17.54 15.98 44.27
C GLN G 200 -17.92 15.54 45.66
N VAL G 201 -17.04 14.83 46.34
CA VAL G 201 -17.29 14.49 47.75
C VAL G 201 -16.12 15.10 48.51
N TYR G 202 -16.21 16.40 48.74
CA TYR G 202 -15.12 17.19 49.28
C TYR G 202 -15.40 17.57 50.72
N SER H 1 20.95 44.82 29.60
CA SER H 1 20.40 43.45 29.75
C SER H 1 19.82 42.96 28.41
N ASN H 2 19.61 41.66 28.28
CA ASN H 2 19.01 41.14 27.05
C ASN H 2 17.53 41.40 27.04
N ALA H 3 16.98 41.67 25.86
CA ALA H 3 15.54 41.68 25.69
C ALA H 3 15.00 40.29 26.06
N MSE H 4 13.78 40.28 26.58
CA MSE H 4 13.10 39.04 26.90
C MSE H 4 13.20 38.08 25.72
O MSE H 4 13.00 38.48 24.55
CB MSE H 4 11.65 39.33 27.22
CG MSE H 4 10.81 38.08 27.22
SE MSE H 4 9.12 38.44 28.06
CE MSE H 4 9.80 39.30 29.69
N LYS H 5 13.54 36.82 26.02
CA LYS H 5 13.58 35.76 25.02
C LYS H 5 12.40 34.82 25.20
N ILE H 6 11.67 34.62 24.12
CA ILE H 6 10.51 33.75 24.11
C ILE H 6 10.68 32.60 23.11
N LEU H 7 10.58 31.38 23.61
CA LEU H 7 10.50 30.20 22.75
C LEU H 7 9.02 29.86 22.43
N LEU H 8 8.67 30.00 21.15
CA LEU H 8 7.29 29.79 20.71
C LEU H 8 7.22 28.54 19.84
N ILE H 9 6.55 27.51 20.35
CA ILE H 9 6.49 26.21 19.68
C ILE H 9 5.17 26.08 18.94
N GLY H 10 5.23 25.80 17.65
CA GLY H 10 4.05 25.87 16.79
C GLY H 10 3.86 27.27 16.24
N ALA H 11 4.94 28.02 16.11
CA ALA H 11 4.87 29.40 15.63
C ALA H 11 4.23 29.53 14.21
N SER H 12 4.36 28.51 13.37
CA SER H 12 3.82 28.59 12.00
C SER H 12 2.31 28.27 11.86
N GLY H 13 1.66 27.78 12.92
CA GLY H 13 0.23 27.49 12.87
C GLY H 13 -0.65 28.74 12.90
N THR H 14 -1.96 28.57 12.84
CA THR H 14 -2.85 29.71 12.80
C THR H 14 -2.79 30.41 14.17
N LEU H 15 -2.97 29.66 15.24
CA LEU H 15 -2.86 30.24 16.55
C LEU H 15 -1.48 30.84 16.76
N GLY H 16 -0.44 30.04 16.50
CA GLY H 16 0.96 30.40 16.73
C GLY H 16 1.41 31.68 16.05
N SER H 17 0.99 31.89 14.79
CA SER H 17 1.43 33.12 14.07
C SER H 17 0.73 34.37 14.61
N ALA H 18 -0.48 34.20 15.11
CA ALA H 18 -1.20 35.30 15.74
C ALA H 18 -0.51 35.67 17.06
N VAL H 19 0.00 34.64 17.75
CA VAL H 19 0.73 34.83 18.99
C VAL H 19 2.08 35.51 18.73
N LYS H 20 2.83 35.01 17.75
CA LYS H 20 4.08 35.63 17.33
C LYS H 20 3.93 37.11 17.00
N GLU H 21 2.92 37.44 16.23
CA GLU H 21 2.62 38.82 15.82
C GLU H 21 2.52 39.77 17.01
N ARG H 22 1.93 39.32 18.09
CA ARG H 22 1.80 40.16 19.30
C ARG H 22 3.10 40.26 20.07
N LEU H 23 3.72 39.09 20.29
CA LEU H 23 4.86 38.98 21.18
C LEU H 23 6.12 39.64 20.61
N GLU H 24 6.29 39.55 19.29
CA GLU H 24 7.49 40.09 18.63
C GLU H 24 7.57 41.61 18.67
N LYS H 25 6.54 42.26 19.18
CA LYS H 25 6.53 43.72 19.29
C LYS H 25 7.23 44.20 20.55
N LYS H 26 7.50 43.24 21.44
CA LYS H 26 7.91 43.51 22.79
C LYS H 26 9.07 42.61 23.23
N ALA H 27 9.44 41.62 22.42
CA ALA H 27 10.41 40.61 22.85
C ALA H 27 11.05 39.87 21.67
N GLU H 28 12.14 39.15 21.94
CA GLU H 28 12.76 38.32 20.93
C GLU H 28 12.04 36.99 20.90
N VAL H 29 11.48 36.65 19.75
CA VAL H 29 10.80 35.36 19.61
C VAL H 29 11.66 34.38 18.84
N ILE H 30 11.97 33.26 19.49
CA ILE H 30 12.64 32.11 18.89
C ILE H 30 11.52 31.14 18.53
N THR H 31 11.44 30.75 17.26
CA THR H 31 10.34 29.87 16.83
C THR H 31 10.80 28.42 16.77
N ALA H 32 9.88 27.51 17.10
CA ALA H 32 10.14 26.08 17.01
C ALA H 32 8.93 25.45 16.38
N GLY H 33 9.13 24.38 15.65
CA GLY H 33 8.03 23.64 15.04
C GLY H 33 8.56 22.32 14.55
N ARG H 34 7.68 21.47 14.05
CA ARG H 34 8.08 20.17 13.54
C ARG H 34 9.06 20.22 12.36
N HIS H 35 8.76 21.04 11.35
CA HIS H 35 9.60 21.09 10.16
C HIS H 35 10.26 22.43 9.94
N SER H 36 9.67 23.48 10.47
CA SER H 36 10.21 24.81 10.24
C SER H 36 10.41 25.56 11.55
N GLY H 37 11.11 26.69 11.48
CA GLY H 37 11.34 27.53 12.64
C GLY H 37 12.82 27.60 12.89
N ASP H 38 13.20 28.38 13.90
CA ASP H 38 14.60 28.58 14.26
C ASP H 38 15.22 27.26 14.71
N VAL H 39 14.39 26.40 15.30
CA VAL H 39 14.80 25.08 15.72
C VAL H 39 13.61 24.11 15.52
N THR H 40 13.86 22.86 15.16
CA THR H 40 12.77 21.90 15.00
C THR H 40 12.67 20.93 16.19
N VAL H 41 11.48 20.42 16.43
CA VAL H 41 11.22 19.52 17.56
C VAL H 41 10.06 18.57 17.22
N ASP H 42 10.20 17.32 17.64
CA ASP H 42 9.13 16.33 17.64
C ASP H 42 8.65 16.17 19.07
N ILE H 43 7.55 16.85 19.45
CA ILE H 43 7.07 16.82 20.83
C ILE H 43 6.64 15.43 21.32
N THR H 44 6.49 14.48 20.40
CA THR H 44 6.10 13.12 20.82
C THR H 44 7.30 12.27 21.27
N ASN H 45 8.50 12.87 21.16
CA ASN H 45 9.79 12.22 21.35
C ASN H 45 10.62 13.04 22.33
N ILE H 46 10.77 12.51 23.53
CA ILE H 46 11.42 13.18 24.66
C ILE H 46 12.85 13.61 24.33
N ASP H 47 13.58 12.77 23.60
CA ASP H 47 14.97 13.11 23.24
C ASP H 47 15.10 14.27 22.24
N SER H 48 14.14 14.38 21.32
CA SER H 48 13.99 15.57 20.45
C SER H 48 13.75 16.84 21.26
N ILE H 49 12.88 16.73 22.27
CA ILE H 49 12.59 17.85 23.16
C ILE H 49 13.86 18.30 23.86
N LYS H 50 14.61 17.33 24.38
CA LYS H 50 15.89 17.57 25.07
C LYS H 50 16.94 18.24 24.17
N LYS H 51 17.12 17.72 22.95
CA LYS H 51 18.00 18.37 21.95
C LYS H 51 17.56 19.81 21.64
N MSE H 52 16.25 20.03 21.53
CA MSE H 52 15.72 21.37 21.22
C MSE H 52 16.11 22.35 22.32
O MSE H 52 16.65 23.41 22.05
CB MSE H 52 14.21 21.38 20.95
CG MSE H 52 13.62 22.82 20.80
SE MSE H 52 11.74 23.07 21.31
CE MSE H 52 11.92 22.67 23.21
N TYR H 53 15.86 21.97 23.58
CA TYR H 53 16.27 22.82 24.70
C TYR H 53 17.78 23.05 24.80
N GLU H 54 18.58 22.03 24.49
CA GLU H 54 20.06 22.15 24.52
C GLU H 54 20.54 23.23 23.54
N GLN H 55 19.93 23.26 22.35
CA GLN H 55 20.27 24.20 21.29
C GLN H 55 19.78 25.62 21.58
N VAL H 56 18.61 25.73 22.19
CA VAL H 56 18.02 27.04 22.46
C VAL H 56 18.81 27.74 23.58
N GLY H 57 19.19 27.00 24.60
CA GLY H 57 19.87 27.61 25.73
C GLY H 57 18.76 28.04 26.66
N LYS H 58 18.97 29.13 27.38
CA LYS H 58 17.96 29.61 28.32
C LYS H 58 17.10 30.79 27.76
N VAL H 59 15.83 30.79 28.15
CA VAL H 59 14.83 31.77 27.68
C VAL H 59 14.02 32.24 28.89
N ASP H 60 13.22 33.28 28.69
CA ASP H 60 12.40 33.85 29.74
C ASP H 60 10.97 33.31 29.74
N ALA H 61 10.53 32.78 28.58
CA ALA H 61 9.19 32.23 28.42
C ALA H 61 9.14 31.11 27.35
N ILE H 62 8.43 30.04 27.66
CA ILE H 62 8.19 28.95 26.71
C ILE H 62 6.70 28.94 26.45
N VAL H 63 6.34 29.07 25.18
CA VAL H 63 4.94 29.16 24.81
C VAL H 63 4.63 28.01 23.87
N SER H 64 3.68 27.16 24.27
CA SER H 64 3.26 26.04 23.45
C SER H 64 1.94 26.34 22.75
N ALA H 65 1.99 26.59 21.45
CA ALA H 65 0.78 26.68 20.60
C ALA H 65 0.76 25.47 19.64
N THR H 66 1.12 24.30 20.17
CA THR H 66 1.31 23.06 19.41
C THR H 66 0.50 21.89 20.08
N GLY H 67 0.44 20.74 19.41
CA GLY H 67 -0.19 19.55 19.97
C GLY H 67 -1.44 19.16 19.19
N SER H 68 -1.49 17.90 18.76
CA SER H 68 -2.61 17.36 17.97
C SER H 68 -3.42 16.36 18.76
N ALA H 69 -4.72 16.36 18.50
CA ALA H 69 -5.61 15.38 19.08
C ALA H 69 -6.35 14.62 17.97
N THR H 70 -6.49 13.31 18.15
CA THR H 70 -7.43 12.52 17.34
C THR H 70 -8.86 13.05 17.45
N PHE H 71 -9.51 13.31 16.32
CA PHE H 71 -10.96 13.53 16.27
C PHE H 71 -11.59 12.25 15.79
N SER H 72 -12.48 11.70 16.59
CA SER H 72 -13.09 10.42 16.22
C SER H 72 -14.40 10.23 16.97
N PRO H 73 -15.42 9.67 16.29
CA PRO H 73 -16.63 9.21 16.99
C PRO H 73 -16.22 8.34 18.18
N LEU H 74 -16.85 8.55 19.31
CA LEU H 74 -16.58 7.75 20.53
C LEU H 74 -16.48 6.26 20.27
N THR H 75 -17.47 5.71 19.57
CA THR H 75 -17.51 4.28 19.30
C THR H 75 -16.45 3.80 18.30
N GLU H 76 -15.71 4.73 17.69
CA GLU H 76 -14.55 4.36 16.89
C GLU H 76 -13.24 4.74 17.55
N LEU H 77 -13.30 5.32 18.74
CA LEU H 77 -12.09 5.80 19.40
C LEU H 77 -11.51 4.63 20.18
N THR H 78 -10.65 3.89 19.52
CA THR H 78 -9.93 2.78 20.12
C THR H 78 -8.82 3.29 21.07
N PRO H 79 -8.34 2.43 21.97
CA PRO H 79 -7.17 2.82 22.78
C PRO H 79 -5.97 3.22 21.92
N GLU H 80 -5.74 2.54 20.80
CA GLU H 80 -4.68 2.93 19.86
C GLU H 80 -4.85 4.38 19.37
N LYS H 81 -6.03 4.70 18.85
CA LYS H 81 -6.30 6.11 18.45
C LYS H 81 -6.15 7.13 19.57
N ASN H 82 -6.58 6.78 20.78
CA ASN H 82 -6.53 7.69 21.92
C ASN H 82 -5.07 7.96 22.37
N ALA H 83 -4.22 6.95 22.20
CA ALA H 83 -2.80 7.06 22.51
C ALA H 83 -2.04 8.10 21.65
N VAL H 84 -2.52 8.36 20.42
CA VAL H 84 -1.95 9.41 19.58
C VAL H 84 -2.10 10.77 20.27
N THR H 85 -3.29 11.04 20.78
CA THR H 85 -3.55 12.28 21.53
C THR H 85 -2.71 12.37 22.81
N ILE H 86 -2.70 11.27 23.57
CA ILE H 86 -1.88 11.15 24.78
C ILE H 86 -0.42 11.49 24.43
N SER H 87 0.07 11.00 23.30
CA SER H 87 1.44 11.27 22.86
C SER H 87 1.72 12.74 22.48
N SER H 88 0.71 13.46 22.01
CA SER H 88 0.92 14.77 21.38
C SER H 88 0.37 15.97 22.17
N LYS H 89 -0.93 16.26 22.04
CA LYS H 89 -1.52 17.44 22.70
C LYS H 89 -1.39 17.32 24.22
N LEU H 90 -1.47 16.09 24.73
CA LEU H 90 -1.45 15.86 26.17
C LEU H 90 -0.02 15.76 26.66
N GLY H 91 0.60 14.62 26.34
CA GLY H 91 1.93 14.26 26.79
C GLY H 91 3.00 15.14 26.21
N GLY H 92 2.84 15.56 24.95
CA GLY H 92 3.85 16.41 24.35
C GLY H 92 3.97 17.76 25.03
N GLN H 93 2.83 18.43 25.27
CA GLN H 93 2.86 19.71 25.94
C GLN H 93 3.35 19.59 27.35
N ILE H 94 2.92 18.55 28.05
CA ILE H 94 3.36 18.38 29.43
C ILE H 94 4.86 18.12 29.50
N ASN H 95 5.39 17.29 28.57
CA ASN H 95 6.83 17.02 28.58
C ASN H 95 7.66 18.26 28.24
N LEU H 96 7.10 19.19 27.49
CA LEU H 96 7.79 20.46 27.27
C LEU H 96 8.06 21.15 28.60
N VAL H 97 7.17 20.98 29.57
CA VAL H 97 7.36 21.58 30.91
C VAL H 97 8.30 20.75 31.78
N LEU H 98 8.08 19.43 31.82
CA LEU H 98 8.92 18.56 32.61
C LEU H 98 10.40 18.67 32.20
N LEU H 99 10.68 18.80 30.90
CA LEU H 99 12.06 18.88 30.41
C LEU H 99 12.60 20.32 30.22
N GLY H 100 11.77 21.32 30.50
CA GLY H 100 12.09 22.71 30.15
C GLY H 100 12.29 23.66 31.31
N ILE H 101 11.98 23.22 32.53
CA ILE H 101 12.14 24.09 33.72
C ILE H 101 13.58 24.62 33.84
N ASP H 102 14.56 23.74 33.65
CA ASP H 102 15.97 24.10 33.73
C ASP H 102 16.39 25.10 32.62
N SER H 103 15.59 25.19 31.56
CA SER H 103 15.83 26.18 30.49
C SER H 103 15.16 27.53 30.70
N LEU H 104 14.39 27.68 31.76
CA LEU H 104 13.77 28.97 32.02
C LEU H 104 14.62 29.79 32.97
N ASN H 105 14.83 31.06 32.63
CA ASN H 105 15.44 32.03 33.54
C ASN H 105 14.55 32.23 34.76
N ASP H 106 15.08 32.79 35.85
CA ASP H 106 14.29 33.06 37.05
C ASP H 106 13.12 33.94 36.70
N LYS H 107 11.97 33.72 37.36
CA LYS H 107 10.72 34.46 37.10
C LYS H 107 10.16 34.28 35.66
N GLY H 108 10.60 33.22 34.99
CA GLY H 108 10.13 32.85 33.66
C GLY H 108 8.71 32.31 33.70
N SER H 109 8.20 31.92 32.54
CA SER H 109 6.85 31.36 32.47
C SER H 109 6.72 30.27 31.43
N PHE H 110 5.74 29.39 31.66
CA PHE H 110 5.22 28.44 30.67
C PHE H 110 3.79 28.89 30.33
N THR H 111 3.38 28.72 29.07
CA THR H 111 1.99 28.94 28.67
C THR H 111 1.65 27.81 27.71
N LEU H 112 0.63 27.05 28.05
CA LEU H 112 0.22 25.94 27.19
C LEU H 112 -1.20 26.16 26.68
N THR H 113 -1.55 25.41 25.63
CA THR H 113 -2.82 25.56 24.94
C THR H 113 -3.74 24.38 25.30
N THR H 114 -4.99 24.72 25.63
CA THR H 114 -6.03 23.71 25.89
C THR H 114 -7.17 23.96 24.85
N GLY H 115 -8.39 24.31 25.29
CA GLY H 115 -9.49 24.50 24.36
C GLY H 115 -10.88 24.19 24.92
N ILE H 116 -11.86 24.86 24.31
CA ILE H 116 -13.24 24.87 24.80
C ILE H 116 -13.88 23.46 24.90
N MSE H 117 -13.41 22.50 24.11
CA MSE H 117 -14.01 21.14 24.08
C MSE H 117 -14.09 20.45 25.43
O MSE H 117 -14.94 19.59 25.63
CB MSE H 117 -13.29 20.24 23.06
CG MSE H 117 -13.71 20.53 21.60
SE MSE H 117 -12.69 19.53 20.27
CE MSE H 117 -11.36 20.80 19.86
N MSE H 118 -13.22 20.83 26.36
CA MSE H 118 -13.28 20.24 27.69
C MSE H 118 -14.51 20.67 28.49
O MSE H 118 -14.96 19.92 29.36
CB MSE H 118 -12.01 20.51 28.51
CG MSE H 118 -11.61 22.00 28.53
SE MSE H 118 -10.25 22.34 29.80
CE MSE H 118 -10.34 24.27 29.71
N GLU H 119 -15.06 21.84 28.14
CA GLU H 119 -16.16 22.48 28.85
C GLU H 119 -17.46 22.51 28.03
N ASP H 120 -17.33 22.51 26.70
CA ASP H 120 -18.45 22.66 25.79
C ASP H 120 -18.26 21.57 24.72
N PRO H 121 -18.61 20.30 25.06
CA PRO H 121 -18.24 19.17 24.18
C PRO H 121 -19.00 18.97 22.88
N ILE H 122 -18.32 18.35 21.93
CA ILE H 122 -18.85 18.07 20.63
C ILE H 122 -18.63 16.62 20.29
N VAL H 123 -19.45 16.13 19.39
CA VAL H 123 -19.27 14.83 18.77
C VAL H 123 -17.89 14.77 18.12
N GLN H 124 -17.21 13.65 18.37
CA GLN H 124 -15.84 13.36 17.93
C GLN H 124 -14.79 14.03 18.80
N GLY H 125 -15.22 14.78 19.81
CA GLY H 125 -14.30 15.58 20.58
C GLY H 125 -13.75 15.00 21.88
N ALA H 126 -14.05 13.73 22.19
CA ALA H 126 -13.69 13.21 23.54
C ALA H 126 -12.19 13.08 23.85
N SER H 127 -11.40 12.71 22.84
CA SER H 127 -9.94 12.62 23.00
C SER H 127 -9.33 14.01 23.19
N ALA H 128 -9.76 14.99 22.40
CA ALA H 128 -9.30 16.36 22.54
C ALA H 128 -9.71 16.94 23.91
N ALA H 129 -10.94 16.62 24.34
CA ALA H 129 -11.44 17.08 25.66
C ALA H 129 -10.56 16.56 26.79
N MSE H 130 -10.26 15.26 26.76
CA MSE H 130 -9.33 14.62 27.70
C MSE H 130 -7.97 15.35 27.75
O MSE H 130 -7.46 15.66 28.85
CB MSE H 130 -9.14 13.14 27.33
CG MSE H 130 -8.04 12.42 28.10
SE MSE H 130 -7.29 10.87 27.12
CE MSE H 130 -6.39 11.88 25.69
N ALA H 131 -7.37 15.63 26.57
CA ALA H 131 -6.07 16.33 26.53
C ALA H 131 -6.15 17.69 27.22
N ASN H 132 -7.20 18.44 26.91
CA ASN H 132 -7.39 19.79 27.42
C ASN H 132 -7.59 19.81 28.95
N GLY H 133 -8.41 18.89 29.46
CA GLY H 133 -8.61 18.73 30.90
C GLY H 133 -7.35 18.31 31.65
N ALA H 134 -6.59 17.40 31.07
CA ALA H 134 -5.30 16.97 31.63
C ALA H 134 -4.30 18.15 31.76
N VAL H 135 -4.16 18.90 30.68
CA VAL H 135 -3.19 19.96 30.59
C VAL H 135 -3.61 21.11 31.53
N THR H 136 -4.91 21.40 31.60
CA THR H 136 -5.43 22.44 32.51
C THR H 136 -5.14 22.10 33.98
N ALA H 137 -5.47 20.87 34.37
CA ALA H 137 -5.27 20.43 35.76
C ALA H 137 -3.79 20.31 36.13
N PHE H 138 -3.01 19.77 35.17
CA PHE H 138 -1.55 19.70 35.35
C PHE H 138 -0.96 21.06 35.71
N ALA H 139 -1.35 22.06 34.92
CA ALA H 139 -0.80 23.40 35.04
C ALA H 139 -1.23 24.07 36.34
N LYS H 140 -2.49 23.88 36.72
CA LYS H 140 -3.01 24.48 37.96
C LYS H 140 -2.27 23.93 39.19
N SER H 141 -1.99 22.63 39.18
CA SER H 141 -1.24 21.98 40.23
C SER H 141 0.26 22.33 40.19
N ALA H 142 0.89 22.20 39.01
CA ALA H 142 2.32 22.55 38.83
C ALA H 142 2.66 23.97 39.29
N ALA H 143 1.76 24.91 39.11
CA ALA H 143 1.98 26.31 39.51
C ALA H 143 2.46 26.49 40.95
N ILE H 144 1.99 25.64 41.88
CA ILE H 144 2.36 25.72 43.31
C ILE H 144 3.71 25.10 43.68
N GLU H 145 4.34 24.41 42.73
CA GLU H 145 5.64 23.82 42.96
C GLU H 145 6.75 24.34 42.04
N MSE H 146 6.49 25.39 41.27
CA MSE H 146 7.54 25.92 40.37
C MSE H 146 8.73 26.53 41.12
O MSE H 146 8.56 27.26 42.09
CB MSE H 146 6.99 26.91 39.36
CG MSE H 146 6.09 26.27 38.33
SE MSE H 146 7.24 25.34 37.02
CE MSE H 146 5.86 24.53 35.93
N PRO H 147 9.96 26.23 40.68
CA PRO H 147 11.09 26.88 41.33
C PRO H 147 11.39 28.30 40.81
N ARG H 148 12.11 29.07 41.63
CA ARG H 148 12.75 30.32 41.21
C ARG H 148 11.76 31.34 40.63
N GLY H 149 10.52 31.33 41.13
CA GLY H 149 9.52 32.33 40.76
C GLY H 149 8.89 32.11 39.40
N ILE H 150 9.08 30.92 38.82
CA ILE H 150 8.48 30.59 37.52
C ILE H 150 6.94 30.47 37.58
N ARG H 151 6.27 30.98 36.54
CA ARG H 151 4.82 30.91 36.39
C ARG H 151 4.41 29.92 35.29
N ILE H 152 3.17 29.44 35.36
CA ILE H 152 2.59 28.60 34.32
C ILE H 152 1.08 28.82 34.23
N ASN H 153 0.61 29.12 33.02
CA ASN H 153 -0.77 29.29 32.75
C ASN H 153 -1.15 28.52 31.50
N THR H 154 -2.45 28.35 31.29
CA THR H 154 -2.92 27.82 30.03
C THR H 154 -3.92 28.81 29.42
N VAL H 155 -4.08 28.69 28.11
CA VAL H 155 -5.04 29.47 27.34
C VAL H 155 -5.98 28.52 26.62
N SER H 156 -7.28 28.72 26.87
CA SER H 156 -8.33 27.85 26.31
C SER H 156 -9.14 28.58 25.23
N PRO H 157 -8.74 28.39 23.96
CA PRO H 157 -9.47 29.06 22.88
C PRO H 157 -10.74 28.36 22.43
N ASN H 158 -11.72 29.15 21.99
CA ASN H 158 -12.83 28.63 21.22
C ASN H 158 -12.30 28.26 19.84
N VAL H 159 -13.16 27.71 18.97
CA VAL H 159 -12.78 27.56 17.57
C VAL H 159 -12.44 28.97 17.03
N LEU H 160 -11.45 29.05 16.14
CA LEU H 160 -10.98 30.31 15.57
C LEU H 160 -11.75 30.66 14.31
N GLU H 161 -12.03 31.95 14.16
CA GLU H 161 -12.68 32.48 12.93
C GLU H 161 -11.85 32.07 11.71
N GLU H 162 -10.53 32.06 11.83
CA GLU H 162 -9.73 31.77 10.65
C GLU H 162 -9.60 30.26 10.38
N SER H 163 -10.19 29.45 11.24
CA SER H 163 -10.39 28.02 10.96
C SER H 163 -11.86 27.64 10.67
N TRP H 164 -12.77 28.62 10.77
CA TRP H 164 -14.22 28.38 10.70
C TRP H 164 -14.63 27.70 9.37
N ASP H 165 -13.96 28.11 8.29
CA ASP H 165 -14.14 27.58 6.95
C ASP H 165 -14.14 26.07 6.98
N LYS H 166 -13.16 25.50 7.70
CA LYS H 166 -12.97 24.07 7.73
C LYS H 166 -13.65 23.39 8.92
N LEU H 167 -13.81 24.10 10.02
CA LEU H 167 -14.22 23.45 11.25
C LEU H 167 -15.72 23.58 11.63
N GLU H 168 -16.44 24.46 10.97
CA GLU H 168 -17.86 24.65 11.28
C GLU H 168 -18.71 23.35 11.34
N PRO H 169 -18.44 22.36 10.45
CA PRO H 169 -19.21 21.13 10.58
C PRO H 169 -19.07 20.40 11.89
N PHE H 170 -17.98 20.60 12.62
CA PHE H 170 -17.75 19.97 13.91
C PHE H 170 -18.32 20.81 15.05
N PHE H 171 -18.60 22.08 14.75
CA PHE H 171 -18.94 23.09 15.73
C PHE H 171 -20.23 23.88 15.37
N GLU H 172 -21.26 23.20 14.87
CA GLU H 172 -22.49 23.90 14.46
C GLU H 172 -23.12 24.70 15.61
N GLY H 173 -23.32 25.98 15.36
CA GLY H 173 -23.86 26.91 16.33
C GLY H 173 -22.92 27.46 17.37
N PHE H 174 -21.63 27.14 17.27
CA PHE H 174 -20.63 27.81 18.09
C PHE H 174 -20.39 29.17 17.48
N LEU H 175 -19.91 30.10 18.29
CA LEU H 175 -19.45 31.39 17.79
C LEU H 175 -17.91 31.49 17.83
N PRO H 176 -17.27 31.46 16.65
CA PRO H 176 -15.81 31.47 16.62
C PRO H 176 -15.20 32.80 17.17
N VAL H 177 -13.95 32.72 17.63
CA VAL H 177 -13.21 33.89 18.13
C VAL H 177 -12.02 34.19 17.21
N PRO H 178 -11.72 35.49 16.98
CA PRO H 178 -10.53 35.79 16.17
C PRO H 178 -9.24 35.29 16.85
N ALA H 179 -8.32 34.70 16.08
CA ALA H 179 -7.01 34.33 16.61
C ALA H 179 -6.29 35.48 17.32
N ALA H 180 -6.43 36.71 16.83
CA ALA H 180 -5.81 37.86 17.50
C ALA H 180 -6.30 38.08 18.94
N LYS H 181 -7.56 37.75 19.18
CA LYS H 181 -8.17 37.84 20.50
C LYS H 181 -7.60 36.77 21.44
N VAL H 182 -7.40 35.57 20.90
CA VAL H 182 -6.71 34.51 21.65
C VAL H 182 -5.28 34.89 21.98
N ALA H 183 -4.60 35.52 21.01
CA ALA H 183 -3.19 35.92 21.17
C ALA H 183 -2.98 36.89 22.34
N ARG H 184 -3.95 37.78 22.60
CA ARG H 184 -3.88 38.66 23.79
C ARG H 184 -3.77 37.87 25.12
N ALA H 185 -4.48 36.75 25.23
CA ALA H 185 -4.37 35.89 26.42
C ALA H 185 -3.00 35.24 26.61
N PHE H 186 -2.35 34.86 25.51
CA PHE H 186 -0.94 34.49 25.55
C PHE H 186 0.00 35.62 26.04
N GLU H 187 -0.15 36.81 25.47
CA GLU H 187 0.54 37.99 25.98
C GLU H 187 0.26 38.23 27.48
N LYS H 188 -0.98 38.05 27.91
CA LYS H 188 -1.32 38.19 29.32
C LYS H 188 -0.52 37.23 30.20
N SER H 189 -0.37 36.00 29.73
CA SER H 189 0.37 35.00 30.46
C SER H 189 1.86 35.34 30.55
N VAL H 190 2.44 35.77 29.42
CA VAL H 190 3.86 36.06 29.31
C VAL H 190 4.23 37.34 30.06
N PHE H 191 3.46 38.41 29.85
CA PHE H 191 3.80 39.71 30.45
C PHE H 191 3.09 40.01 31.76
N GLY H 192 2.07 39.23 32.08
CA GLY H 192 1.37 39.40 33.35
C GLY H 192 2.13 38.73 34.48
N ALA H 193 1.54 38.63 35.66
CA ALA H 193 2.22 38.03 36.79
C ALA H 193 1.40 36.93 37.50
N GLN H 194 0.41 36.39 36.82
CA GLN H 194 -0.49 35.41 37.44
C GLN H 194 0.04 34.02 37.20
N THR H 195 -0.42 33.04 37.97
CA THR H 195 0.02 31.69 37.74
C THR H 195 -1.07 30.70 38.09
N GLY H 196 -1.03 29.53 37.48
CA GLY H 196 -2.05 28.54 37.72
C GLY H 196 -3.42 28.86 37.13
N GLU H 197 -3.46 29.75 36.13
CA GLU H 197 -4.74 30.19 35.56
C GLU H 197 -5.12 29.50 34.26
N SER H 198 -6.41 29.47 34.00
CA SER H 198 -6.91 28.98 32.73
C SER H 198 -7.56 30.19 32.08
N TYR H 199 -6.95 30.71 31.01
CA TYR H 199 -7.50 31.87 30.32
C TYR H 199 -8.43 31.43 29.20
N GLN H 200 -9.72 31.55 29.46
CA GLN H 200 -10.74 31.13 28.48
C GLN H 200 -10.96 32.26 27.49
N VAL H 201 -10.90 31.94 26.20
CA VAL H 201 -11.29 32.93 25.20
C VAL H 201 -12.41 32.32 24.39
N TYR H 202 -13.61 32.35 24.95
CA TYR H 202 -14.74 31.62 24.38
C TYR H 202 -15.67 32.58 23.66
N ALA I 3 -32.48 14.05 4.63
CA ALA I 3 -32.46 15.42 5.22
C ALA I 3 -33.16 15.48 6.60
N MSE I 4 -32.73 16.40 7.43
CA MSE I 4 -33.39 16.63 8.69
C MSE I 4 -34.68 17.42 8.54
O MSE I 4 -34.77 18.36 7.74
CB MSE I 4 -32.46 17.35 9.66
CG MSE I 4 -31.98 16.45 10.78
SE MSE I 4 -31.25 17.54 12.15
CE MSE I 4 -32.87 18.35 12.81
N LYS I 5 -35.70 17.02 9.32
CA LYS I 5 -36.97 17.74 9.35
C LYS I 5 -37.16 18.44 10.70
N ILE I 6 -37.42 19.74 10.65
CA ILE I 6 -37.55 20.53 11.88
C ILE I 6 -38.92 21.20 11.95
N LEU I 7 -39.60 21.02 13.08
CA LEU I 7 -40.84 21.73 13.37
C LEU I 7 -40.47 22.98 14.17
N LEU I 8 -40.75 24.14 13.58
CA LEU I 8 -40.44 25.44 14.20
C LEU I 8 -41.72 26.21 14.53
N ILE I 9 -42.09 26.16 15.82
CA ILE I 9 -43.23 26.90 16.32
C ILE I 9 -42.81 28.33 16.71
N GLY I 10 -43.51 29.32 16.16
CA GLY I 10 -43.20 30.75 16.36
C GLY I 10 -42.30 31.34 15.30
N ALA I 11 -42.21 30.66 14.15
CA ALA I 11 -41.38 31.08 13.00
C ALA I 11 -41.58 32.53 12.48
N SER I 12 -42.79 33.06 12.53
CA SER I 12 -43.01 34.41 12.02
C SER I 12 -42.63 35.52 13.02
N GLY I 13 -42.35 35.16 14.27
CA GLY I 13 -41.86 36.15 15.24
C GLY I 13 -40.46 36.67 14.91
N THR I 14 -40.02 37.69 15.64
CA THR I 14 -38.67 38.28 15.50
C THR I 14 -37.56 37.26 15.76
N LEU I 15 -37.58 36.66 16.95
CA LEU I 15 -36.73 35.54 17.27
C LEU I 15 -36.88 34.38 16.26
N GLY I 16 -38.12 33.92 16.08
CA GLY I 16 -38.40 32.75 15.24
C GLY I 16 -37.94 32.93 13.80
N SER I 17 -37.99 34.17 13.31
CA SER I 17 -37.54 34.52 11.95
C SER I 17 -36.06 34.29 11.71
N ALA I 18 -35.26 34.79 12.67
CA ALA I 18 -33.81 34.58 12.71
C ALA I 18 -33.44 33.09 12.82
N VAL I 19 -34.19 32.34 13.64
CA VAL I 19 -33.92 30.90 13.84
C VAL I 19 -34.13 30.19 12.50
N LYS I 20 -35.31 30.42 11.93
CA LYS I 20 -35.66 29.89 10.62
C LYS I 20 -34.56 30.14 9.58
N GLU I 21 -34.14 31.40 9.46
CA GLU I 21 -33.05 31.77 8.52
C GLU I 21 -31.80 30.89 8.63
N ARG I 22 -31.43 30.53 9.86
CA ARG I 22 -30.29 29.65 10.08
C ARG I 22 -30.60 28.18 9.78
N LEU I 23 -31.71 27.67 10.31
CA LEU I 23 -32.01 26.24 10.25
C LEU I 23 -32.36 25.76 8.84
N GLU I 24 -33.01 26.62 8.07
CA GLU I 24 -33.43 26.36 6.69
C GLU I 24 -32.28 26.00 5.77
N LYS I 25 -31.08 26.45 6.11
CA LYS I 25 -29.90 26.26 5.29
C LYS I 25 -29.36 24.84 5.39
N LYS I 26 -29.79 24.12 6.42
CA LYS I 26 -29.28 22.77 6.69
C LYS I 26 -30.40 21.77 6.92
N ALA I 27 -31.66 22.19 6.75
CA ALA I 27 -32.79 21.33 7.10
C ALA I 27 -34.09 21.73 6.38
N GLU I 28 -35.03 20.79 6.28
CA GLU I 28 -36.38 21.13 5.88
C GLU I 28 -37.11 21.68 7.11
N VAL I 29 -37.48 22.96 7.05
CA VAL I 29 -38.17 23.59 8.17
C VAL I 29 -39.68 23.63 7.90
N ILE I 30 -40.43 23.01 8.80
CA ILE I 30 -41.88 23.11 8.81
C ILE I 30 -42.23 24.23 9.80
N THR I 31 -42.90 25.26 9.32
CA THR I 31 -43.24 26.39 10.20
C THR I 31 -44.62 26.19 10.82
N ALA I 32 -44.81 26.75 12.01
CA ALA I 32 -46.06 26.65 12.74
C ALA I 32 -46.24 27.93 13.52
N GLY I 33 -47.48 28.29 13.83
CA GLY I 33 -47.80 29.58 14.46
C GLY I 33 -49.30 29.64 14.74
N ARG I 34 -49.73 30.66 15.50
CA ARG I 34 -51.14 30.82 15.76
C ARG I 34 -51.93 31.14 14.48
N HIS I 35 -51.42 32.09 13.71
CA HIS I 35 -52.19 32.62 12.57
C HIS I 35 -51.40 32.53 11.27
N SER I 36 -50.18 31.98 11.35
CA SER I 36 -49.40 31.70 10.13
C SER I 36 -48.63 30.38 10.25
N GLY I 37 -48.08 29.91 9.13
CA GLY I 37 -47.26 28.71 9.14
C GLY I 37 -47.75 27.63 8.21
N ASP I 38 -46.91 26.63 7.96
CA ASP I 38 -47.30 25.47 7.14
C ASP I 38 -48.47 24.76 7.81
N VAL I 39 -48.45 24.82 9.14
CA VAL I 39 -49.38 24.16 10.01
C VAL I 39 -49.65 25.21 11.06
N THR I 40 -50.87 25.25 11.63
CA THR I 40 -51.11 26.20 12.70
C THR I 40 -51.43 25.52 14.03
N VAL I 41 -51.28 26.27 15.12
CA VAL I 41 -51.53 25.74 16.46
C VAL I 41 -51.85 26.87 17.45
N ASP I 42 -52.80 26.61 18.33
CA ASP I 42 -53.00 27.42 19.53
C ASP I 42 -52.43 26.65 20.74
N ILE I 43 -51.21 27.00 21.14
CA ILE I 43 -50.53 26.30 22.24
C ILE I 43 -51.25 26.31 23.59
N THR I 44 -52.30 27.13 23.74
CA THR I 44 -53.08 27.21 25.01
C THR I 44 -54.22 26.18 25.01
N ASN I 45 -54.34 25.46 23.90
CA ASN I 45 -55.38 24.48 23.69
C ASN I 45 -54.74 23.13 23.41
N ILE I 46 -54.96 22.17 24.32
CA ILE I 46 -54.40 20.80 24.20
C ILE I 46 -54.76 20.10 22.89
N ASP I 47 -56.03 20.21 22.48
CA ASP I 47 -56.50 19.57 21.28
C ASP I 47 -55.87 20.14 20.01
N SER I 48 -55.56 21.44 20.05
CA SER I 48 -54.87 22.10 18.95
C SER I 48 -53.42 21.63 18.79
N ILE I 49 -52.72 21.42 19.90
CA ILE I 49 -51.37 20.86 19.87
C ILE I 49 -51.38 19.45 19.30
N LYS I 50 -52.31 18.62 19.79
CA LYS I 50 -52.39 17.23 19.36
C LYS I 50 -52.66 17.19 17.85
N LYS I 51 -53.55 18.07 17.38
CA LYS I 51 -53.93 18.15 15.96
C LYS I 51 -52.73 18.53 15.07
N MSE I 52 -51.95 19.52 15.52
CA MSE I 52 -50.72 19.92 14.83
C MSE I 52 -49.76 18.74 14.70
O MSE I 52 -49.27 18.45 13.61
CB MSE I 52 -50.06 21.09 15.56
CG MSE I 52 -48.68 21.49 14.96
SE MSE I 52 -47.51 22.47 16.17
CE MSE I 52 -47.38 21.12 17.60
N TYR I 53 -49.50 18.03 15.79
CA TYR I 53 -48.66 16.85 15.71
C TYR I 53 -49.22 15.75 14.80
N GLU I 54 -50.54 15.61 14.81
CA GLU I 54 -51.21 14.71 13.86
C GLU I 54 -50.82 15.07 12.42
N GLN I 55 -50.94 16.36 12.09
CA GLN I 55 -50.68 16.86 10.74
C GLN I 55 -49.25 16.72 10.32
N VAL I 56 -48.34 16.96 11.25
CA VAL I 56 -46.95 17.06 10.94
C VAL I 56 -46.29 15.70 10.67
N GLY I 57 -46.70 14.68 11.43
CA GLY I 57 -46.01 13.38 11.39
C GLY I 57 -44.69 13.42 12.17
N LYS I 58 -43.75 12.54 11.85
CA LYS I 58 -42.51 12.50 12.61
C LYS I 58 -41.47 13.52 12.09
N VAL I 59 -40.80 14.19 13.03
CA VAL I 59 -39.77 15.14 12.68
C VAL I 59 -38.52 14.79 13.46
N ASP I 60 -37.40 15.42 13.11
CA ASP I 60 -36.17 15.27 13.86
C ASP I 60 -35.97 16.29 15.00
N ALA I 61 -36.56 17.47 14.89
CA ALA I 61 -36.45 18.49 15.94
C ALA I 61 -37.70 19.31 16.03
N ILE I 62 -38.04 19.67 17.26
CA ILE I 62 -39.19 20.48 17.53
C ILE I 62 -38.61 21.68 18.25
N VAL I 63 -38.81 22.85 17.67
CA VAL I 63 -38.26 24.06 18.20
C VAL I 63 -39.39 25.01 18.53
N SER I 64 -39.38 25.50 19.76
CA SER I 64 -40.36 26.49 20.21
C SER I 64 -39.69 27.84 20.43
N ALA I 65 -40.02 28.79 19.56
CA ALA I 65 -39.58 30.16 19.69
C ALA I 65 -40.84 30.96 19.93
N THR I 66 -41.67 30.46 20.85
CA THR I 66 -43.03 30.92 21.06
C THR I 66 -43.47 31.01 22.55
N GLY I 67 -44.62 31.63 22.77
CA GLY I 67 -45.25 31.69 24.11
C GLY I 67 -45.27 33.10 24.66
N SER I 68 -46.34 33.44 25.35
CA SER I 68 -46.52 34.81 25.88
C SER I 68 -46.52 34.81 27.39
N ALA I 69 -46.13 35.95 27.96
CA ALA I 69 -46.24 36.13 29.41
C ALA I 69 -46.78 37.52 29.69
N THR I 70 -47.68 37.61 30.66
CA THR I 70 -48.13 38.88 31.15
C THR I 70 -46.95 39.71 31.61
N PHE I 71 -46.90 40.95 31.14
CA PHE I 71 -45.85 41.90 31.49
C PHE I 71 -46.48 43.02 32.35
N SER I 72 -46.80 42.70 33.61
CA SER I 72 -47.53 43.60 34.48
C SER I 72 -46.73 44.03 35.72
N PRO I 73 -46.85 45.29 36.17
CA PRO I 73 -46.25 45.57 37.48
C PRO I 73 -46.75 44.58 38.54
N LEU I 74 -45.85 44.21 39.46
CA LEU I 74 -46.16 43.20 40.47
C LEU I 74 -47.44 43.45 41.24
N THR I 75 -47.65 44.68 41.69
CA THR I 75 -48.81 45.01 42.49
C THR I 75 -50.14 45.03 41.71
N GLU I 76 -50.09 44.94 40.38
CA GLU I 76 -51.31 44.68 39.60
C GLU I 76 -51.35 43.29 38.98
N LEU I 77 -50.36 42.46 39.30
CA LEU I 77 -50.35 41.09 38.83
C LEU I 77 -51.31 40.27 39.70
N THR I 78 -52.44 39.92 39.14
CA THR I 78 -53.46 39.11 39.82
C THR I 78 -53.32 37.66 39.34
N PRO I 79 -53.92 36.70 40.07
CA PRO I 79 -54.03 35.32 39.61
C PRO I 79 -54.59 35.19 38.18
N GLU I 80 -55.63 35.97 37.83
CA GLU I 80 -56.16 35.92 36.47
C GLU I 80 -55.11 36.28 35.40
N LYS I 81 -54.28 37.28 35.69
CA LYS I 81 -53.29 37.76 34.73
C LYS I 81 -52.14 36.80 34.62
N ASN I 82 -51.71 36.31 35.79
CA ASN I 82 -50.70 35.27 35.88
C ASN I 82 -51.08 33.97 35.14
N ALA I 83 -52.37 33.67 35.13
CA ALA I 83 -52.92 32.50 34.44
C ALA I 83 -52.74 32.56 32.93
N VAL I 84 -52.71 33.77 32.37
CA VAL I 84 -52.37 33.89 30.94
C VAL I 84 -50.97 33.34 30.65
N THR I 85 -49.99 33.74 31.46
CA THR I 85 -48.61 33.28 31.28
C THR I 85 -48.55 31.78 31.46
N ILE I 86 -49.23 31.31 32.50
CA ILE I 86 -49.23 29.89 32.82
C ILE I 86 -49.75 29.04 31.66
N SER I 87 -50.74 29.54 30.92
CA SER I 87 -51.29 28.77 29.80
C SER I 87 -50.43 28.87 28.53
N SER I 88 -49.54 29.86 28.46
CA SER I 88 -48.81 30.15 27.22
C SER I 88 -47.29 29.88 27.27
N LYS I 89 -46.51 30.88 27.71
CA LYS I 89 -45.04 30.73 27.81
C LYS I 89 -44.62 29.51 28.64
N LEU I 90 -45.33 29.29 29.75
CA LEU I 90 -45.03 28.17 30.63
C LEU I 90 -45.68 26.86 30.15
N GLY I 91 -47.00 26.78 30.28
CA GLY I 91 -47.73 25.53 30.03
C GLY I 91 -47.77 25.14 28.58
N GLY I 92 -47.87 26.14 27.70
CA GLY I 92 -47.93 25.93 26.26
C GLY I 92 -46.67 25.25 25.76
N GLN I 93 -45.54 25.86 26.05
CA GLN I 93 -44.22 25.28 25.74
C GLN I 93 -43.99 23.91 26.36
N ILE I 94 -44.37 23.74 27.63
CA ILE I 94 -44.21 22.42 28.24
C ILE I 94 -45.18 21.35 27.65
N ASN I 95 -46.41 21.75 27.30
CA ASN I 95 -47.30 20.78 26.68
C ASN I 95 -46.83 20.37 25.31
N LEU I 96 -46.18 21.26 24.58
CA LEU I 96 -45.52 20.87 23.32
C LEU I 96 -44.58 19.69 23.52
N VAL I 97 -43.95 19.61 24.69
CA VAL I 97 -43.03 18.51 24.98
C VAL I 97 -43.82 17.26 25.35
N LEU I 98 -44.67 17.37 26.37
CA LEU I 98 -45.48 16.25 26.87
C LEU I 98 -46.25 15.53 25.77
N LEU I 99 -46.80 16.32 24.84
CA LEU I 99 -47.57 15.80 23.69
C LEU I 99 -46.72 15.55 22.44
N GLY I 100 -45.42 15.86 22.50
CA GLY I 100 -44.55 15.87 21.32
C GLY I 100 -43.54 14.76 21.23
N ILE I 101 -43.33 14.04 22.32
CA ILE I 101 -42.26 13.02 22.35
C ILE I 101 -42.45 11.95 21.25
N ASP I 102 -43.70 11.56 21.02
CA ASP I 102 -43.98 10.50 20.05
C ASP I 102 -43.86 10.91 18.56
N SER I 103 -43.73 12.21 18.32
CA SER I 103 -43.50 12.77 17.00
C SER I 103 -42.01 12.97 16.72
N LEU I 104 -41.15 12.63 17.66
CA LEU I 104 -39.70 12.77 17.41
C LEU I 104 -39.10 11.45 16.97
N ASN I 105 -38.32 11.50 15.90
CA ASN I 105 -37.52 10.36 15.48
C ASN I 105 -36.49 10.11 16.56
N ASP I 106 -35.95 8.90 16.60
CA ASP I 106 -34.81 8.55 17.49
C ASP I 106 -33.68 9.58 17.42
N LYS I 107 -33.10 9.89 18.57
CA LYS I 107 -32.04 10.89 18.70
C LYS I 107 -32.51 12.30 18.29
N GLY I 108 -33.81 12.53 18.22
CA GLY I 108 -34.34 13.87 17.96
C GLY I 108 -34.10 14.82 19.12
N SER I 109 -34.67 16.03 19.03
CA SER I 109 -34.47 17.05 20.05
C SER I 109 -35.62 18.04 20.14
N PHE I 110 -35.81 18.52 21.38
CA PHE I 110 -36.61 19.68 21.73
C PHE I 110 -35.71 20.86 22.09
N THR I 111 -36.10 22.06 21.65
CA THR I 111 -35.45 23.29 22.06
C THR I 111 -36.52 24.29 22.46
N LEU I 112 -36.50 24.73 23.71
CA LEU I 112 -37.49 25.70 24.17
C LEU I 112 -36.85 27.03 24.45
N THR I 113 -37.68 28.08 24.51
CA THR I 113 -37.21 29.46 24.72
C THR I 113 -37.50 29.93 26.14
N THR I 114 -36.50 30.55 26.77
CA THR I 114 -36.72 31.08 28.10
C THR I 114 -36.47 32.58 28.05
N GLY I 115 -35.46 33.09 28.79
CA GLY I 115 -35.20 34.53 28.72
C GLY I 115 -34.57 35.09 29.97
N ILE I 116 -33.82 36.16 29.77
CA ILE I 116 -32.97 36.76 30.76
C ILE I 116 -33.73 37.23 32.00
N MSE I 117 -35.04 37.46 31.85
CA MSE I 117 -35.84 38.03 32.94
C MSE I 117 -35.83 37.19 34.22
O MSE I 117 -36.05 37.72 35.30
CB MSE I 117 -37.27 38.35 32.50
CG MSE I 117 -37.37 39.73 31.81
SE MSE I 117 -39.18 40.18 31.31
CE MSE I 117 -39.32 39.34 29.59
N MSE I 118 -35.57 35.89 34.09
CA MSE I 118 -35.46 34.99 35.26
C MSE I 118 -34.17 35.19 36.06
O MSE I 118 -34.05 34.75 37.20
CB MSE I 118 -35.56 33.52 34.80
CG MSE I 118 -34.35 33.07 33.97
SE MSE I 118 -34.40 31.17 33.48
CE MSE I 118 -33.20 31.32 31.96
N GLU I 119 -33.18 35.83 35.45
CA GLU I 119 -31.83 35.91 35.97
C GLU I 119 -31.39 37.35 36.21
N ASP I 120 -31.91 38.26 35.41
CA ASP I 120 -31.55 39.68 35.53
C ASP I 120 -32.87 40.38 35.57
N PRO I 121 -33.51 40.41 36.74
CA PRO I 121 -34.91 40.83 36.75
C PRO I 121 -35.19 42.33 36.54
N ILE I 122 -36.31 42.58 35.86
CA ILE I 122 -36.81 43.95 35.66
C ILE I 122 -38.22 44.14 36.18
N VAL I 123 -38.55 45.38 36.50
CA VAL I 123 -39.90 45.76 36.81
C VAL I 123 -40.87 45.34 35.67
N GLN I 124 -42.03 44.80 36.07
CA GLN I 124 -43.02 44.12 35.19
C GLN I 124 -42.67 42.69 34.75
N GLY I 125 -41.52 42.19 35.15
CA GLY I 125 -41.06 40.87 34.68
C GLY I 125 -41.30 39.63 35.53
N ALA I 126 -42.06 39.75 36.61
CA ALA I 126 -42.14 38.62 37.57
C ALA I 126 -42.83 37.37 37.01
N SER I 127 -43.88 37.59 36.21
CA SER I 127 -44.63 36.51 35.59
C SER I 127 -43.79 35.86 34.50
N ALA I 128 -43.14 36.65 33.66
CA ALA I 128 -42.17 36.10 32.66
C ALA I 128 -41.02 35.33 33.30
N ALA I 129 -40.45 35.90 34.37
CA ALA I 129 -39.39 35.25 35.17
C ALA I 129 -39.83 33.86 35.64
N MSE I 130 -41.05 33.81 36.22
CA MSE I 130 -41.71 32.55 36.60
C MSE I 130 -41.76 31.52 35.47
O MSE I 130 -41.39 30.38 35.68
CB MSE I 130 -43.14 32.81 37.10
CG MSE I 130 -43.94 31.52 37.40
SE MSE I 130 -45.87 31.81 37.56
CE MSE I 130 -46.24 32.39 35.69
N ALA I 131 -42.24 31.91 34.29
CA ALA I 131 -42.32 31.01 33.17
C ALA I 131 -40.93 30.54 32.73
N ASN I 132 -39.97 31.47 32.64
CA ASN I 132 -38.62 31.13 32.18
C ASN I 132 -37.92 30.16 33.15
N GLY I 133 -38.11 30.40 34.45
CA GLY I 133 -37.64 29.46 35.49
C GLY I 133 -38.30 28.08 35.40
N ALA I 134 -39.61 28.05 35.18
CA ALA I 134 -40.33 26.79 35.10
C ALA I 134 -39.78 25.96 33.96
N VAL I 135 -39.57 26.60 32.82
CA VAL I 135 -39.22 25.89 31.59
C VAL I 135 -37.77 25.42 31.64
N THR I 136 -36.88 26.28 32.16
CA THR I 136 -35.48 25.92 32.36
C THR I 136 -35.36 24.64 33.19
N ALA I 137 -36.13 24.57 34.26
CA ALA I 137 -35.95 23.50 35.23
C ALA I 137 -36.64 22.22 34.74
N PHE I 138 -37.80 22.40 34.10
CA PHE I 138 -38.48 21.29 33.45
C PHE I 138 -37.55 20.60 32.45
N ALA I 139 -36.88 21.39 31.62
CA ALA I 139 -36.03 20.86 30.54
C ALA I 139 -34.85 20.12 31.13
N LYS I 140 -34.19 20.73 32.13
CA LYS I 140 -33.08 20.08 32.84
C LYS I 140 -33.47 18.73 33.47
N SER I 141 -34.65 18.66 34.07
CA SER I 141 -35.14 17.38 34.64
C SER I 141 -35.57 16.37 33.56
N ALA I 142 -36.37 16.84 32.61
CA ALA I 142 -36.88 15.98 31.56
C ALA I 142 -35.77 15.29 30.76
N ALA I 143 -34.64 15.98 30.61
CA ALA I 143 -33.47 15.46 29.86
C ALA I 143 -32.98 14.09 30.31
N ILE I 144 -33.04 13.80 31.61
CA ILE I 144 -32.57 12.50 32.09
C ILE I 144 -33.59 11.39 31.90
N GLU I 145 -34.80 11.73 31.44
CA GLU I 145 -35.84 10.72 31.18
C GLU I 145 -36.28 10.57 29.73
N MSE I 146 -35.67 11.33 28.81
CA MSE I 146 -36.08 11.23 27.42
C MSE I 146 -35.79 9.85 26.82
O MSE I 146 -34.71 9.30 27.02
CB MSE I 146 -35.39 12.31 26.59
CG MSE I 146 -35.97 13.69 26.86
SE MSE I 146 -37.76 13.85 26.09
CE MSE I 146 -38.30 15.51 26.98
N PRO I 147 -36.78 9.27 26.09
CA PRO I 147 -36.55 7.97 25.50
C PRO I 147 -35.83 8.10 24.15
N ARG I 148 -35.26 7.01 23.66
CA ARG I 148 -34.83 6.86 22.27
C ARG I 148 -33.74 7.87 21.86
N GLY I 149 -32.87 8.18 22.82
CA GLY I 149 -31.81 9.15 22.61
C GLY I 149 -32.22 10.60 22.38
N ILE I 150 -33.47 10.95 22.72
CA ILE I 150 -33.94 12.32 22.47
C ILE I 150 -33.29 13.30 23.44
N ARG I 151 -32.95 14.50 22.94
CA ARG I 151 -32.37 15.57 23.74
C ARG I 151 -33.34 16.75 23.90
N ILE I 152 -33.10 17.55 24.93
CA ILE I 152 -33.89 18.73 25.19
C ILE I 152 -33.03 19.80 25.86
N ASN I 153 -33.05 20.99 25.28
CA ASN I 153 -32.33 22.15 25.81
C ASN I 153 -33.23 23.38 25.78
N THR I 154 -32.81 24.42 26.50
CA THR I 154 -33.44 25.73 26.42
C THR I 154 -32.46 26.80 25.94
N VAL I 155 -32.98 27.82 25.28
CA VAL I 155 -32.19 28.99 24.88
C VAL I 155 -32.75 30.22 25.60
N SER I 156 -31.89 30.95 26.33
CA SER I 156 -32.30 32.13 27.14
C SER I 156 -31.74 33.41 26.52
N PRO I 157 -32.56 34.15 25.76
CA PRO I 157 -32.12 35.36 25.06
C PRO I 157 -32.14 36.58 25.97
N ASN I 158 -31.25 37.52 25.72
CA ASN I 158 -31.40 38.89 26.29
C ASN I 158 -32.40 39.57 25.37
N VAL I 159 -32.78 40.80 25.71
CA VAL I 159 -33.49 41.67 24.80
C VAL I 159 -32.75 41.74 23.46
N LEU I 160 -33.52 41.65 22.38
CA LEU I 160 -33.02 41.63 21.02
C LEU I 160 -32.85 43.04 20.50
N GLU I 161 -31.70 43.30 19.84
CA GLU I 161 -31.50 44.56 19.11
C GLU I 161 -32.67 44.93 18.19
N GLU I 162 -33.26 43.91 17.57
CA GLU I 162 -34.38 44.09 16.64
C GLU I 162 -35.66 44.61 17.34
N SER I 163 -35.76 44.42 18.66
CA SER I 163 -36.88 44.95 19.49
C SER I 163 -36.54 46.12 20.42
N TRP I 164 -35.30 46.60 20.37
CA TRP I 164 -34.75 47.60 21.31
C TRP I 164 -35.52 48.93 21.23
N ASP I 165 -35.83 49.35 20.00
CA ASP I 165 -36.59 50.57 19.77
C ASP I 165 -37.85 50.60 20.65
N LYS I 166 -38.53 49.48 20.78
CA LYS I 166 -39.71 49.47 21.64
C LYS I 166 -39.46 48.97 23.07
N LEU I 167 -38.41 48.18 23.29
CA LEU I 167 -38.18 47.60 24.62
C LEU I 167 -37.21 48.36 25.52
N GLU I 168 -36.43 49.25 24.95
CA GLU I 168 -35.45 50.00 25.74
C GLU I 168 -36.05 50.56 27.03
N PRO I 169 -37.25 51.20 26.98
CA PRO I 169 -37.80 51.75 28.24
C PRO I 169 -37.93 50.74 29.39
N PHE I 170 -37.99 49.44 29.08
CA PHE I 170 -38.20 48.41 30.11
C PHE I 170 -36.90 47.73 30.52
N PHE I 171 -35.84 48.01 29.77
CA PHE I 171 -34.53 47.38 29.98
C PHE I 171 -33.41 48.43 29.97
N GLU I 172 -33.59 49.50 30.74
CA GLU I 172 -32.64 50.57 30.72
C GLU I 172 -31.30 50.12 31.26
N GLY I 173 -30.25 50.46 30.50
CA GLY I 173 -28.87 50.01 30.74
C GLY I 173 -28.52 48.57 30.36
N PHE I 174 -29.45 47.81 29.77
CA PHE I 174 -29.11 46.48 29.26
C PHE I 174 -28.40 46.71 27.93
N LEU I 175 -27.69 45.70 27.46
CA LEU I 175 -27.06 45.71 26.16
C LEU I 175 -27.73 44.61 25.36
N PRO I 176 -28.55 44.98 24.37
CA PRO I 176 -29.30 43.93 23.71
C PRO I 176 -28.40 43.14 22.77
N VAL I 177 -28.86 41.95 22.38
CA VAL I 177 -28.09 41.05 21.51
C VAL I 177 -28.78 40.95 20.15
N PRO I 178 -28.02 40.72 19.06
CA PRO I 178 -28.66 40.51 17.76
C PRO I 178 -29.42 39.19 17.76
N ALA I 179 -30.63 39.21 17.20
CA ALA I 179 -31.43 37.99 17.01
C ALA I 179 -30.64 36.83 16.32
N ALA I 180 -29.79 37.18 15.36
CA ALA I 180 -28.99 36.18 14.63
C ALA I 180 -28.03 35.44 15.56
N LYS I 181 -27.55 36.12 16.61
CA LYS I 181 -26.62 35.53 17.56
C LYS I 181 -27.36 34.52 18.43
N VAL I 182 -28.54 34.91 18.90
CA VAL I 182 -29.42 33.97 19.57
C VAL I 182 -29.79 32.78 18.67
N ALA I 183 -30.02 33.04 17.38
CA ALA I 183 -30.40 31.94 16.46
C ALA I 183 -29.32 30.84 16.44
N ARG I 184 -28.07 31.24 16.64
CA ARG I 184 -26.94 30.30 16.69
C ARG I 184 -27.11 29.32 17.82
N ALA I 185 -27.57 29.78 18.98
CA ALA I 185 -27.78 28.84 20.08
C ALA I 185 -28.89 27.80 19.76
N PHE I 186 -29.89 28.22 18.97
CA PHE I 186 -30.91 27.28 18.48
C PHE I 186 -30.29 26.23 17.54
N GLU I 187 -29.42 26.68 16.66
CA GLU I 187 -28.66 25.76 15.81
C GLU I 187 -27.83 24.75 16.63
N LYS I 188 -27.14 25.28 17.64
CA LYS I 188 -26.36 24.49 18.57
C LYS I 188 -27.20 23.36 19.21
N SER I 189 -28.42 23.69 19.61
CA SER I 189 -29.27 22.70 20.26
C SER I 189 -29.68 21.60 19.26
N VAL I 190 -30.11 22.00 18.07
CA VAL I 190 -30.60 21.07 17.03
C VAL I 190 -29.49 20.18 16.50
N PHE I 191 -28.39 20.81 16.10
CA PHE I 191 -27.34 20.12 15.37
C PHE I 191 -26.21 19.60 16.30
N GLY I 192 -26.16 20.16 17.51
CA GLY I 192 -25.29 19.63 18.56
C GLY I 192 -25.78 18.30 19.14
N ALA I 193 -25.13 17.85 20.22
CA ALA I 193 -25.43 16.58 20.86
C ALA I 193 -25.59 16.75 22.37
N GLN I 194 -25.70 17.99 22.85
CA GLN I 194 -25.83 18.22 24.29
C GLN I 194 -27.29 18.17 24.73
N THR I 195 -27.50 17.94 26.02
CA THR I 195 -28.85 17.83 26.55
C THR I 195 -28.92 18.36 27.95
N GLY I 196 -30.07 18.91 28.32
CA GLY I 196 -30.29 19.46 29.65
C GLY I 196 -29.57 20.79 29.88
N GLU I 197 -29.24 21.49 28.81
CA GLU I 197 -28.54 22.75 28.90
C GLU I 197 -29.50 23.91 28.82
N SER I 198 -29.08 25.01 29.43
CA SER I 198 -29.68 26.32 29.26
C SER I 198 -28.62 27.20 28.54
N TYR I 199 -28.84 27.47 27.26
CA TYR I 199 -27.93 28.29 26.47
C TYR I 199 -28.26 29.77 26.64
N GLN I 200 -27.46 30.48 27.45
CA GLN I 200 -27.68 31.91 27.72
C GLN I 200 -27.05 32.68 26.59
N VAL I 201 -27.80 33.60 25.99
CA VAL I 201 -27.25 34.53 25.03
C VAL I 201 -27.57 35.93 25.57
N TYR I 202 -26.68 36.39 26.45
CA TYR I 202 -26.90 37.60 27.19
C TYR I 202 -25.92 38.69 26.71
#